data_2CHJ
#
_entry.id   2CHJ
#
_cell.length_a   1.000
_cell.length_b   1.000
_cell.length_c   1.000
_cell.angle_alpha   90.00
_cell.angle_beta   90.00
_cell.angle_gamma   90.00
#
_symmetry.space_group_name_H-M   'P 1'
#
_entity_poly.entity_id   1
_entity_poly.type   'polydeoxyribonucleotide'
_entity_poly.pdbx_seq_one_letter_code
;(DT)(DG)(LCG)(DG)(LCG)(DT)
;
_entity_poly.pdbx_strand_id   A,B,C,D
#
loop_
_chem_comp.id
_chem_comp.type
_chem_comp.name
_chem_comp.formula
DG DNA linking 2'-DEOXYGUANOSINE-5'-MONOPHOSPHATE 'C10 H14 N5 O7 P'
DT DNA linking THYMIDINE-5'-MONOPHOSPHATE 'C10 H15 N2 O8 P'
LCG RNA linking '[(1R,3R,4R,7S)-7-HYDROXY-3-(GUANIN-9-YL)-2,5-DIOXABICYCLO[2.2.1]HEPT-1-YL]METHYL DIHYDROGEN PHOSPHATE' 'C11 H14 N5 O8 P'
#
# COMPACT_ATOMS: atom_id res chain seq x y z
P LCG A 3 -11.48 -3.03 -7.00
OP1 LCG A 3 -12.86 -3.25 -6.51
O5' LCG A 3 -11.21 -1.45 -7.09
C5' LCG A 3 -9.90 -0.94 -7.23
C3' LCG A 3 -8.19 0.64 -6.19
C6' LCG A 3 -10.45 0.91 -5.48
N9 LCG A 3 -7.03 -0.62 -3.49
C8 LCG A 3 -6.30 -1.75 -3.80
C4 LCG A 3 -6.35 -0.04 -2.44
N7 LCG A 3 -5.31 -1.97 -2.99
C5 LCG A 3 -5.33 -0.91 -2.11
C6 LCG A 3 -4.48 -0.60 -1.00
C2' LCG A 3 -8.32 1.17 -4.77
O6 LCG A 3 -3.54 -1.26 -0.56
C4' LCG A 3 -9.45 -0.16 -5.98
C1' LCG A 3 -8.37 -0.14 -3.98
C2 LCG A 3 -5.83 1.42 -0.80
N1 LCG A 3 -4.82 0.60 -0.37
O4' LCG A 3 -9.04 -1.00 -4.89
OP2 LCG A 3 -11.04 -3.67 -8.25
N2 LCG A 3 -5.99 2.58 -0.16
N3 LCG A 3 -6.65 1.14 -1.82
O2' LCG A 3 -9.61 1.75 -4.70
O3' LCG A 3 -8.29 1.62 -7.22
H5' LCG A 3 -9.88 -0.27 -8.09
H5'' LCG A 3 -9.19 -1.76 -7.41
H3' LCG A 3 -7.34 -0.02 -6.31
H6'1 LCG A 3 -11.24 0.46 -4.88
H6'2 LCG A 3 -10.88 1.48 -6.31
H8 LCG A 3 -6.50 -2.45 -4.61
H2' LCG A 3 -7.52 1.86 -4.46
H1' LCG A 3 -9.00 0.01 -3.10
H1 LCG A 3 -4.33 0.85 0.48
H21 LCG A 3 -5.39 2.82 0.62
H22 LCG A 3 -6.71 3.21 -0.45
P LCG A 5 -5.56 8.45 -6.84
OP1 LCG A 5 -6.28 9.72 -7.07
O5' LCG A 5 -4.31 8.75 -5.86
C5' LCG A 5 -4.34 9.76 -4.86
C3' LCG A 5 -1.77 9.61 -4.75
C6' LCG A 5 -2.84 10.74 -2.94
N9 LCG A 5 -1.12 6.92 -3.07
C8 LCG A 5 -1.20 6.11 -4.19
C4 LCG A 5 -0.29 6.26 -2.21
N7 LCG A 5 -0.54 4.99 -4.07
C5 LCG A 5 0.05 5.07 -2.80
C6 LCG A 5 0.90 4.15 -2.11
C2' LCG A 5 -1.05 9.41 -3.43
O6 LCG A 5 1.28 3.04 -2.50
C4' LCG A 5 -3.09 9.63 -3.98
C1' LCG A 5 -1.75 8.23 -2.78
C2 LCG A 5 0.90 5.83 -0.34
N1 LCG A 5 1.30 4.62 -0.86
O4' LCG A 5 -3.07 8.37 -3.28
OP2 LCG A 5 -5.04 7.67 -7.99
N2 LCG A 5 1.37 6.15 0.87
N3 LCG A 5 0.11 6.69 -0.97
O2' LCG A 5 -1.45 10.55 -2.66
O3' LCG A 5 -1.37 10.81 -5.40
H5' LCG A 5 -5.23 9.67 -4.25
H5'' LCG A 5 -4.34 10.73 -5.35
H3' LCG A 5 -1.76 8.74 -5.42
H6'1 LCG A 5 -3.46 10.62 -2.04
H6'2 LCG A 5 -2.99 11.72 -3.40
H8 LCG A 5 -1.77 6.35 -5.07
H2' LCG A 5 0.01 9.27 -3.51
H1' LCG A 5 -1.72 8.39 -1.71
H1 LCG A 5 1.99 4.07 -0.36
H21 LCG A 5 1.98 5.52 1.36
H22 LCG A 5 1.10 7.04 1.28
P LCG B 3 -8.78 9.11 5.56
OP1 LCG B 3 -9.72 8.96 6.69
O5' LCG B 3 -7.31 9.36 6.14
C5' LCG B 3 -6.16 9.25 5.31
C3' LCG B 3 -3.92 8.06 5.08
C6' LCG B 3 -4.93 8.00 7.23
N9 LCG B 3 -4.37 5.00 4.29
C8 LCG B 3 -4.92 4.94 3.02
C4 LCG B 3 -3.52 3.92 4.35
N7 LCG B 3 -4.58 3.88 2.35
C5 LCG B 3 -3.68 3.21 3.18
C6 LCG B 3 -2.97 1.98 2.99
C2' LCG B 3 -3.56 6.82 5.87
O6 LCG B 3 -3.02 1.23 2.03
C4' LCG B 3 -5.29 8.05 5.73
C1' LCG B 3 -4.69 5.87 5.46
C2 LCG B 3 -1.99 2.47 5.18
N1 LCG B 3 -2.14 1.67 4.07
O4' LCG B 3 -5.77 6.79 5.28
OP2 LCG B 3 -9.06 10.11 4.50
N2 LCG B 3 -1.08 2.10 6.08
N3 LCG B 3 -2.69 3.60 5.39
O2' LCG B 3 -3.77 7.17 7.23
O3' LCG B 3 -3.15 9.23 5.37
H5' LCG B 3 -5.59 10.17 5.42
H5'' LCG B 3 -6.46 9.12 4.27
H3' LCG B 3 -4.01 7.88 4.02
H6'1 LCG B 3 -5.74 7.55 7.81
H6'2 LCG B 3 -4.68 8.98 7.62
H8 LCG B 3 -5.60 5.66 2.58
H2' LCG B 3 -2.55 6.43 5.68
H1' LCG B 3 -4.91 5.22 6.31
H1 LCG B 3 -1.67 0.77 4.06
H21 LCG B 3 -0.54 1.25 5.95
H22 LCG B 3 -0.94 2.67 6.89
P LCG B 5 4.08 9.27 6.73
OP1 LCG B 5 4.75 9.92 7.88
O5' LCG B 5 5.01 8.06 6.21
C5' LCG B 5 5.83 7.30 7.09
C3' LCG B 5 7.12 6.49 5.02
C6' LCG B 5 7.46 5.24 7.02
N9 LCG B 5 5.23 4.28 3.60
C8 LCG B 5 4.50 5.22 2.91
C4 LCG B 5 5.13 3.13 2.86
N7 LCG B 5 3.93 4.76 1.83
C5 LCG B 5 4.32 3.42 1.79
C6 LCG B 5 4.00 2.39 0.84
C2' LCG B 5 7.34 5.00 4.76
O6 LCG B 5 3.30 2.48 -0.15
C4' LCG B 5 6.40 6.10 6.31
C1' LCG B 5 5.96 4.38 4.89
C2 LCG B 5 5.42 0.97 2.25
N1 LCG B 5 4.62 1.18 1.14
O4' LCG B 5 5.36 5.23 5.85
OP2 LCG B 5 3.70 10.08 5.56
N2 LCG B 5 5.94 -0.24 2.41
N3 LCG B 5 5.71 1.93 3.14
O2' LCG B 5 8.06 4.55 5.92
O3' LCG B 5 8.35 7.19 5.13
H5' LCG B 5 5.26 6.94 7.94
H5'' LCG B 5 6.64 7.93 7.43
H3' LCG B 5 6.42 6.97 4.34
H6'1 LCG B 5 7.00 4.53 7.73
H6'2 LCG B 5 8.19 5.87 7.52
H8 LCG B 5 4.41 6.25 3.22
H2' LCG B 5 7.83 4.77 3.81
H1' LCG B 5 6.11 3.37 5.28
H1 LCG B 5 4.54 0.45 0.45
H21 LCG B 5 5.75 -0.97 1.74
H22 LCG B 5 6.53 -0.42 3.20
P LCG C 3 2.79 -1.63 13.40
OP1 LCG C 3 2.11 -2.47 14.41
O5' LCG C 3 3.78 -2.56 12.54
C5' LCG C 3 4.35 -2.09 11.32
C3' LCG C 3 4.60 -2.62 8.85
C6' LCG C 3 3.96 -4.43 10.25
N9 LCG C 3 1.80 -2.21 7.36
C8 LCG C 3 1.46 -0.87 7.40
C4 LCG C 3 1.36 -2.65 6.13
N7 LCG C 3 0.75 -0.48 6.37
C5 LCG C 3 0.68 -1.60 5.56
C6 LCG C 3 0.04 -1.78 4.29
C2' LCG C 3 3.75 -3.66 8.13
O6 LCG C 3 -0.63 -0.97 3.65
C4' LCG C 3 3.84 -2.90 10.12
C1' LCG C 3 2.34 -3.12 8.41
C2 LCG C 3 0.96 -4.05 4.40
N1 LCG C 3 0.21 -3.07 3.78
O4' LCG C 3 2.51 -2.54 9.70
OP2 LCG C 3 3.50 -0.41 13.81
N2 LCG C 3 1.15 -5.18 3.74
N3 LCG C 3 1.53 -3.89 5.61
O2' LCG C 3 3.90 -4.85 8.90
O3' LCG C 3 5.99 -2.92 8.94
H5' LCG C 3 5.43 -2.20 11.40
H5'' LCG C 3 4.10 -1.03 11.18
H3' LCG C 3 4.41 -1.62 8.51
H6'1 LCG C 3 3.13 -4.84 10.83
H6'2 LCG C 3 4.92 -4.72 10.69
H8 LCG C 3 1.69 -0.17 8.18
H2' LCG C 3 3.98 -3.78 7.07
H1' LCG C 3 1.66 -3.97 8.50
H1 LCG C 3 -0.28 -3.32 2.92
H21 LCG C 3 0.72 -5.32 2.83
H22 LCG C 3 1.70 -5.91 4.17
P LCG C 5 9.98 -5.99 3.57
OP1 LCG C 5 10.89 -7.15 3.72
O5' LCG C 5 9.48 -5.93 2.03
C5' LCG C 5 9.29 -7.09 1.25
C3' LCG C 5 9.33 -5.57 -0.83
C6' LCG C 5 8.47 -7.78 -1.15
N9 LCG C 5 6.47 -4.10 -0.89
C8 LCG C 5 6.86 -3.11 -0.03
C4 LCG C 5 5.45 -3.55 -1.63
N7 LCG C 5 6.17 -2.01 -0.13
C5 LCG C 5 5.25 -2.28 -1.15
C6 LCG C 5 4.22 -1.47 -1.71
C2' LCG C 5 8.22 -5.63 -1.86
O6 LCG C 5 3.90 -0.32 -1.39
C4' LCG C 5 8.61 -6.69 -0.07
C1' LCG C 5 6.94 -5.50 -1.04
C2 LCG C 5 3.80 -3.39 -3.17
N1 LCG C 5 3.53 -2.10 -2.75
O4' LCG C 5 7.32 -6.13 0.17
OP2 LCG C 5 10.46 -4.65 3.95
N2 LCG C 5 3.07 -3.86 -4.17
N3 LCG C 5 4.75 -4.16 -2.64
O2' LCG C 5 8.23 -6.98 -2.31
O3' LCG C 5 10.60 -5.88 -1.42
H5' LCG C 5 8.67 -7.82 1.77
H5'' LCG C 5 10.27 -7.53 1.04
H3' LCG C 5 9.36 -4.67 -0.21
H6'1 LCG C 5 7.61 -8.45 -0.95
H6'2 LCG C 5 9.39 -8.34 -1.26
H8 LCG C 5 7.68 -3.20 0.67
H2' LCG C 5 8.29 -4.88 -2.64
H1' LCG C 5 6.17 -6.07 -1.56
H1 LCG C 5 2.87 -1.54 -3.28
H21 LCG C 5 2.35 -3.29 -4.60
H22 LCG C 5 3.25 -4.81 -4.50
P LCG D 3 0.01 -13.75 0.97
OP1 LCG D 3 -1.09 -14.66 1.33
O5' LCG D 3 -0.16 -13.33 -0.58
C5' LCG D 3 0.56 -12.25 -1.14
C3' LCG D 3 0.28 -10.04 -2.38
C6' LCG D 3 -1.60 -11.49 -2.36
N9 LCG D 3 -0.89 -7.82 -0.38
C8 LCG D 3 0.05 -7.55 0.59
C4 LCG D 3 -1.50 -6.61 -0.63
N7 LCG D 3 0.02 -6.32 1.03
C5 LCG D 3 -0.97 -5.72 0.28
C6 LCG D 3 -1.47 -4.37 0.31
C2' LCG D 3 -1.05 -9.29 -2.44
O6 LCG D 3 -1.14 -3.45 1.06
C4' LCG D 3 -0.38 -11.10 -1.51
C1' LCG D 3 -1.37 -9.11 -0.95
C2 LCG D 3 -2.90 -5.09 -1.55
N1 LCG D 3 -2.47 -4.15 -0.64
O4' LCG D 3 -0.78 -10.29 -0.39
OP2 LCG D 3 1.42 -14.15 1.21
N2 LCG D 3 -3.77 -4.70 -2.47
N3 LCG D 3 -2.46 -6.36 -1.56
O2' LCG D 3 -1.98 -10.25 -2.95
O3' LCG D 3 0.77 -10.52 -3.61
H5' LCG D 3 1.07 -12.60 -2.03
H5'' LCG D 3 1.31 -11.89 -0.42
H3' LCG D 3 1.03 -9.50 -1.80
H6'1 LCG D 3 -2.40 -11.90 -1.74
H6'2 LCG D 3 -1.32 -12.21 -3.15
H8 LCG D 3 0.78 -8.24 1.00
H2' LCG D 3 -1.03 -8.36 -3.02
H1' LCG D 3 -2.45 -9.17 -0.82
H1 LCG D 3 -2.95 -3.25 -0.63
H21 LCG D 3 -4.11 -3.75 -2.48
H22 LCG D 3 -4.09 -5.36 -3.15
P LCG D 5 0.34 -6.95 -10.03
OP1 LCG D 5 -0.16 -7.50 -11.32
O5' LCG D 5 0.15 -5.34 -10.07
C5' LCG D 5 -0.92 -4.71 -10.75
C3' LCG D 5 0.40 -2.52 -10.64
C6' LCG D 5 -1.91 -2.32 -11.16
N9 LCG D 5 0.10 -1.48 -7.58
C8 LCG D 5 1.15 -2.24 -7.13
C4 LCG D 5 0.02 -0.43 -6.71
N7 LCG D 5 1.69 -1.80 -6.03
C5 LCG D 5 0.98 -0.64 -5.74
C6 LCG D 5 1.11 0.28 -4.66
C2' LCG D 5 -0.23 -1.25 -10.07
O6 LCG D 5 1.89 0.24 -3.72
C4' LCG D 5 -0.93 -3.23 -10.39
C1' LCG D 5 -0.81 -1.68 -8.73
C2 LCG D 5 -0.74 1.47 -5.75
N1 LCG D 5 0.20 1.35 -4.74
O4' LCG D 5 -1.16 -3.03 -8.99
OP2 LCG D 5 1.74 -7.23 -9.61
N2 LCG D 5 -1.53 2.54 -5.71
N3 LCG D 5 -0.86 0.61 -6.77
O2' LCG D 5 -1.35 -1.03 -10.92
O3' LCG D 5 0.82 -2.32 -11.99
H5' LCG D 5 -1.87 -5.16 -10.47
H5'' LCG D 5 -0.78 -4.84 -11.82
H3' LCG D 5 1.18 -2.97 -10.02
H6'1 LCG D 5 -2.94 -2.40 -10.77
H6'2 LCG D 5 -1.89 -2.55 -12.23
H8 LCG D 5 1.50 -3.14 -7.62
H2' LCG D 5 0.45 -0.40 -9.99
H1' LCG D 5 -1.70 -1.06 -8.57
H1 LCG D 5 0.31 2.10 -4.08
H21 LCG D 5 -1.44 3.21 -4.96
H22 LCG D 5 -2.22 2.66 -6.43
P LCG A 3 -11.42 -3.12 -6.98
OP1 LCG A 3 -12.78 -3.38 -6.48
O5' LCG A 3 -11.20 -1.53 -7.07
C5' LCG A 3 -9.90 -0.98 -7.25
C3' LCG A 3 -8.22 0.65 -6.22
C6' LCG A 3 -10.48 0.86 -5.50
N9 LCG A 3 -7.02 -0.60 -3.53
C8 LCG A 3 -6.27 -1.72 -3.85
C4 LCG A 3 -6.34 -0.02 -2.48
N7 LCG A 3 -5.27 -1.92 -3.05
C5 LCG A 3 -5.30 -0.86 -2.16
C6 LCG A 3 -4.46 -0.55 -1.04
C2' LCG A 3 -8.34 1.16 -4.79
O6 LCG A 3 -3.51 -1.20 -0.62
C4' LCG A 3 -9.46 -0.20 -6.01
C1' LCG A 3 -8.36 -0.15 -4.00
C2 LCG A 3 -5.85 1.45 -0.84
N1 LCG A 3 -4.81 0.64 -0.41
O4' LCG A 3 -9.03 -1.02 -4.92
OP2 LCG A 3 -10.96 -3.74 -8.25
N2 LCG A 3 -6.01 2.60 -0.19
N3 LCG A 3 -6.66 1.15 -1.86
O2' LCG A 3 -9.65 1.72 -4.71
O3' LCG A 3 -8.35 1.62 -7.25
H5' LCG A 3 -9.92 -0.31 -8.11
H5'' LCG A 3 -9.17 -1.78 -7.44
H3' LCG A 3 -7.35 0.01 -6.36
H6'1 LCG A 3 -11.25 0.40 -4.89
H6'2 LCG A 3 -10.92 1.42 -6.33
H8 LCG A 3 -6.47 -2.41 -4.66
H2' LCG A 3 -7.56 1.87 -4.49
H1' LCG A 3 -9.00 -0.01 -3.13
H1 LCG A 3 -4.33 0.88 0.44
H21 LCG A 3 -5.41 2.85 0.58
H22 LCG A 3 -6.75 3.23 -0.48
P LCG A 5 -5.58 8.46 -6.84
OP1 LCG A 5 -6.32 9.72 -7.09
O5' LCG A 5 -4.35 8.77 -5.86
C5' LCG A 5 -4.39 9.78 -4.86
C3' LCG A 5 -1.83 9.65 -4.73
C6' LCG A 5 -2.92 10.77 -2.93
N9 LCG A 5 -1.15 6.97 -3.08
C8 LCG A 5 -1.23 6.16 -4.19
C4 LCG A 5 -0.31 6.31 -2.21
N7 LCG A 5 -0.55 5.05 -4.08
C5 LCG A 5 0.04 5.12 -2.82
C6 LCG A 5 0.90 4.21 -2.13
C2' LCG A 5 -1.12 9.46 -3.40
O6 LCG A 5 1.29 3.12 -2.52
C4' LCG A 5 -3.15 9.65 -3.97
C1' LCG A 5 -1.80 8.27 -2.77
C2 LCG A 5 0.88 5.88 -0.34
N1 LCG A 5 1.30 4.67 -0.88
O4' LCG A 5 -3.13 8.40 -3.27
OP2 LCG A 5 -5.07 7.68 -7.99
N2 LCG A 5 1.35 6.19 0.86
N3 LCG A 5 0.08 6.74 -0.98
O2' LCG A 5 -1.54 10.59 -2.62
O3' LCG A 5 -1.44 10.87 -5.37
H5' LCG A 5 -5.30 9.68 -4.26
H5'' LCG A 5 -4.41 10.75 -5.35
H3' LCG A 5 -1.80 8.80 -5.42
H6'1 LCG A 5 -3.55 10.64 -2.04
H6'2 LCG A 5 -3.08 11.75 -3.38
H8 LCG A 5 -1.79 6.40 -5.08
H2' LCG A 5 -0.05 9.34 -3.49
H1' LCG A 5 -1.78 8.42 -1.70
H1 LCG A 5 1.99 4.12 -0.38
H21 LCG A 5 1.97 5.56 1.35
H22 LCG A 5 1.07 7.08 1.27
P LCG B 3 -8.79 9.09 5.58
OP1 LCG B 3 -9.74 8.92 6.71
O5' LCG B 3 -7.32 9.33 6.18
C5' LCG B 3 -6.17 9.23 5.34
C3' LCG B 3 -3.93 8.06 5.11
C6' LCG B 3 -4.93 7.97 7.25
N9 LCG B 3 -4.37 5.00 4.30
C8 LCG B 3 -4.93 4.95 3.04
C4 LCG B 3 -3.52 3.92 4.34
N7 LCG B 3 -4.58 3.90 2.34
C5 LCG B 3 -3.69 3.23 3.17
C6 LCG B 3 -2.97 2.00 2.97
C2' LCG B 3 -3.54 6.80 5.89
O6 LCG B 3 -3.02 1.25 1.99
C4' LCG B 3 -5.29 8.04 5.76
C1' LCG B 3 -4.69 5.86 5.47
C2 LCG B 3 -1.99 2.46 5.16
N1 LCG B 3 -2.14 1.68 4.04
O4' LCG B 3 -5.77 6.77 5.30
OP2 LCG B 3 -9.06 10.09 4.53
N2 LCG B 3 -1.08 2.09 6.05
N3 LCG B 3 -2.68 3.60 5.37
O2' LCG B 3 -3.77 7.14 7.25
O3' LCG B 3 -3.15 9.22 5.40
H5' LCG B 3 -5.60 10.15 5.45
H5'' LCG B 3 -6.47 9.11 4.31
H3' LCG B 3 -4.01 7.88 4.04
H6'1 LCG B 3 -5.74 7.52 7.83
H6'2 LCG B 3 -4.68 8.96 7.66
H8 LCG B 3 -5.62 5.66 2.60
H2' LCG B 3 -2.55 6.42 5.69
H1' LCG B 3 -4.91 5.20 6.31
H1 LCG B 3 -1.66 0.78 4.02
H21 LCG B 3 -0.54 1.24 5.91
H22 LCG B 3 -0.93 2.66 6.87
P LCG B 5 4.08 9.25 6.75
OP1 LCG B 5 4.75 9.89 7.90
O5' LCG B 5 5.02 8.05 6.21
C5' LCG B 5 5.85 7.29 7.08
C3' LCG B 5 7.14 6.48 5.00
C6' LCG B 5 7.47 5.23 7.00
N9 LCG B 5 5.24 4.29 3.58
C8 LCG B 5 4.52 5.23 2.88
C4 LCG B 5 5.14 3.15 2.82
N7 LCG B 5 3.95 4.78 1.80
C5 LCG B 5 4.34 3.44 1.75
C6 LCG B 5 4.03 2.41 0.80
C2' LCG B 5 7.36 5.01 4.74
O6 LCG B 5 3.32 2.50 -0.20
C4' LCG B 5 6.41 6.10 6.29
C1' LCG B 5 5.97 4.39 4.86
C2 LCG B 5 5.44 0.99 2.21
N1 LCG B 5 4.65 1.20 1.10
O4' LCG B 5 5.37 5.23 5.83
OP2 LCG B 5 3.70 10.08 5.58
N2 LCG B 5 5.95 -0.22 2.36
N3 LCG B 5 5.73 1.94 3.10
O2' LCG B 5 8.07 4.55 5.89
O3' LCG B 5 8.38 7.18 5.12
H5' LCG B 5 5.27 6.91 7.93
H5'' LCG B 5 6.65 7.91 7.44
H3' LCG B 5 6.44 6.99 4.32
H6'1 LCG B 5 7.03 4.52 7.71
H6'2 LCG B 5 8.22 5.86 7.49
H8 LCG B 5 4.42 6.27 3.19
H2' LCG B 5 7.83 4.79 3.78
H1' LCG B 5 6.12 3.38 5.25
H1 LCG B 5 4.56 0.45 0.41
H21 LCG B 5 5.77 -0.94 1.69
H22 LCG B 5 6.55 -0.40 3.16
P LCG C 3 2.82 -1.60 13.40
OP1 LCG C 3 2.15 -2.43 14.42
O5' LCG C 3 3.80 -2.52 12.52
C5' LCG C 3 4.35 -2.05 11.30
C3' LCG C 3 4.58 -2.61 8.83
C6' LCG C 3 3.92 -4.39 10.25
N9 LCG C 3 1.78 -2.18 7.34
C8 LCG C 3 1.44 -0.84 7.37
C4 LCG C 3 1.34 -2.62 6.12
N7 LCG C 3 0.76 -0.44 6.34
C5 LCG C 3 0.68 -1.57 5.53
C6 LCG C 3 0.04 -1.75 4.26
C2' LCG C 3 3.71 -3.65 8.12
O6 LCG C 3 -0.61 -0.93 3.61
C4' LCG C 3 3.81 -2.86 10.11
C1' LCG C 3 2.31 -3.08 8.41
C2 LCG C 3 0.95 -4.02 4.39
N1 LCG C 3 0.21 -3.04 3.75
O4' LCG C 3 2.49 -2.49 9.69
OP2 LCG C 3 3.54 -0.37 13.80
N2 LCG C 3 1.13 -5.17 3.72
N3 LCG C 3 1.52 -3.86 5.59
O2' LCG C 3 3.85 -4.83 8.90
O3' LCG C 3 5.96 -2.91 8.91
H5' LCG C 3 5.43 -2.16 11.36
H5'' LCG C 3 4.10 -0.99 11.15
H3' LCG C 3 4.40 -1.60 8.48
H6'1 LCG C 3 3.09 -4.79 10.84
H6'2 LCG C 3 4.88 -4.69 10.68
H8 LCG C 3 1.68 -0.13 8.16
H2' LCG C 3 3.94 -3.78 7.07
H1' LCG C 3 1.62 -3.92 8.50
H1 LCG C 3 -0.28 -3.28 2.90
H21 LCG C 3 0.71 -5.31 2.82
H22 LCG C 3 1.67 -5.89 4.16
P LCG C 5 9.85 -6.21 3.59
OP1 LCG C 5 10.71 -7.42 3.72
O5' LCG C 5 9.36 -6.12 2.05
C5' LCG C 5 9.13 -7.25 1.25
C3' LCG C 5 9.22 -5.71 -0.80
C6' LCG C 5 8.30 -7.88 -1.15
N9 LCG C 5 6.38 -4.16 -0.88
C8 LCG C 5 6.79 -3.18 -0.01
C4 LCG C 5 5.39 -3.57 -1.63
N7 LCG C 5 6.13 -2.07 -0.12
C5 LCG C 5 5.22 -2.30 -1.14
C6 LCG C 5 4.22 -1.46 -1.72
C2' LCG C 5 8.10 -5.72 -1.84
O6 LCG C 5 3.93 -0.31 -1.40
C4' LCG C 5 8.47 -6.81 -0.06
C1' LCG C 5 6.83 -5.56 -1.04
C2 LCG C 5 3.76 -3.37 -3.18
N1 LCG C 5 3.53 -2.08 -2.76
O4' LCG C 5 7.18 -6.22 0.17
OP2 LCG C 5 10.39 -4.89 3.98
N2 LCG C 5 3.02 -3.83 -4.19
N3 LCG C 5 4.70 -4.16 -2.65
O2' LCG C 5 8.09 -7.07 -2.32
O3' LCG C 5 10.48 -6.05 -1.38
H5' LCG C 5 8.49 -7.97 1.77
H5'' LCG C 5 10.08 -7.73 1.03
H3' LCG C 5 9.28 -4.82 -0.18
H6'1 LCG C 5 7.44 -8.54 -0.97
H6'2 LCG C 5 9.22 -8.46 -1.26
H8 LCG C 5 7.59 -3.31 0.71
H2' LCG C 5 8.21 -4.97 -2.62
H1' LCG C 5 6.05 -6.11 -1.57
H1 LCG C 5 2.86 -1.50 -3.28
H21 LCG C 5 2.33 -3.24 -4.62
H22 LCG C 5 3.18 -4.77 -4.53
P LCG D 3 -0.12 -13.74 0.99
OP1 LCG D 3 -1.22 -14.63 1.41
O5' LCG D 3 -0.36 -13.30 -0.54
C5' LCG D 3 0.38 -12.25 -1.12
C3' LCG D 3 0.14 -10.03 -2.36
C6' LCG D 3 -1.76 -11.46 -2.38
N9 LCG D 3 -0.99 -7.80 -0.38
C8 LCG D 3 -0.07 -7.55 0.61
C4 LCG D 3 -1.57 -6.57 -0.64
N7 LCG D 3 -0.08 -6.32 1.05
C5 LCG D 3 -1.03 -5.69 0.28
C6 LCG D 3 -1.51 -4.33 0.30
C2' LCG D 3 -1.18 -9.27 -2.45
O6 LCG D 3 -1.17 -3.43 1.06
C4' LCG D 3 -0.54 -11.08 -1.50
C1' LCG D 3 -1.50 -9.09 -0.96
C2 LCG D 3 -2.89 -5.02 -1.60
N1 LCG D 3 -2.47 -4.08 -0.68
O4' LCG D 3 -0.95 -10.27 -0.39
OP2 LCG D 3 1.29 -14.15 1.17
N2 LCG D 3 -3.72 -4.59 -2.56
N3 LCG D 3 -2.49 -6.29 -1.60
O2' LCG D 3 -2.11 -10.21 -2.96
O3' LCG D 3 0.65 -10.52 -3.60
H5' LCG D 3 0.87 -12.63 -2.02
H5'' LCG D 3 1.14 -11.89 -0.42
H3' LCG D 3 0.89 -9.50 -1.78
H6'1 LCG D 3 -2.58 -11.85 -1.76
H6'2 LCG D 3 -1.50 -12.17 -3.15
H8 LCG D 3 0.63 -8.26 1.03
H2' LCG D 3 -1.13 -8.34 -3.02
H1' LCG D 3 -2.58 -9.10 -0.84
H1 LCG D 3 -2.94 -3.18 -0.66
H21 LCG D 3 -4.03 -3.64 -2.58
H22 LCG D 3 -4.03 -5.25 -3.26
P LCG D 5 0.42 -6.88 -10.01
OP1 LCG D 5 -0.04 -7.45 -11.29
O5' LCG D 5 0.22 -5.28 -10.05
C5' LCG D 5 -0.85 -4.67 -10.75
C3' LCG D 5 0.45 -2.45 -10.64
C6' LCG D 5 -1.87 -2.28 -11.19
N9 LCG D 5 0.12 -1.42 -7.60
C8 LCG D 5 1.17 -2.19 -7.15
C4 LCG D 5 0.05 -0.36 -6.72
N7 LCG D 5 1.72 -1.73 -6.05
C5 LCG D 5 1.00 -0.57 -5.76
C6 LCG D 5 1.13 0.35 -4.69
C2' LCG D 5 -0.20 -1.19 -10.08
O6 LCG D 5 1.91 0.32 -3.74
C4' LCG D 5 -0.88 -3.17 -10.41
C1' LCG D 5 -0.79 -1.62 -8.75
C2 LCG D 5 -0.71 1.55 -5.78
N1 LCG D 5 0.24 1.42 -4.77
O4' LCG D 5 -1.12 -2.97 -9.01
OP2 LCG D 5 1.80 -7.14 -9.54
N2 LCG D 5 -1.50 2.61 -5.74
N3 LCG D 5 -0.83 0.68 -6.79
O2' LCG D 5 -1.33 -0.98 -10.94
O3' LCG D 5 0.87 -2.25 -11.99
H5' LCG D 5 -1.80 -5.13 -10.49
H5'' LCG D 5 -0.68 -4.80 -11.82
H3' LCG D 5 1.22 -2.90 -10.01
H6'1 LCG D 5 -2.89 -2.37 -10.81
H6'2 LCG D 5 -1.83 -2.51 -12.26
H8 LCG D 5 1.52 -3.09 -7.63
H2' LCG D 5 0.47 -0.34 -9.99
H1' LCG D 5 -1.68 -1.02 -8.59
H1 LCG D 5 0.33 2.17 -4.10
H21 LCG D 5 -1.40 3.29 -5.00
H22 LCG D 5 -2.19 2.74 -6.48
P LCG A 3 -11.56 -3.06 -6.88
OP1 LCG A 3 -12.93 -3.29 -6.37
O5' LCG A 3 -11.30 -1.47 -6.98
C5' LCG A 3 -10.00 -0.95 -7.16
C3' LCG A 3 -8.29 0.65 -6.13
C6' LCG A 3 -10.54 0.87 -5.38
N9 LCG A 3 -7.09 -0.64 -3.45
C8 LCG A 3 -6.36 -1.76 -3.77
C4 LCG A 3 -6.39 -0.06 -2.42
N7 LCG A 3 -5.36 -1.99 -2.97
C5 LCG A 3 -5.36 -0.91 -2.09
C6 LCG A 3 -4.50 -0.61 -0.99
C2' LCG A 3 -8.39 1.16 -4.69
O6 LCG A 3 -3.55 -1.26 -0.56
C4' LCG A 3 -9.54 -0.19 -5.90
C1' LCG A 3 -8.43 -0.16 -3.91
C2 LCG A 3 -5.84 1.43 -0.80
N1 LCG A 3 -4.82 0.61 -0.37
O4' LCG A 3 -9.10 -1.02 -4.83
OP2 LCG A 3 -11.12 -3.70 -8.14
N2 LCG A 3 -5.95 2.61 -0.20
N3 LCG A 3 -6.68 1.13 -1.81
O2' LCG A 3 -9.70 1.72 -4.60
O3' LCG A 3 -8.41 1.63 -7.14
H5' LCG A 3 -10.01 -0.28 -8.00
H5'' LCG A 3 -9.29 -1.76 -7.35
H3' LCG A 3 -7.43 0.00 -6.27
H6'1 LCG A 3 -11.31 0.41 -4.77
H6'2 LCG A 3 -10.98 1.45 -6.20
H8 LCG A 3 -6.56 -2.45 -4.58
H2' LCG A 3 -7.60 1.84 -4.39
H1' LCG A 3 -9.05 -0.03 -3.03
H1 LCG A 3 -4.33 0.86 0.47
H21 LCG A 3 -5.34 2.86 0.57
H22 LCG A 3 -6.68 3.24 -0.49
P LCG A 5 -5.53 8.39 -6.83
OP1 LCG A 5 -6.25 9.66 -7.11
O5' LCG A 5 -4.29 8.72 -5.86
C5' LCG A 5 -4.33 9.74 -4.87
C3' LCG A 5 -1.76 9.61 -4.76
C6' LCG A 5 -2.84 10.76 -2.98
N9 LCG A 5 -1.10 6.95 -3.06
C8 LCG A 5 -1.19 6.13 -4.15
C4 LCG A 5 -0.26 6.30 -2.18
N7 LCG A 5 -0.52 5.01 -4.03
C5 LCG A 5 0.07 5.10 -2.77
C6 LCG A 5 0.92 4.19 -2.08
C2' LCG A 5 -1.05 9.45 -3.42
O6 LCG A 5 1.30 3.09 -2.45
C4' LCG A 5 -3.08 9.63 -3.99
C1' LCG A 5 -1.75 8.26 -2.77
C2 LCG A 5 0.94 5.89 -0.32
N1 LCG A 5 1.34 4.67 -0.84
O4' LCG A 5 -3.07 8.40 -3.27
OP2 LCG A 5 -5.03 7.58 -7.95
N2 LCG A 5 1.42 6.22 0.88
N3 LCG A 5 0.15 6.76 -0.96
O2' LCG A 5 -1.46 10.58 -2.66
O3' LCG A 5 -1.35 10.82 -5.41
H5' LCG A 5 -5.23 9.66 -4.26
H5'' LCG A 5 -4.34 10.71 -5.39
H3' LCG A 5 -1.73 8.74 -5.42
H6'1 LCG A 5 -3.47 10.66 -2.08
H6'2 LCG A 5 -2.99 11.74 -3.44
H8 LCG A 5 -1.76 6.37 -5.04
H2' LCG A 5 0.03 9.31 -3.50
H1' LCG A 5 -1.71 8.43 -1.69
H1 LCG A 5 2.03 4.13 -0.33
H21 LCG A 5 2.03 5.59 1.38
H22 LCG A 5 1.15 7.11 1.28
P LCG B 3 -8.77 9.08 5.51
OP1 LCG B 3 -9.73 8.91 6.63
O5' LCG B 3 -7.30 9.32 6.13
C5' LCG B 3 -6.15 9.24 5.32
C3' LCG B 3 -3.89 8.06 5.11
C6' LCG B 3 -4.93 7.95 7.23
N9 LCG B 3 -4.33 5.01 4.25
C8 LCG B 3 -4.87 4.96 2.98
C4 LCG B 3 -3.47 3.94 4.30
N7 LCG B 3 -4.52 3.91 2.30
C5 LCG B 3 -3.63 3.23 3.14
C6 LCG B 3 -2.92 2.00 2.93
C2' LCG B 3 -3.53 6.80 5.87
O6 LCG B 3 -2.97 1.26 1.97
C4' LCG B 3 -5.27 8.04 5.73
C1' LCG B 3 -4.66 5.86 5.43
C2 LCG B 3 -1.94 2.49 5.12
N1 LCG B 3 -2.09 1.68 4.01
O4' LCG B 3 -5.74 6.77 5.26
OP2 LCG B 3 -9.01 10.09 4.46
N2 LCG B 3 -1.02 2.11 6.00
N3 LCG B 3 -2.63 3.61 5.34
O2' LCG B 3 -3.77 7.13 7.24
O3' LCG B 3 -3.13 9.22 5.42
H5' LCG B 3 -5.57 10.15 5.43
H5'' LCG B 3 -6.42 9.12 4.27
H3' LCG B 3 -3.96 7.90 4.04
H6'1 LCG B 3 -5.75 7.50 7.80
H6'2 LCG B 3 -4.69 8.94 7.65
H8 LCG B 3 -5.55 5.68 2.55
H2' LCG B 3 -2.52 6.42 5.69
H1' LCG B 3 -4.90 5.19 6.27
H1 LCG B 3 -1.63 0.79 4.00
H21 LCG B 3 -0.48 1.27 5.87
H22 LCG B 3 -0.87 2.69 6.83
P LCG B 5 4.11 9.26 6.82
OP1 LCG B 5 4.78 9.87 7.98
O5' LCG B 5 5.05 8.06 6.27
C5' LCG B 5 5.87 7.28 7.12
C3' LCG B 5 7.16 6.49 5.04
C6' LCG B 5 7.50 5.24 7.04
N9 LCG B 5 5.28 4.31 3.61
C8 LCG B 5 4.56 5.25 2.92
C4 LCG B 5 5.18 3.15 2.85
N7 LCG B 5 3.99 4.79 1.84
C5 LCG B 5 4.38 3.45 1.78
C6 LCG B 5 4.07 2.42 0.84
C2' LCG B 5 7.39 5.02 4.77
O6 LCG B 5 3.36 2.52 -0.16
C4' LCG B 5 6.44 6.10 6.33
C1' LCG B 5 6.01 4.39 4.89
C2 LCG B 5 5.47 1.01 2.25
N1 LCG B 5 4.68 1.21 1.13
O4' LCG B 5 5.41 5.22 5.87
OP2 LCG B 5 3.72 10.09 5.66
N2 LCG B 5 5.99 -0.21 2.40
N3 LCG B 5 5.77 1.96 3.14
O2' LCG B 5 8.11 4.56 5.92
O3' LCG B 5 8.40 7.20 5.16
H5' LCG B 5 5.30 6.91 7.98
H5'' LCG B 5 6.68 7.91 7.49
H3' LCG B 5 6.46 7.00 4.37
H6'1 LCG B 5 7.05 4.52 7.74
H6'2 LCG B 5 8.24 5.86 7.54
H8 LCG B 5 4.46 6.28 3.22
H2' LCG B 5 7.87 4.80 3.83
H1' LCG B 5 6.15 3.38 5.28
H1 LCG B 5 4.59 0.47 0.45
H21 LCG B 5 5.79 -0.94 1.73
H22 LCG B 5 6.58 -0.39 3.19
P LCG C 3 2.71 -1.56 13.41
OP1 LCG C 3 2.03 -2.40 14.43
O5' LCG C 3 3.70 -2.49 12.55
C5' LCG C 3 4.29 -2.04 11.34
C3' LCG C 3 4.56 -2.60 8.87
C6' LCG C 3 3.89 -4.38 10.28
N9 LCG C 3 1.78 -2.17 7.35
C8 LCG C 3 1.46 -0.83 7.37
C4 LCG C 3 1.35 -2.62 6.12
N7 LCG C 3 0.79 -0.44 6.32
C5 LCG C 3 0.70 -1.57 5.52
C6 LCG C 3 0.07 -1.76 4.24
C2' LCG C 3 3.70 -3.63 8.16
O6 LCG C 3 -0.56 -0.94 3.58
C4' LCG C 3 3.77 -2.84 10.14
C1' LCG C 3 2.29 -3.08 8.42
C2 LCG C 3 0.97 -4.03 4.39
N1 LCG C 3 0.24 -3.05 3.74
O4' LCG C 3 2.47 -2.47 9.71
OP2 LCG C 3 3.44 -0.34 13.82
N2 LCG C 3 1.14 -5.18 3.74
N3 LCG C 3 1.53 -3.87 5.60
O2' LCG C 3 3.83 -4.82 8.93
O3' LCG C 3 5.94 -2.91 8.97
H5' LCG C 3 5.36 -2.15 11.42
H5'' LCG C 3 4.05 -0.98 11.18
H3' LCG C 3 4.38 -1.59 8.51
H6'1 LCG C 3 3.05 -4.78 10.86
H6'2 LCG C 3 4.83 -4.68 10.74
H8 LCG C 3 1.69 -0.12 8.16
H2' LCG C 3 3.94 -3.77 7.10
H1' LCG C 3 1.60 -3.91 8.51
H1 LCG C 3 -0.25 -3.30 2.90
H21 LCG C 3 0.73 -5.32 2.83
H22 LCG C 3 1.68 -5.90 4.18
P LCG C 5 9.92 -6.08 3.64
OP1 LCG C 5 10.80 -7.26 3.79
O5' LCG C 5 9.44 -6.01 2.10
C5' LCG C 5 9.23 -7.16 1.30
C3' LCG C 5 9.30 -5.65 -0.78
C6' LCG C 5 8.40 -7.83 -1.10
N9 LCG C 5 6.44 -4.13 -0.85
C8 LCG C 5 6.86 -3.13 0.01
C4 LCG C 5 5.45 -3.56 -1.60
N7 LCG C 5 6.18 -2.02 -0.11
C5 LCG C 5 5.27 -2.28 -1.13
C6 LCG C 5 4.25 -1.46 -1.70
C2' LCG C 5 8.17 -5.68 -1.81
O6 LCG C 5 3.96 -0.31 -1.38
C4' LCG C 5 8.56 -6.75 -0.01
C1' LCG C 5 6.91 -5.53 -1.00
C2 LCG C 5 3.80 -3.38 -3.14
N1 LCG C 5 3.56 -2.09 -2.73
O4' LCG C 5 7.26 -6.18 0.21
OP2 LCG C 5 10.41 -4.74 4.02
N2 LCG C 5 3.06 -3.85 -4.14
N3 LCG C 5 4.75 -4.17 -2.61
O2' LCG C 5 8.18 -7.04 -2.27
O3' LCG C 5 10.56 -5.98 -1.36
H5' LCG C 5 8.60 -7.88 1.83
H5'' LCG C 5 10.20 -7.61 1.10
H3' LCG C 5 9.35 -4.74 -0.16
H6'1 LCG C 5 7.56 -8.50 -0.89
H6'2 LCG C 5 9.33 -8.40 -1.21
H8 LCG C 5 7.66 -3.25 0.72
H2' LCG C 5 8.27 -4.93 -2.60
H1' LCG C 5 6.13 -6.09 -1.52
H1 LCG C 5 2.88 -1.53 -3.25
H21 LCG C 5 2.35 -3.27 -4.57
H22 LCG C 5 3.22 -4.79 -4.46
P LCG D 3 0.01 -13.75 0.92
OP1 LCG D 3 -1.07 -14.66 1.32
O5' LCG D 3 -0.22 -13.32 -0.61
C5' LCG D 3 0.51 -12.24 -1.19
C3' LCG D 3 0.23 -10.03 -2.42
C6' LCG D 3 -1.65 -11.47 -2.42
N9 LCG D 3 -0.93 -7.81 -0.41
C8 LCG D 3 0.00 -7.55 0.57
C4 LCG D 3 -1.53 -6.59 -0.66
N7 LCG D 3 -0.03 -6.33 1.02
C5 LCG D 3 -1.00 -5.70 0.25
C6 LCG D 3 -1.49 -4.36 0.29
C2' LCG D 3 -1.10 -9.28 -2.49
O6 LCG D 3 -1.15 -3.46 1.05
C4' LCG D 3 -0.43 -11.09 -1.56
C1' LCG D 3 -1.41 -9.10 -1.00
C2 LCG D 3 -2.91 -5.06 -1.58
N1 LCG D 3 -2.48 -4.12 -0.67
O4' LCG D 3 -0.84 -10.29 -0.44
OP2 LCG D 3 1.42 -14.16 1.10
N2 LCG D 3 -3.77 -4.66 -2.50
N3 LCG D 3 -2.48 -6.33 -1.60
O2' LCG D 3 -2.02 -10.23 -3.00
O3' LCG D 3 0.74 -10.50 -3.65
H5' LCG D 3 1.01 -12.60 -2.09
H5'' LCG D 3 1.26 -11.87 -0.49
H3' LCG D 3 0.98 -9.49 -1.84
H6'1 LCG D 3 -2.45 -11.87 -1.80
H6'2 LCG D 3 -1.38 -12.18 -3.20
H8 LCG D 3 0.71 -8.26 0.99
H2' LCG D 3 -1.06 -8.35 -3.06
H1' LCG D 3 -2.50 -9.14 -0.87
H1 LCG D 3 -2.95 -3.22 -0.65
H21 LCG D 3 -4.12 -3.71 -2.50
H22 LCG D 3 -4.10 -5.32 -3.19
P LCG D 5 0.27 -6.89 -10.07
OP1 LCG D 5 -0.24 -7.43 -11.35
O5' LCG D 5 0.09 -5.29 -10.07
C5' LCG D 5 -0.97 -4.64 -10.74
C3' LCG D 5 0.36 -2.45 -10.58
C6' LCG D 5 -1.95 -2.24 -11.11
N9 LCG D 5 0.06 -1.45 -7.52
C8 LCG D 5 1.11 -2.23 -7.08
C4 LCG D 5 0.00 -0.40 -6.64
N7 LCG D 5 1.68 -1.78 -6.00
C5 LCG D 5 0.96 -0.62 -5.69
C6 LCG D 5 1.11 0.31 -4.62
C2' LCG D 5 -0.27 -1.19 -10.00
O6 LCG D 5 1.92 0.26 -3.68
C4' LCG D 5 -0.98 -3.16 -10.35
C1' LCG D 5 -0.85 -1.63 -8.68
C2 LCG D 5 -0.74 1.51 -5.68
N1 LCG D 5 0.21 1.38 -4.69
O4' LCG D 5 -1.21 -2.98 -8.96
OP2 LCG D 5 1.67 -7.19 -9.66
N2 LCG D 5 -1.53 2.57 -5.63
N3 LCG D 5 -0.88 0.65 -6.70
O2' LCG D 5 -1.39 -0.94 -10.86
O3' LCG D 5 0.79 -2.26 -11.92
H5' LCG D 5 -1.93 -5.09 -10.47
H5'' LCG D 5 -0.83 -4.75 -11.81
H3' LCG D 5 1.12 -2.93 -9.96
H6'1 LCG D 5 -2.98 -2.31 -10.72
H6'2 LCG D 5 -1.92 -2.44 -12.19
H8 LCG D 5 1.45 -3.12 -7.58
H2' LCG D 5 0.41 -0.35 -9.91
H1' LCG D 5 -1.74 -1.01 -8.51
H1 LCG D 5 0.33 2.13 -4.03
H21 LCG D 5 -1.42 3.26 -4.89
H22 LCG D 5 -2.23 2.71 -6.35
P LCG A 3 -11.52 -3.05 -6.86
OP1 LCG A 3 -12.89 -3.27 -6.33
O5' LCG A 3 -11.26 -1.45 -6.97
C5' LCG A 3 -9.96 -0.94 -7.18
C3' LCG A 3 -8.23 0.66 -6.19
C6' LCG A 3 -10.47 0.94 -5.45
N9 LCG A 3 -7.04 -0.58 -3.49
C8 LCG A 3 -6.31 -1.71 -3.82
C4 LCG A 3 -6.35 -0.01 -2.45
N7 LCG A 3 -5.30 -1.93 -3.03
C5 LCG A 3 -5.32 -0.86 -2.14
C6 LCG A 3 -4.46 -0.56 -1.02
C2' LCG A 3 -8.31 1.21 -4.77
O6 LCG A 3 -3.52 -1.23 -0.60
C4' LCG A 3 -9.49 -0.15 -5.95
C1' LCG A 3 -8.37 -0.11 -3.96
C2 LCG A 3 -5.84 1.44 -0.80
N1 LCG A 3 -4.81 0.62 -0.38
O4' LCG A 3 -9.06 -0.97 -4.86
OP2 LCG A 3 -11.11 -3.68 -8.14
N2 LCG A 3 -5.99 2.60 -0.15
N3 LCG A 3 -6.66 1.16 -1.81
O2' LCG A 3 -9.61 1.79 -4.69
O3' LCG A 3 -8.34 1.62 -7.23
H5' LCG A 3 -9.99 -0.28 -8.05
H5'' LCG A 3 -9.26 -1.75 -7.37
H3' LCG A 3 -7.38 0.00 -6.33
H6'1 LCG A 3 -11.25 0.51 -4.83
H6'2 LCG A 3 -10.90 1.50 -6.28
H8 LCG A 3 -6.50 -2.40 -4.63
H2' LCG A 3 -7.51 1.89 -4.49
H1' LCG A 3 -8.99 0.06 -3.08
H1 LCG A 3 -4.32 0.86 0.47
H21 LCG A 3 -5.38 2.84 0.62
H22 LCG A 3 -6.72 3.22 -0.43
P LCG A 5 -5.41 8.40 -6.96
OP1 LCG A 5 -6.13 9.67 -7.25
O5' LCG A 5 -4.19 8.73 -5.95
C5' LCG A 5 -4.26 9.76 -4.98
C3' LCG A 5 -1.70 9.63 -4.80
C6' LCG A 5 -2.83 10.75 -3.02
N9 LCG A 5 -1.06 6.96 -3.12
C8 LCG A 5 -1.12 6.15 -4.24
C4 LCG A 5 -0.24 6.29 -2.24
N7 LCG A 5 -0.46 5.03 -4.10
C5 LCG A 5 0.10 5.10 -2.84
C6 LCG A 5 0.94 4.17 -2.14
C2' LCG A 5 -1.01 9.44 -3.46
O6 LCG A 5 1.33 3.08 -2.51
C4' LCG A 5 -3.04 9.64 -4.06
C1' LCG A 5 -1.72 8.25 -2.83
C2 LCG A 5 0.91 5.85 -0.35
N1 LCG A 5 1.32 4.64 -0.87
O4' LCG A 5 -3.02 8.38 -3.35
OP2 LCG A 5 -4.88 7.59 -8.08
N2 LCG A 5 1.36 6.17 0.86
N3 LCG A 5 0.13 6.72 -1.00
O2' LCG A 5 -1.44 10.58 -2.69
O3' LCG A 5 -1.29 10.85 -5.43
H5' LCG A 5 -5.17 9.67 -4.39
H5'' LCG A 5 -4.26 10.71 -5.49
H3' LCG A 5 -1.65 8.78 -5.48
H6'1 LCG A 5 -3.47 10.62 -2.13
H6'2 LCG A 5 -2.97 11.74 -3.47
H8 LCG A 5 -1.66 6.39 -5.13
H2' LCG A 5 0.07 9.32 -3.52
H1' LCG A 5 -1.70 8.41 -1.75
H1 LCG A 5 2.00 4.09 -0.36
H21 LCG A 5 1.97 5.54 1.37
H22 LCG A 5 1.09 7.06 1.27
P LCG B 3 -8.83 9.13 5.47
OP1 LCG B 3 -9.75 9.00 6.63
O5' LCG B 3 -7.34 9.41 6.04
C5' LCG B 3 -6.21 9.29 5.20
C3' LCG B 3 -3.95 8.10 5.01
C6' LCG B 3 -4.98 8.06 7.15
N9 LCG B 3 -4.41 5.03 4.25
C8 LCG B 3 -4.93 4.97 2.97
C4 LCG B 3 -3.55 3.94 4.33
N7 LCG B 3 -4.57 3.91 2.31
C5 LCG B 3 -3.70 3.24 3.16
C6 LCG B 3 -2.98 2.01 2.98
C2' LCG B 3 -3.59 6.86 5.81
O6 LCG B 3 -3.01 1.25 2.02
C4' LCG B 3 -5.33 8.10 5.64
C1' LCG B 3 -4.73 5.91 5.41
C2 LCG B 3 -2.05 2.49 5.20
N1 LCG B 3 -2.17 1.69 4.08
O4' LCG B 3 -5.80 6.83 5.21
OP2 LCG B 3 -9.12 10.08 4.38
N2 LCG B 3 -1.16 2.11 6.12
N3 LCG B 3 -2.74 3.62 5.38
O2' LCG B 3 -3.82 7.23 7.17
O3' LCG B 3 -3.18 9.25 5.28
H5' LCG B 3 -5.62 10.21 5.28
H5'' LCG B 3 -6.50 9.14 4.17
H3' LCG B 3 -4.03 7.89 3.95
H6'1 LCG B 3 -5.79 7.63 7.73
H6'2 LCG B 3 -4.73 9.06 7.53
H8 LCG B 3 -5.60 5.68 2.52
H2' LCG B 3 -2.59 6.47 5.63
H1' LCG B 3 -4.96 5.27 6.26
H1 LCG B 3 -1.69 0.80 4.07
H21 LCG B 3 -0.64 1.26 5.99
H22 LCG B 3 -1.04 2.67 6.93
P LCG B 5 4.05 9.25 6.75
OP1 LCG B 5 4.71 9.88 7.91
O5' LCG B 5 4.97 8.02 6.25
C5' LCG B 5 5.77 7.25 7.13
C3' LCG B 5 7.09 6.43 5.07
C6' LCG B 5 7.40 5.19 7.09
N9 LCG B 5 5.19 4.25 3.65
C8 LCG B 5 4.47 5.19 2.96
C4 LCG B 5 5.10 3.11 2.89
N7 LCG B 5 3.91 4.74 1.87
C5 LCG B 5 4.30 3.40 1.82
C6 LCG B 5 3.99 2.39 0.86
C2' LCG B 5 7.30 4.95 4.83
O6 LCG B 5 3.29 2.47 -0.14
C4' LCG B 5 6.35 6.05 6.37
C1' LCG B 5 5.91 4.34 4.94
C2 LCG B 5 5.39 0.95 2.27
N1 LCG B 5 4.60 1.16 1.16
O4' LCG B 5 5.31 5.19 5.90
OP2 LCG B 5 3.69 10.05 5.57
N2 LCG B 5 5.89 -0.27 2.43
N3 LCG B 5 5.67 1.90 3.17
O2' LCG B 5 8.00 4.50 5.99
O3' LCG B 5 8.32 7.12 5.21
H5' LCG B 5 5.19 6.90 7.98
H5'' LCG B 5 6.58 7.89 7.49
H3' LCG B 5 6.39 6.93 4.40
H6'1 LCG B 5 6.94 4.49 7.80
H6'2 LCG B 5 8.14 5.82 7.58
H8 LCG B 5 4.37 6.22 3.27
H2' LCG B 5 7.80 4.72 3.89
H1' LCG B 5 6.05 3.33 5.32
H1 LCG B 5 4.52 0.43 0.46
H21 LCG B 5 5.71 -0.99 1.75
H22 LCG B 5 6.48 -0.46 3.23
P LCG C 3 2.81 -1.65 13.43
OP1 LCG C 3 2.15 -2.47 14.46
O5' LCG C 3 3.77 -2.59 12.55
C5' LCG C 3 4.32 -2.13 11.32
C3' LCG C 3 4.53 -2.69 8.86
C6' LCG C 3 3.88 -4.47 10.27
N9 LCG C 3 1.73 -2.23 7.38
C8 LCG C 3 1.38 -0.89 7.44
C4 LCG C 3 1.30 -2.65 6.15
N7 LCG C 3 0.70 -0.49 6.40
C5 LCG C 3 0.63 -1.60 5.58
C6 LCG C 3 -0.01 -1.77 4.30
C2' LCG C 3 3.66 -3.71 8.15
O6 LCG C 3 -0.67 -0.95 3.67
C4' LCG C 3 3.76 -2.94 10.14
C1' LCG C 3 2.25 -3.14 8.44
C2 LCG C 3 0.94 -4.03 4.39
N1 LCG C 3 0.19 -3.05 3.77
O4' LCG C 3 2.45 -2.56 9.73
OP2 LCG C 3 3.56 -0.43 13.82
N2 LCG C 3 1.15 -5.14 3.70
N3 LCG C 3 1.50 -3.89 5.61
O2' LCG C 3 3.79 -4.90 8.92
O3' LCG C 3 5.91 -3.00 8.93
H5' LCG C 3 5.40 -2.25 11.37
H5'' LCG C 3 4.08 -1.07 11.18
H3' LCG C 3 4.35 -1.67 8.51
H6'1 LCG C 3 3.05 -4.87 10.86
H6'2 LCG C 3 4.84 -4.77 10.70
H8 LCG C 3 1.61 -0.20 8.22
H2' LCG C 3 3.88 -3.84 7.09
H1' LCG C 3 1.56 -3.98 8.53
H1 LCG C 3 -0.29 -3.29 2.91
H21 LCG C 3 0.75 -5.27 2.78
H22 LCG C 3 1.73 -5.87 4.12
P LCG C 5 9.88 -6.14 3.59
OP1 LCG C 5 10.76 -7.32 3.74
O5' LCG C 5 9.40 -6.04 2.05
C5' LCG C 5 9.20 -7.18 1.25
C3' LCG C 5 9.28 -5.64 -0.82
C6' LCG C 5 8.40 -7.82 -1.18
N9 LCG C 5 6.43 -4.13 -0.90
C8 LCG C 5 6.82 -3.15 -0.02
C4 LCG C 5 5.43 -3.57 -1.65
N7 LCG C 5 6.13 -2.05 -0.12
C5 LCG C 5 5.23 -2.30 -1.15
C6 LCG C 5 4.22 -1.47 -1.73
C2' LCG C 5 8.18 -5.66 -1.86
O6 LCG C 5 3.90 -0.33 -1.40
C4' LCG C 5 8.54 -6.75 -0.08
C1' LCG C 5 6.89 -5.53 -1.05
C2 LCG C 5 3.79 -3.37 -3.20
N1 LCG C 5 3.54 -2.09 -2.78
O4' LCG C 5 7.25 -6.19 0.15
OP2 LCG C 5 10.37 -4.80 4.01
N2 LCG C 5 3.08 -3.84 -4.21
N3 LCG C 5 4.75 -4.16 -2.67
O2' LCG C 5 8.19 -7.01 -2.33
O3' LCG C 5 10.55 -5.95 -1.39
H5' LCG C 5 8.56 -7.91 1.75
H5'' LCG C 5 10.16 -7.64 1.04
H3' LCG C 5 9.32 -4.74 -0.18
H6'1 LCG C 5 7.56 -8.49 -0.99
H6'2 LCG C 5 9.33 -8.39 -1.28
H8 LCG C 5 7.63 -3.27 0.70
H2' LCG C 5 8.27 -4.90 -2.63
H1' LCG C 5 6.13 -6.09 -1.59
H1 LCG C 5 2.88 -1.52 -3.31
H21 LCG C 5 2.37 -3.27 -4.64
H22 LCG C 5 3.25 -4.78 -4.55
P LCG D 3 0.03 -13.69 0.97
OP1 LCG D 3 -1.06 -14.61 1.39
O5' LCG D 3 -0.22 -13.29 -0.57
C5' LCG D 3 0.49 -12.21 -1.17
C3' LCG D 3 0.20 -10.00 -2.42
C6' LCG D 3 -1.68 -11.45 -2.38
N9 LCG D 3 -0.92 -7.77 -0.41
C8 LCG D 3 0.02 -7.52 0.55
C4 LCG D 3 -1.51 -6.56 -0.66
N7 LCG D 3 -0.01 -6.29 1.00
C5 LCG D 3 -0.99 -5.66 0.24
C6 LCG D 3 -1.48 -4.31 0.28
C2' LCG D 3 -1.12 -9.26 -2.47
O6 LCG D 3 -1.14 -3.42 1.04
C4' LCG D 3 -0.45 -11.06 -1.54
C1' LCG D 3 -1.42 -9.07 -0.98
C2 LCG D 3 -2.88 -5.02 -1.61
N1 LCG D 3 -2.46 -4.08 -0.69
O4' LCG D 3 -0.84 -10.25 -0.42
OP2 LCG D 3 1.45 -14.08 1.13
N2 LCG D 3 -3.73 -4.61 -2.55
N3 LCG D 3 -2.45 -6.30 -1.62
O2' LCG D 3 -2.06 -10.21 -2.96
O3' LCG D 3 0.68 -10.51 -3.66
H5' LCG D 3 0.98 -12.59 -2.07
H5'' LCG D 3 1.26 -11.84 -0.48
H3' LCG D 3 0.97 -9.47 -1.86
H6'1 LCG D 3 -2.47 -11.84 -1.75
H6'2 LCG D 3 -1.42 -12.17 -3.15
H8 LCG D 3 0.73 -8.22 0.97
H2' LCG D 3 -1.10 -8.33 -3.05
H1' LCG D 3 -2.50 -9.10 -0.84
H1 LCG D 3 -2.93 -3.19 -0.67
H21 LCG D 3 -4.07 -3.67 -2.55
H22 LCG D 3 -4.04 -5.27 -3.24
P LCG D 5 0.25 -6.92 -10.09
OP1 LCG D 5 -0.28 -7.45 -11.36
O5' LCG D 5 0.09 -5.31 -10.11
C5' LCG D 5 -0.98 -4.66 -10.78
C3' LCG D 5 0.38 -2.48 -10.65
C6' LCG D 5 -1.94 -2.26 -11.18
N9 LCG D 5 0.10 -1.45 -7.61
C8 LCG D 5 1.14 -2.22 -7.16
C4 LCG D 5 0.03 -0.39 -6.72
N7 LCG D 5 1.69 -1.78 -6.07
C5 LCG D 5 0.99 -0.61 -5.77
C6 LCG D 5 1.14 0.33 -4.70
C2' LCG D 5 -0.24 -1.21 -10.09
O6 LCG D 5 1.93 0.27 -3.75
C4' LCG D 5 -0.96 -3.17 -10.42
C1' LCG D 5 -0.83 -1.63 -8.75
C2 LCG D 5 -0.69 1.53 -5.77
N1 LCG D 5 0.25 1.39 -4.78
O4' LCG D 5 -1.19 -2.97 -9.02
OP2 LCG D 5 1.64 -7.22 -9.68
N2 LCG D 5 -1.48 2.60 -5.73
N3 LCG D 5 -0.83 0.66 -6.79
O2' LCG D 5 -1.36 -0.97 -10.93
O3' LCG D 5 0.80 -2.30 -12.00
H5' LCG D 5 -1.94 -5.10 -10.50
H5'' LCG D 5 -0.84 -4.78 -11.86
H3' LCG D 5 1.14 -2.94 -10.04
H6'1 LCG D 5 -2.96 -2.32 -10.79
H6'2 LCG D 5 -1.91 -2.47 -12.25
H8 LCG D 5 1.48 -3.13 -7.65
H2' LCG D 5 0.46 -0.38 -10.00
H1' LCG D 5 -1.71 -1.01 -8.59
H1 LCG D 5 0.36 2.14 -4.09
H21 LCG D 5 -1.38 3.28 -4.98
H22 LCG D 5 -2.17 2.73 -6.45
P LCG A 3 -11.52 -3.04 -6.95
OP1 LCG A 3 -12.89 -3.27 -6.44
O5' LCG A 3 -11.26 -1.46 -7.04
C5' LCG A 3 -9.95 -0.94 -7.21
C3' LCG A 3 -8.25 0.66 -6.18
C6' LCG A 3 -10.49 0.89 -5.44
N9 LCG A 3 -7.04 -0.63 -3.51
C8 LCG A 3 -6.31 -1.75 -3.83
C4 LCG A 3 -6.36 -0.06 -2.46
N7 LCG A 3 -5.31 -1.98 -3.03
C5 LCG A 3 -5.32 -0.91 -2.14
C6 LCG A 3 -4.47 -0.60 -1.03
C2' LCG A 3 -8.35 1.18 -4.75
O6 LCG A 3 -3.53 -1.26 -0.60
C4' LCG A 3 -9.50 -0.18 -5.96
C1' LCG A 3 -8.38 -0.15 -3.97
C2 LCG A 3 -5.83 1.42 -0.82
N1 LCG A 3 -4.81 0.59 -0.40
O4' LCG A 3 -9.06 -1.01 -4.89
OP2 LCG A 3 -11.08 -3.69 -8.20
N2 LCG A 3 -5.97 2.58 -0.18
N3 LCG A 3 -6.66 1.13 -1.83
O2' LCG A 3 -9.65 1.74 -4.66
O3' LCG A 3 -8.37 1.65 -7.20
H5' LCG A 3 -9.96 -0.26 -8.06
H5'' LCG A 3 -9.24 -1.75 -7.41
H3' LCG A 3 -7.38 0.01 -6.33
H6'1 LCG A 3 -11.27 0.43 -4.83
H6'2 LCG A 3 -10.93 1.47 -6.27
H8 LCG A 3 -6.51 -2.43 -4.64
H2' LCG A 3 -7.55 1.85 -4.46
H1' LCG A 3 -9.01 -0.01 -3.09
H1 LCG A 3 -4.31 0.83 0.45
H21 LCG A 3 -5.36 2.82 0.59
H22 LCG A 3 -6.69 3.21 -0.48
P LCG A 5 -5.57 8.45 -6.84
OP1 LCG A 5 -6.30 9.70 -7.09
O5' LCG A 5 -4.32 8.77 -5.86
C5' LCG A 5 -4.38 9.77 -4.86
C3' LCG A 5 -1.81 9.68 -4.74
C6' LCG A 5 -2.90 10.78 -2.93
N9 LCG A 5 -1.12 6.98 -3.07
C8 LCG A 5 -1.20 6.17 -4.19
C4 LCG A 5 -0.29 6.33 -2.21
N7 LCG A 5 -0.53 5.06 -4.07
C5 LCG A 5 0.04 5.14 -2.80
C6 LCG A 5 0.90 4.21 -2.10
C2' LCG A 5 -1.10 9.48 -3.41
O6 LCG A 5 1.29 3.12 -2.49
C4' LCG A 5 -3.12 9.67 -3.98
C1' LCG A 5 -1.78 8.28 -2.78
C2 LCG A 5 0.90 5.89 -0.33
N1 LCG A 5 1.30 4.68 -0.85
O4' LCG A 5 -3.09 8.41 -3.28
OP2 LCG A 5 -5.05 7.66 -7.98
N2 LCG A 5 1.36 6.21 0.87
N3 LCG A 5 0.10 6.77 -0.97
O2' LCG A 5 -1.52 10.60 -2.63
O3' LCG A 5 -1.41 10.89 -5.37
H5' LCG A 5 -5.28 9.67 -4.26
H5'' LCG A 5 -4.39 10.75 -5.36
H3' LCG A 5 -1.78 8.82 -5.42
H6'1 LCG A 5 -3.54 10.65 -2.05
H6'2 LCG A 5 -3.06 11.76 -3.39
H8 LCG A 5 -1.76 6.42 -5.08
H2' LCG A 5 -0.02 9.36 -3.48
H1' LCG A 5 -1.76 8.44 -1.70
H1 LCG A 5 1.99 4.13 -0.36
H21 LCG A 5 1.97 5.58 1.37
H22 LCG A 5 1.09 7.10 1.28
P LCG B 3 -8.77 9.11 5.52
OP1 LCG B 3 -9.73 8.96 6.63
O5' LCG B 3 -7.29 9.32 6.14
C5' LCG B 3 -6.14 9.22 5.32
C3' LCG B 3 -3.89 8.04 5.11
C6' LCG B 3 -4.91 7.95 7.24
N9 LCG B 3 -4.34 4.99 4.27
C8 LCG B 3 -4.89 4.93 3.00
C4 LCG B 3 -3.48 3.91 4.33
N7 LCG B 3 -4.54 3.87 2.32
C5 LCG B 3 -3.65 3.21 3.15
C6 LCG B 3 -2.94 1.98 2.95
C2' LCG B 3 -3.53 6.79 5.88
O6 LCG B 3 -2.98 1.23 1.99
C4' LCG B 3 -5.27 8.03 5.74
C1' LCG B 3 -4.67 5.84 5.45
C2 LCG B 3 -1.95 2.46 5.15
N1 LCG B 3 -2.11 1.66 4.03
O4' LCG B 3 -5.74 6.76 5.27
OP2 LCG B 3 -9.00 10.13 4.47
N2 LCG B 3 -1.04 2.09 6.03
N3 LCG B 3 -2.65 3.59 5.35
O2' LCG B 3 -3.77 7.12 7.24
O3' LCG B 3 -3.13 9.19 5.40
H5' LCG B 3 -5.56 10.14 5.43
H5'' LCG B 3 -6.42 9.11 4.27
H3' LCG B 3 -3.98 7.86 4.04
H6'1 LCG B 3 -5.74 7.50 7.81
H6'2 LCG B 3 -4.68 8.93 7.64
H8 LCG B 3 -5.58 5.65 2.57
H2' LCG B 3 -2.53 6.40 5.68
H1' LCG B 3 -4.90 5.18 6.28
H1 LCG B 3 -1.64 0.76 4.01
H21 LCG B 3 -0.49 1.24 5.89
H22 LCG B 3 -0.89 2.66 6.84
P LCG B 5 4.09 9.25 6.83
OP1 LCG B 5 4.76 9.86 7.99
O5' LCG B 5 5.03 8.05 6.27
C5' LCG B 5 5.85 7.27 7.12
C3' LCG B 5 7.14 6.49 5.03
C6' LCG B 5 7.49 5.22 7.02
N9 LCG B 5 5.25 4.31 3.60
C8 LCG B 5 4.53 5.25 2.91
C4 LCG B 5 5.15 3.16 2.85
N7 LCG B 5 3.95 4.79 1.84
C5 LCG B 5 4.34 3.46 1.78
C6 LCG B 5 4.03 2.43 0.83
C2' LCG B 5 7.36 5.02 4.75
O6 LCG B 5 3.32 2.52 -0.16
C4' LCG B 5 6.43 6.10 6.32
C1' LCG B 5 5.99 4.39 4.88
C2 LCG B 5 5.44 1.00 2.23
N1 LCG B 5 4.64 1.21 1.12
O4' LCG B 5 5.38 5.23 5.86
OP2 LCG B 5 3.71 10.09 5.67
N2 LCG B 5 5.95 -0.21 2.39
N3 LCG B 5 5.74 1.96 3.12
O2' LCG B 5 8.09 4.57 5.90
O3' LCG B 5 8.38 7.20 5.15
H5' LCG B 5 5.29 6.90 7.98
H5'' LCG B 5 6.66 7.90 7.48
H3' LCG B 5 6.43 7.00 4.36
H6'1 LCG B 5 7.05 4.51 7.72
H6'2 LCG B 5 8.23 5.85 7.52
H8 LCG B 5 4.42 6.28 3.22
H2' LCG B 5 7.84 4.81 3.80
H1' LCG B 5 6.14 3.38 5.26
H1 LCG B 5 4.55 0.46 0.44
H21 LCG B 5 5.76 -0.94 1.72
H22 LCG B 5 6.55 -0.38 3.18
P LCG C 3 2.76 -1.60 13.39
OP1 LCG C 3 2.07 -2.45 14.39
O5' LCG C 3 3.75 -2.53 12.53
C5' LCG C 3 4.33 -2.06 11.32
C3' LCG C 3 4.59 -2.61 8.84
C6' LCG C 3 3.94 -4.40 10.26
N9 LCG C 3 1.79 -2.20 7.34
C8 LCG C 3 1.46 -0.86 7.37
C4 LCG C 3 1.36 -2.65 6.12
N7 LCG C 3 0.77 -0.47 6.33
C5 LCG C 3 0.69 -1.60 5.53
C6 LCG C 3 0.04 -1.78 4.26
C2' LCG C 3 3.73 -3.65 8.13
O6 LCG C 3 -0.61 -0.96 3.61
C4' LCG C 3 3.82 -2.87 10.12
C1' LCG C 3 2.33 -3.10 8.40
C2 LCG C 3 0.95 -4.05 4.39
N1 LCG C 3 0.22 -3.07 3.76
O4' LCG C 3 2.49 -2.51 9.70
OP2 LCG C 3 3.48 -0.38 13.80
N2 LCG C 3 1.13 -5.19 3.74
N3 LCG C 3 1.52 -3.90 5.59
O2' LCG C 3 3.88 -4.84 8.89
O3' LCG C 3 5.98 -2.90 8.93
H5' LCG C 3 5.41 -2.17 11.39
H5'' LCG C 3 4.09 -1.00 11.16
H3' LCG C 3 4.40 -1.60 8.49
H6'1 LCG C 3 3.11 -4.81 10.83
H6'2 LCG C 3 4.90 -4.69 10.70
H8 LCG C 3 1.69 -0.15 8.16
H2' LCG C 3 3.97 -3.78 7.07
H1' LCG C 3 1.65 -3.95 8.50
H1 LCG C 3 -0.28 -3.32 2.91
H21 LCG C 3 0.70 -5.34 2.83
H22 LCG C 3 1.67 -5.93 4.17
P LCG C 5 9.94 -6.08 3.58
OP1 LCG C 5 10.82 -7.26 3.72
O5' LCG C 5 9.44 -6.00 2.05
C5' LCG C 5 9.22 -7.15 1.25
C3' LCG C 5 9.27 -5.62 -0.81
C6' LCG C 5 8.38 -7.81 -1.14
N9 LCG C 5 6.42 -4.11 -0.87
C8 LCG C 5 6.84 -3.13 -0.02
C4 LCG C 5 5.41 -3.55 -1.60
N7 LCG C 5 6.16 -2.01 -0.11
C5 LCG C 5 5.23 -2.28 -1.12
C6 LCG C 5 4.22 -1.44 -1.69
C2' LCG C 5 8.15 -5.66 -1.85
O6 LCG C 5 3.92 -0.30 -1.37
C4' LCG C 5 8.54 -6.72 -0.06
C1' LCG C 5 6.88 -5.51 -1.02
C2 LCG C 5 3.75 -3.36 -3.12
N1 LCG C 5 3.51 -2.07 -2.72
O4' LCG C 5 7.25 -6.16 0.18
OP2 LCG C 5 10.44 -4.74 3.96
N2 LCG C 5 3.01 -3.83 -4.12
N3 LCG C 5 4.71 -4.14 -2.60
O2' LCG C 5 8.15 -7.01 -2.30
O3' LCG C 5 10.53 -5.95 -1.40
H5' LCG C 5 8.60 -7.87 1.78
H5'' LCG C 5 10.19 -7.60 1.03
H3' LCG C 5 9.32 -4.72 -0.19
H6'1 LCG C 5 7.52 -8.47 -0.94
H6'2 LCG C 5 9.30 -8.38 -1.26
H8 LCG C 5 7.65 -3.23 0.69
H2' LCG C 5 8.24 -4.91 -2.63
H1' LCG C 5 6.10 -6.08 -1.54
H1 LCG C 5 2.85 -1.50 -3.24
H21 LCG C 5 2.30 -3.25 -4.55
H22 LCG C 5 3.17 -4.77 -4.46
P LCG D 3 -0.02 -13.75 0.98
OP1 LCG D 3 -1.11 -14.67 1.37
O5' LCG D 3 -0.21 -13.34 -0.57
C5' LCG D 3 0.50 -12.27 -1.13
C3' LCG D 3 0.22 -10.06 -2.38
C6' LCG D 3 -1.65 -11.51 -2.38
N9 LCG D 3 -0.95 -7.84 -0.38
C8 LCG D 3 -0.02 -7.58 0.60
C4 LCG D 3 -1.54 -6.63 -0.63
N7 LCG D 3 -0.05 -6.34 1.05
C5 LCG D 3 -1.03 -5.73 0.27
C6 LCG D 3 -1.52 -4.38 0.30
C2' LCG D 3 -1.11 -9.31 -2.45
O6 LCG D 3 -1.18 -3.47 1.06
C4' LCG D 3 -0.43 -11.11 -1.52
C1' LCG D 3 -1.42 -9.13 -0.96
C2 LCG D 3 -2.92 -5.10 -1.58
N1 LCG D 3 -2.50 -4.15 -0.66
O4' LCG D 3 -0.85 -10.31 -0.40
OP2 LCG D 3 1.39 -14.14 1.20
N2 LCG D 3 -3.77 -4.69 -2.52
N3 LCG D 3 -2.49 -6.36 -1.59
O2' LCG D 3 -2.03 -10.27 -2.96
O3' LCG D 3 0.73 -10.54 -3.61
H5' LCG D 3 1.01 -12.63 -2.03
H5'' LCG D 3 1.25 -11.89 -0.43
H3' LCG D 3 0.97 -9.52 -1.81
H6'1 LCG D 3 -2.46 -11.91 -1.76
H6'2 LCG D 3 -1.38 -12.22 -3.16
H8 LCG D 3 0.69 -8.27 1.03
H2' LCG D 3 -1.08 -8.38 -3.03
H1' LCG D 3 -2.51 -9.17 -0.83
H1 LCG D 3 -2.96 -3.25 -0.66
H21 LCG D 3 -4.10 -3.74 -2.53
H22 LCG D 3 -4.08 -5.35 -3.21
P LCG D 5 0.37 -6.90 -10.01
OP1 LCG D 5 -0.09 -7.45 -11.31
O5' LCG D 5 0.18 -5.30 -10.04
C5' LCG D 5 -0.88 -4.68 -10.73
C3' LCG D 5 0.42 -2.47 -10.59
C6' LCG D 5 -1.89 -2.29 -11.16
N9 LCG D 5 0.09 -1.45 -7.56
C8 LCG D 5 1.13 -2.22 -7.08
C4 LCG D 5 0.01 -0.38 -6.67
N7 LCG D 5 1.67 -1.76 -5.99
C5 LCG D 5 0.97 -0.59 -5.71
C6 LCG D 5 1.10 0.34 -4.64
C2' LCG D 5 -0.22 -1.21 -10.03
O6 LCG D 5 1.88 0.31 -3.69
C4' LCG D 5 -0.91 -3.19 -10.37
C1' LCG D 5 -0.82 -1.64 -8.70
C2 LCG D 5 -0.72 1.54 -5.75
N1 LCG D 5 0.21 1.42 -4.74
O4' LCG D 5 -1.16 -2.99 -8.98
OP2 LCG D 5 1.76 -7.18 -9.56
N2 LCG D 5 -1.52 2.60 -5.72
N3 LCG D 5 -0.85 0.67 -6.75
O2' LCG D 5 -1.34 -0.99 -10.90
O3' LCG D 5 0.86 -2.28 -11.93
H5' LCG D 5 -1.84 -5.13 -10.47
H5'' LCG D 5 -0.72 -4.80 -11.80
H3' LCG D 5 1.19 -2.92 -9.95
H6'1 LCG D 5 -2.91 -2.37 -10.78
H6'2 LCG D 5 -1.83 -2.51 -12.22
H8 LCG D 5 1.46 -3.12 -7.57
H2' LCG D 5 0.45 -0.36 -9.94
H1' LCG D 5 -1.71 -1.04 -8.54
H1 LCG D 5 0.32 2.17 -4.07
H21 LCG D 5 -1.42 3.29 -4.98
H22 LCG D 5 -2.20 2.74 -6.44
P LCG A 3 -11.51 -3.06 -7.01
OP1 LCG A 3 -12.89 -3.32 -6.53
O5' LCG A 3 -11.28 -1.46 -7.03
C5' LCG A 3 -9.97 -0.93 -7.16
C3' LCG A 3 -8.31 0.67 -6.08
C6' LCG A 3 -10.56 0.84 -5.35
N9 LCG A 3 -7.10 -0.66 -3.44
C8 LCG A 3 -6.36 -1.79 -3.76
C4 LCG A 3 -6.40 -0.08 -2.40
N7 LCG A 3 -5.36 -2.01 -2.96
C5 LCG A 3 -5.37 -0.94 -2.08
C6 LCG A 3 -4.51 -0.64 -0.98
C2' LCG A 3 -8.43 1.15 -4.63
O6 LCG A 3 -3.57 -1.30 -0.54
C4' LCG A 3 -9.55 -0.19 -5.88
C1' LCG A 3 -8.44 -0.19 -3.89
C2 LCG A 3 -5.84 1.40 -0.79
N1 LCG A 3 -4.83 0.57 -0.35
O4' LCG A 3 -9.09 -1.04 -4.84
OP2 LCG A 3 -11.03 -3.64 -8.28
N2 LCG A 3 -5.95 2.59 -0.18
N3 LCG A 3 -6.68 1.11 -1.79
O2' LCG A 3 -9.75 1.69 -4.54
O3' LCG A 3 -8.46 1.68 -7.07
H5' LCG A 3 -9.98 -0.22 -8.00
H5'' LCG A 3 -9.25 -1.72 -7.37
H3' LCG A 3 -7.45 0.05 -6.25
H6'1 LCG A 3 -11.34 0.36 -4.76
H6'2 LCG A 3 -11.01 1.43 -6.16
H8 LCG A 3 -6.56 -2.47 -4.57
H2' LCG A 3 -7.65 1.84 -4.32
H1' LCG A 3 -9.07 -0.09 -3.01
H1 LCG A 3 -4.32 0.82 0.48
H21 LCG A 3 -5.34 2.83 0.59
H22 LCG A 3 -6.67 3.22 -0.48
P LCG A 5 -5.68 8.45 -6.71
OP1 LCG A 5 -6.41 9.72 -6.95
O5' LCG A 5 -4.40 8.76 -5.77
C5' LCG A 5 -4.41 9.78 -4.78
C3' LCG A 5 -1.85 9.64 -4.73
C6' LCG A 5 -2.88 10.78 -2.91
N9 LCG A 5 -1.14 6.96 -3.03
C8 LCG A 5 -1.25 6.14 -4.12
C4 LCG A 5 -0.30 6.32 -2.17
N7 LCG A 5 -0.59 5.02 -4.00
C5 LCG A 5 0.02 5.12 -2.76
C6 LCG A 5 0.88 4.20 -2.07
C2' LCG A 5 -1.10 9.45 -3.42
O6 LCG A 5 1.25 3.09 -2.43
C4' LCG A 5 -3.14 9.65 -3.93
C1' LCG A 5 -1.78 8.27 -2.75
C2 LCG A 5 0.92 5.91 -0.31
N1 LCG A 5 1.31 4.69 -0.83
O4' LCG A 5 -3.11 8.41 -3.23
OP2 LCG A 5 -5.21 7.66 -7.86
N2 LCG A 5 1.40 6.24 0.89
N3 LCG A 5 0.12 6.77 -0.96
O2' LCG A 5 -1.49 10.59 -2.64
O3' LCG A 5 -1.45 10.84 -5.38
H5' LCG A 5 -5.30 9.68 -4.14
H5'' LCG A 5 -4.44 10.75 -5.28
H3' LCG A 5 -1.83 8.78 -5.40
H6'1 LCG A 5 -3.49 10.67 -2.00
H6'2 LCG A 5 -3.04 11.76 -3.36
H8 LCG A 5 -1.83 6.37 -5.00
H2' LCG A 5 -0.03 9.32 -3.52
H1' LCG A 5 -1.73 8.45 -1.67
H1 LCG A 5 2.01 4.15 -0.33
H21 LCG A 5 2.02 5.62 1.38
H22 LCG A 5 1.14 7.13 1.28
P LCG B 3 -8.71 9.14 5.42
OP1 LCG B 3 -9.71 8.99 6.50
O5' LCG B 3 -7.25 9.34 6.09
C5' LCG B 3 -6.07 9.24 5.31
C3' LCG B 3 -3.83 8.03 5.14
C6' LCG B 3 -4.90 7.95 7.25
N9 LCG B 3 -4.31 4.99 4.28
C8 LCG B 3 -4.86 4.93 3.02
C4 LCG B 3 -3.45 3.91 4.34
N7 LCG B 3 -4.53 3.87 2.34
C5 LCG B 3 -3.64 3.20 3.17
C6 LCG B 3 -2.92 1.98 2.96
C2' LCG B 3 -3.51 6.77 5.92
O6 LCG B 3 -2.99 1.21 2.00
C4' LCG B 3 -5.23 8.03 5.75
C1' LCG B 3 -4.65 5.84 5.46
C2 LCG B 3 -1.92 2.46 5.15
N1 LCG B 3 -2.08 1.66 4.03
O4' LCG B 3 -5.71 6.76 5.27
OP2 LCG B 3 -8.89 10.17 4.36
N2 LCG B 3 -0.99 2.10 6.02
N3 LCG B 3 -2.61 3.59 5.36
O2' LCG B 3 -3.76 7.11 7.28
O3' LCG B 3 -3.07 9.18 5.46
H5' LCG B 3 -5.50 10.15 5.44
H5'' LCG B 3 -6.32 9.12 4.25
H3' LCG B 3 -3.90 7.86 4.07
H6'1 LCG B 3 -5.74 7.52 7.81
H6'2 LCG B 3 -4.65 8.93 7.66
H8 LCG B 3 -5.55 5.64 2.58
H2' LCG B 3 -2.50 6.38 5.74
H1' LCG B 3 -4.90 5.18 6.29
H1 LCG B 3 -1.61 0.76 4.02
H21 LCG B 3 -0.45 1.25 5.88
H22 LCG B 3 -0.82 2.68 6.83
P LCG B 5 4.15 9.23 6.86
OP1 LCG B 5 4.82 9.83 8.05
O5' LCG B 5 5.09 8.04 6.30
C5' LCG B 5 5.93 7.26 7.14
C3' LCG B 5 7.20 6.51 5.04
C6' LCG B 5 7.55 5.21 7.01
N9 LCG B 5 5.30 4.32 3.58
C8 LCG B 5 4.58 5.27 2.90
C4 LCG B 5 5.19 3.17 2.84
N7 LCG B 5 4.00 4.82 1.83
C5 LCG B 5 4.37 3.47 1.77
C6 LCG B 5 4.04 2.45 0.83
C2' LCG B 5 7.43 5.03 4.74
O6 LCG B 5 3.33 2.55 -0.16
C4' LCG B 5 6.49 6.10 6.32
C1' LCG B 5 6.05 4.40 4.87
C2 LCG B 5 5.45 1.01 2.22
N1 LCG B 5 4.65 1.23 1.13
O4' LCG B 5 5.46 5.23 5.85
OP2 LCG B 5 3.76 10.09 5.73
N2 LCG B 5 5.97 -0.20 2.39
N3 LCG B 5 5.77 1.97 3.12
O2' LCG B 5 8.15 4.57 5.89
O3' LCG B 5 8.45 7.20 5.16
H5' LCG B 5 5.36 6.88 7.99
H5'' LCG B 5 6.73 7.89 7.50
H3' LCG B 5 6.50 7.02 4.38
H6'1 LCG B 5 7.10 4.48 7.69
H6'2 LCG B 5 8.29 5.83 7.51
H8 LCG B 5 4.49 6.30 3.21
H2' LCG B 5 7.89 4.83 3.79
H1' LCG B 5 6.20 3.39 5.24
H1 LCG B 5 4.55 0.49 0.43
H21 LCG B 5 5.76 -0.93 1.71
H22 LCG B 5 6.57 -0.38 3.17
P LCG C 3 2.72 -1.60 13.37
OP1 LCG C 3 2.04 -2.47 14.35
O5' LCG C 3 3.76 -2.52 12.52
C5' LCG C 3 4.34 -2.04 11.32
C3' LCG C 3 4.63 -2.58 8.84
C6' LCG C 3 3.99 -4.38 10.24
N9 LCG C 3 1.83 -2.20 7.34
C8 LCG C 3 1.49 -0.86 7.37
C4 LCG C 3 1.39 -2.64 6.11
N7 LCG C 3 0.80 -0.47 6.33
C5 LCG C 3 0.71 -1.60 5.53
C6 LCG C 3 0.07 -1.78 4.26
C2' LCG C 3 3.79 -3.62 8.11
O6 LCG C 3 -0.59 -0.98 3.61
C4' LCG C 3 3.85 -2.84 10.11
C1' LCG C 3 2.37 -3.09 8.40
C2 LCG C 3 0.98 -4.05 4.39
N1 LCG C 3 0.24 -3.08 3.76
O4' LCG C 3 2.53 -2.50 9.68
OP2 LCG C 3 3.41 -0.37 13.79
N2 LCG C 3 1.14 -5.20 3.75
N3 LCG C 3 1.55 -3.89 5.60
O2' LCG C 3 3.95 -4.81 8.88
O3' LCG C 3 6.02 -2.86 8.92
H5' LCG C 3 5.42 -2.14 11.41
H5'' LCG C 3 4.09 -0.98 11.17
H3' LCG C 3 4.43 -1.56 8.48
H6'1 LCG C 3 3.17 -4.81 10.82
H6'2 LCG C 3 4.95 -4.66 10.69
H8 LCG C 3 1.72 -0.15 8.15
H2' LCG C 3 4.03 -3.75 7.06
H1' LCG C 3 1.70 -3.96 8.48
H1 LCG C 3 -0.26 -3.33 2.91
H21 LCG C 3 0.72 -5.35 2.84
H22 LCG C 3 1.69 -5.93 4.18
P LCG C 5 10.01 -6.00 3.55
OP1 LCG C 5 10.90 -7.18 3.69
O5' LCG C 5 9.50 -5.94 2.03
C5' LCG C 5 9.29 -7.09 1.23
C3' LCG C 5 9.32 -5.57 -0.85
C6' LCG C 5 8.43 -7.76 -1.15
N9 LCG C 5 6.45 -4.08 -0.88
C8 LCG C 5 6.87 -3.09 -0.03
C4 LCG C 5 5.43 -3.52 -1.62
N7 LCG C 5 6.17 -1.99 -0.12
C5 LCG C 5 5.26 -2.25 -1.14
C6 LCG C 5 4.23 -1.42 -1.70
C2' LCG C 5 8.18 -5.63 -1.86
O6 LCG C 5 3.92 -0.28 -1.39
C4' LCG C 5 8.60 -6.67 -0.07
C1' LCG C 5 6.92 -5.48 -1.04
C2 LCG C 5 3.78 -3.35 -3.15
N1 LCG C 5 3.53 -2.06 -2.73
O4' LCG C 5 7.30 -6.12 0.18
OP2 LCG C 5 10.50 -4.66 3.93
N2 LCG C 5 3.03 -3.83 -4.14
N3 LCG C 5 4.74 -4.13 -2.62
O2' LCG C 5 8.19 -6.98 -2.32
O3' LCG C 5 10.57 -5.89 -1.45
H5' LCG C 5 8.68 -7.82 1.76
H5'' LCG C 5 10.26 -7.53 1.01
H3' LCG C 5 9.36 -4.67 -0.23
H6'1 LCG C 5 7.58 -8.44 -0.94
H6'2 LCG C 5 9.35 -8.33 -1.27
H8 LCG C 5 7.68 -3.19 0.68
H2' LCG C 5 8.26 -4.88 -2.65
H1' LCG C 5 6.15 -6.05 -1.55
H1 LCG C 5 2.85 -1.50 -3.24
H21 LCG C 5 2.31 -3.26 -4.56
H22 LCG C 5 3.20 -4.76 -4.47
P LCG D 3 0.00 -13.78 1.01
OP1 LCG D 3 -1.11 -14.68 1.37
O5' LCG D 3 -0.16 -13.36 -0.54
C5' LCG D 3 0.57 -12.29 -1.09
C3' LCG D 3 0.30 -10.07 -2.34
C6' LCG D 3 -1.57 -11.53 -2.36
N9 LCG D 3 -0.90 -7.86 -0.36
C8 LCG D 3 0.04 -7.58 0.61
C4 LCG D 3 -1.51 -6.65 -0.62
N7 LCG D 3 0.00 -6.35 1.05
C5 LCG D 3 -0.99 -5.75 0.28
C6 LCG D 3 -1.49 -4.40 0.31
C2' LCG D 3 -1.03 -9.33 -2.44
O6 LCG D 3 -1.15 -3.49 1.05
C4' LCG D 3 -0.36 -11.13 -1.49
C1' LCG D 3 -1.37 -9.15 -0.94
C2 LCG D 3 -2.91 -5.13 -1.54
N1 LCG D 3 -2.48 -4.17 -0.64
O4' LCG D 3 -0.79 -10.33 -0.38
OP2 LCG D 3 1.41 -14.16 1.26
N2 LCG D 3 -3.79 -4.74 -2.46
N3 LCG D 3 -2.47 -6.40 -1.55
O2' LCG D 3 -1.95 -10.29 -2.95
O3' LCG D 3 0.82 -10.54 -3.57
H5' LCG D 3 1.09 -12.64 -1.98
H5'' LCG D 3 1.31 -11.91 -0.37
H3' LCG D 3 1.04 -9.53 -1.75
H6'1 LCG D 3 -2.38 -11.94 -1.75
H6'2 LCG D 3 -1.29 -12.24 -3.14
H8 LCG D 3 0.75 -8.28 1.03
H2' LCG D 3 -1.00 -8.39 -3.00
H1' LCG D 3 -2.45 -9.20 -0.83
H1 LCG D 3 -2.96 -3.29 -0.63
H21 LCG D 3 -4.14 -3.79 -2.47
H22 LCG D 3 -4.11 -5.41 -3.14
P LCG D 5 0.40 -6.90 -9.97
OP1 LCG D 5 -0.07 -7.46 -11.26
O5' LCG D 5 0.16 -5.30 -10.00
C5' LCG D 5 -0.92 -4.70 -10.69
C3' LCG D 5 0.34 -2.47 -10.55
C6' LCG D 5 -1.97 -2.33 -11.10
N9 LCG D 5 0.02 -1.46 -7.51
C8 LCG D 5 1.08 -2.22 -7.06
C4 LCG D 5 -0.06 -0.41 -6.63
N7 LCG D 5 1.63 -1.77 -5.97
C5 LCG D 5 0.92 -0.61 -5.68
C6 LCG D 5 1.05 0.32 -4.60
C2' LCG D 5 -0.33 -1.22 -9.99
O6 LCG D 5 1.85 0.28 -3.67
C4' LCG D 5 -0.97 -3.21 -10.32
C1' LCG D 5 -0.90 -1.66 -8.65
C2 LCG D 5 -0.81 1.48 -5.67
N1 LCG D 5 0.14 1.38 -4.67
O4' LCG D 5 -1.22 -3.02 -8.92
OP2 LCG D 5 1.79 -7.14 -9.53
N2 LCG D 5 -1.61 2.54 -5.61
N3 LCG D 5 -0.95 0.62 -6.68
O2' LCG D 5 -1.45 -1.02 -10.84
O3' LCG D 5 0.77 -2.27 -11.90
H5' LCG D 5 -1.86 -5.17 -10.42
H5'' LCG D 5 -0.76 -4.81 -11.76
H3' LCG D 5 1.12 -2.91 -9.93
H6'1 LCG D 5 -3.00 -2.43 -10.72
H6'2 LCG D 5 -1.92 -2.54 -12.17
H8 LCG D 5 1.43 -3.11 -7.56
H2' LCG D 5 0.33 -0.36 -9.89
H1' LCG D 5 -1.80 -1.08 -8.48
H1 LCG D 5 0.27 2.13 -4.02
H21 LCG D 5 -1.52 3.22 -4.87
H22 LCG D 5 -2.31 2.67 -6.33
P LCG A 3 -11.48 -3.05 -6.93
OP1 LCG A 3 -12.85 -3.26 -6.41
O5' LCG A 3 -11.23 -1.45 -7.04
C5' LCG A 3 -9.93 -0.93 -7.22
C3' LCG A 3 -8.21 0.67 -6.21
C6' LCG A 3 -10.45 0.92 -5.47
N9 LCG A 3 -7.01 -0.59 -3.53
C8 LCG A 3 -6.29 -1.72 -3.85
C4 LCG A 3 -6.33 -0.01 -2.48
N7 LCG A 3 -5.28 -1.94 -3.04
C5 LCG A 3 -5.30 -0.87 -2.16
C6 LCG A 3 -4.45 -0.57 -1.05
C2' LCG A 3 -8.31 1.20 -4.80
O6 LCG A 3 -3.51 -1.23 -0.61
C4' LCG A 3 -9.47 -0.15 -5.99
C1' LCG A 3 -8.35 -0.11 -3.99
C2 LCG A 3 -5.82 1.45 -0.82
N1 LCG A 3 -4.80 0.63 -0.40
O4' LCG A 3 -9.03 -0.98 -4.90
OP2 LCG A 3 -11.05 -3.68 -8.19
N2 LCG A 3 -5.97 2.60 -0.19
N3 LCG A 3 -6.63 1.16 -1.85
O2' LCG A 3 -9.61 1.77 -4.71
O3' LCG A 3 -8.33 1.64 -7.25
H5' LCG A 3 -9.94 -0.27 -8.08
H5'' LCG A 3 -9.22 -1.74 -7.41
H3' LCG A 3 -7.36 0.02 -6.36
H6'1 LCG A 3 -11.24 0.47 -4.86
H6'2 LCG A 3 -10.90 1.49 -6.30
H8 LCG A 3 -6.48 -2.40 -4.65
H2' LCG A 3 -7.51 1.89 -4.50
H1' LCG A 3 -8.98 0.04 -3.11
H1 LCG A 3 -4.31 0.87 0.45
H21 LCG A 3 -5.37 2.85 0.59
H22 LCG A 3 -6.70 3.23 -0.47
P LCG A 5 -5.53 8.47 -6.89
OP1 LCG A 5 -6.26 9.73 -7.15
O5' LCG A 5 -4.30 8.77 -5.90
C5' LCG A 5 -4.35 9.78 -4.91
C3' LCG A 5 -1.78 9.66 -4.76
C6' LCG A 5 -2.89 10.76 -2.96
N9 LCG A 5 -1.13 6.97 -3.10
C8 LCG A 5 -1.18 6.16 -4.22
C4 LCG A 5 -0.29 6.31 -2.23
N7 LCG A 5 -0.52 5.04 -4.10
C5 LCG A 5 0.05 5.12 -2.83
C6 LCG A 5 0.90 4.20 -2.14
C2' LCG A 5 -1.08 9.46 -3.42
O6 LCG A 5 1.29 3.10 -2.52
C4' LCG A 5 -3.11 9.65 -4.01
C1' LCG A 5 -1.77 8.26 -2.80
C2 LCG A 5 0.87 5.86 -0.35
N1 LCG A 5 1.29 4.66 -0.88
O4' LCG A 5 -3.09 8.40 -3.32
OP2 LCG A 5 -5.01 7.68 -8.04
N2 LCG A 5 1.33 6.18 0.86
N3 LCG A 5 0.09 6.73 -0.99
O2' LCG A 5 -1.51 10.59 -2.64
O3' LCG A 5 -1.38 10.88 -5.38
H5' LCG A 5 -5.25 9.69 -4.30
H5'' LCG A 5 -4.35 10.76 -5.39
H3' LCG A 5 -1.75 8.81 -5.45
H6'1 LCG A 5 -3.51 10.63 -2.07
H6'2 LCG A 5 -3.04 11.75 -3.41
H8 LCG A 5 -1.74 6.41 -5.11
H2' LCG A 5 0.00 9.34 -3.50
H1' LCG A 5 -1.75 8.41 -1.72
H1 LCG A 5 1.97 4.10 -0.38
H21 LCG A 5 1.94 5.55 1.36
H22 LCG A 5 1.07 7.06 1.27
P LCG B 3 -8.82 9.09 5.60
OP1 LCG B 3 -9.74 8.91 6.73
O5' LCG B 3 -7.33 9.34 6.16
C5' LCG B 3 -6.20 9.25 5.31
C3' LCG B 3 -3.94 8.08 5.07
C6' LCG B 3 -4.94 7.99 7.21
N9 LCG B 3 -4.38 5.01 4.27
C8 LCG B 3 -4.92 4.94 3.01
C4 LCG B 3 -3.51 3.94 4.33
N7 LCG B 3 -4.57 3.90 2.32
C5 LCG B 3 -3.67 3.23 3.16
C6 LCG B 3 -2.95 2.01 2.97
C2' LCG B 3 -3.56 6.83 5.85
O6 LCG B 3 -3.00 1.25 2.00
C4' LCG B 3 -5.31 8.06 5.72
C1' LCG B 3 -4.70 5.88 5.44
C2 LCG B 3 -1.99 2.48 5.17
N1 LCG B 3 -2.14 1.69 4.05
O4' LCG B 3 -5.78 6.79 5.26
OP2 LCG B 3 -9.12 10.07 4.54
N2 LCG B 3 -1.09 2.10 6.06
N3 LCG B 3 -2.69 3.62 5.37
O2' LCG B 3 -3.78 7.18 7.21
O3' LCG B 3 -3.18 9.24 5.35
H5' LCG B 3 -5.63 10.17 5.41
H5'' LCG B 3 -6.51 9.12 4.28
H3' LCG B 3 -4.04 7.89 4.00
H6'1 LCG B 3 -5.74 7.54 7.80
H6'2 LCG B 3 -4.70 8.98 7.61
H8 LCG B 3 -5.60 5.66 2.56
H2' LCG B 3 -2.56 6.45 5.65
H1' LCG B 3 -4.92 5.23 6.29
H1 LCG B 3 -1.67 0.79 4.04
H21 LCG B 3 -0.57 1.26 5.94
H22 LCG B 3 -0.97 2.67 6.89
P LCG B 5 4.06 9.27 6.72
OP1 LCG B 5 4.73 9.91 7.88
O5' LCG B 5 4.99 8.05 6.21
C5' LCG B 5 5.81 7.29 7.08
C3' LCG B 5 7.10 6.48 5.01
C6' LCG B 5 7.44 5.23 7.01
N9 LCG B 5 5.20 4.28 3.60
C8 LCG B 5 4.49 5.22 2.91
C4 LCG B 5 5.11 3.13 2.85
N7 LCG B 5 3.92 4.76 1.83
C5 LCG B 5 4.29 3.43 1.78
C6 LCG B 5 3.99 2.40 0.83
C2' LCG B 5 7.32 5.00 4.76
O6 LCG B 5 3.29 2.49 -0.18
C4' LCG B 5 6.38 6.10 6.29
C1' LCG B 5 5.94 4.38 4.88
C2 LCG B 5 5.39 0.97 2.24
N1 LCG B 5 4.60 1.18 1.13
O4' LCG B 5 5.34 5.22 5.85
OP2 LCG B 5 3.68 10.08 5.56
N2 LCG B 5 5.91 -0.24 2.40
N3 LCG B 5 5.68 1.93 3.14
O2' LCG B 5 8.04 4.55 5.91
O3' LCG B 5 8.34 7.18 5.12
H5' LCG B 5 5.24 6.93 7.93
H5'' LCG B 5 6.62 7.92 7.44
H3' LCG B 5 6.40 6.98 4.33
H6'1 LCG B 5 6.99 4.54 7.72
H6'2 LCG B 5 8.19 5.87 7.50
H8 LCG B 5 4.39 6.25 3.21
H2' LCG B 5 7.80 4.77 3.80
H1' LCG B 5 6.09 3.37 5.27
H1 LCG B 5 4.52 0.44 0.44
H21 LCG B 5 5.72 -0.97 1.73
H22 LCG B 5 6.50 -0.42 3.21
P LCG C 3 2.83 -1.58 13.41
OP1 LCG C 3 2.16 -2.41 14.44
O5' LCG C 3 3.80 -2.52 12.53
C5' LCG C 3 4.35 -2.07 11.31
C3' LCG C 3 4.57 -2.64 8.85
C6' LCG C 3 3.91 -4.42 10.27
N9 LCG C 3 1.78 -2.20 7.36
C8 LCG C 3 1.43 -0.86 7.40
C4 LCG C 3 1.33 -2.64 6.13
N7 LCG C 3 0.75 -0.46 6.36
C5 LCG C 3 0.66 -1.58 5.55
C6 LCG C 3 0.02 -1.76 4.28
C2' LCG C 3 3.70 -3.67 8.14
O6 LCG C 3 -0.63 -0.94 3.64
C4' LCG C 3 3.80 -2.88 10.13
C1' LCG C 3 2.30 -3.10 8.43
C2 LCG C 3 0.94 -4.03 4.40
N1 LCG C 3 0.20 -3.05 3.77
O4' LCG C 3 2.49 -2.50 9.71
OP2 LCG C 3 3.57 -0.37 13.80
N2 LCG C 3 1.12 -5.17 3.74
N3 LCG C 3 1.51 -3.88 5.61
O2' LCG C 3 3.83 -4.85 8.91
O3' LCG C 3 5.95 -2.95 8.92
H5' LCG C 3 5.43 -2.18 11.36
H5'' LCG C 3 4.11 -1.01 11.15
H3' LCG C 3 4.39 -1.63 8.49
H6'1 LCG C 3 3.09 -4.81 10.87
H6'2 LCG C 3 4.87 -4.71 10.71
H8 LCG C 3 1.67 -0.15 8.18
H2' LCG C 3 3.92 -3.81 7.08
H1' LCG C 3 1.60 -3.93 8.53
H1 LCG C 3 -0.28 -3.30 2.92
H21 LCG C 3 0.70 -5.31 2.83
H22 LCG C 3 1.68 -5.90 4.17
P LCG C 5 9.87 -6.17 3.60
OP1 LCG C 5 10.74 -7.37 3.73
O5' LCG C 5 9.39 -6.07 2.07
C5' LCG C 5 9.17 -7.22 1.25
C3' LCG C 5 9.26 -5.66 -0.80
C6' LCG C 5 8.36 -7.84 -1.16
N9 LCG C 5 6.41 -4.14 -0.87
C8 LCG C 5 6.80 -3.16 0.00
C4 LCG C 5 5.40 -3.57 -1.62
N7 LCG C 5 6.12 -2.05 -0.10
C5 LCG C 5 5.21 -2.30 -1.13
C6 LCG C 5 4.20 -1.47 -1.70
C2' LCG C 5 8.15 -5.68 -1.84
O6 LCG C 5 3.90 -0.33 -1.38
C4' LCG C 5 8.51 -6.77 -0.06
C1' LCG C 5 6.87 -5.53 -1.04
C2 LCG C 5 3.76 -3.39 -3.16
N1 LCG C 5 3.51 -2.09 -2.75
O4' LCG C 5 7.22 -6.19 0.17
OP2 LCG C 5 10.39 -4.85 4.00
N2 LCG C 5 3.03 -3.85 -4.17
N3 LCG C 5 4.71 -4.17 -2.64
O2' LCG C 5 8.14 -7.03 -2.32
O3' LCG C 5 10.53 -5.99 -1.38
H5' LCG C 5 8.53 -7.94 1.76
H5'' LCG C 5 10.13 -7.68 1.04
H3' LCG C 5 9.30 -4.78 -0.16
H6'1 LCG C 5 7.50 -8.50 -0.98
H6'2 LCG C 5 9.28 -8.41 -1.27
H8 LCG C 5 7.60 -3.28 0.71
H2' LCG C 5 8.25 -4.92 -2.62
H1' LCG C 5 6.10 -6.10 -1.58
H1 LCG C 5 2.85 -1.52 -3.27
H21 LCG C 5 2.32 -3.26 -4.60
H22 LCG C 5 3.19 -4.79 -4.51
P LCG D 3 -0.01 -13.74 0.99
OP1 LCG D 3 -1.11 -14.65 1.39
O5' LCG D 3 -0.25 -13.31 -0.55
C5' LCG D 3 0.48 -12.24 -1.13
C3' LCG D 3 0.19 -10.03 -2.37
C6' LCG D 3 -1.68 -11.48 -2.36
N9 LCG D 3 -0.95 -7.81 -0.38
C8 LCG D 3 -0.02 -7.54 0.61
C4 LCG D 3 -1.54 -6.59 -0.64
N7 LCG D 3 -0.05 -6.32 1.04
C5 LCG D 3 -1.02 -5.70 0.27
C6 LCG D 3 -1.50 -4.35 0.29
C2' LCG D 3 -1.13 -9.28 -2.44
O6 LCG D 3 -1.17 -3.44 1.06
C4' LCG D 3 -0.46 -11.09 -1.50
C1' LCG D 3 -1.44 -9.10 -0.95
C2 LCG D 3 -2.89 -5.05 -1.59
N1 LCG D 3 -2.48 -4.11 -0.67
O4' LCG D 3 -0.87 -10.29 -0.39
OP2 LCG D 3 1.40 -14.14 1.17
N2 LCG D 3 -3.73 -4.65 -2.54
N3 LCG D 3 -2.47 -6.32 -1.59
O2' LCG D 3 -2.06 -10.24 -2.95
O3' LCG D 3 0.70 -10.52 -3.60
H5' LCG D 3 0.97 -12.61 -2.03
H5'' LCG D 3 1.23 -11.87 -0.43
H3' LCG D 3 0.95 -9.50 -1.80
H6'1 LCG D 3 -2.49 -11.89 -1.74
H6'2 LCG D 3 -1.41 -12.20 -3.14
H8 LCG D 3 0.68 -8.25 1.03
H2' LCG D 3 -1.10 -8.36 -3.02
H1' LCG D 3 -2.52 -9.13 -0.82
H1 LCG D 3 -2.94 -3.21 -0.67
H21 LCG D 3 -4.07 -3.69 -2.56
H22 LCG D 3 -4.05 -5.31 -3.23
P LCG D 5 0.38 -6.92 -10.02
OP1 LCG D 5 -0.10 -7.48 -11.31
O5' LCG D 5 0.18 -5.32 -10.06
C5' LCG D 5 -0.88 -4.69 -10.76
C3' LCG D 5 0.44 -2.48 -10.63
C6' LCG D 5 -1.87 -2.30 -11.19
N9 LCG D 5 0.12 -1.45 -7.60
C8 LCG D 5 1.16 -2.22 -7.14
C4 LCG D 5 0.03 -0.39 -6.72
N7 LCG D 5 1.71 -1.76 -6.03
C5 LCG D 5 0.99 -0.60 -5.76
C6 LCG D 5 1.13 0.34 -4.68
C2' LCG D 5 -0.21 -1.22 -10.07
O6 LCG D 5 1.90 0.30 -3.74
C4' LCG D 5 -0.89 -3.20 -10.40
C1' LCG D 5 -0.80 -1.65 -8.74
C2 LCG D 5 -0.70 1.53 -5.79
N1 LCG D 5 0.23 1.41 -4.78
O4' LCG D 5 -1.15 -3.00 -9.01
OP2 LCG D 5 1.76 -7.20 -9.57
N2 LCG D 5 -1.49 2.60 -5.76
N3 LCG D 5 -0.84 0.66 -6.80
O2' LCG D 5 -1.33 -1.01 -10.94
O3' LCG D 5 0.88 -2.29 -11.97
H5' LCG D 5 -1.84 -5.14 -10.49
H5'' LCG D 5 -0.71 -4.81 -11.82
H3' LCG D 5 1.21 -2.94 -10.00
H6'1 LCG D 5 -2.90 -2.38 -10.81
H6'2 LCG D 5 -1.83 -2.52 -12.25
H8 LCG D 5 1.50 -3.12 -7.61
H2' LCG D 5 0.48 -0.38 -9.99
H1' LCG D 5 -1.69 -1.03 -8.58
H1 LCG D 5 0.33 2.16 -4.11
H21 LCG D 5 -1.40 3.28 -5.02
H22 LCG D 5 -2.18 2.72 -6.49
P LCG A 3 -11.43 -3.09 -6.99
OP1 LCG A 3 -12.81 -3.33 -6.52
O5' LCG A 3 -11.19 -1.50 -7.09
C5' LCG A 3 -9.89 -0.97 -7.23
C3' LCG A 3 -8.22 0.65 -6.16
C6' LCG A 3 -10.48 0.86 -5.47
N9 LCG A 3 -7.06 -0.64 -3.48
C8 LCG A 3 -6.32 -1.76 -3.79
C4 LCG A 3 -6.37 -0.05 -2.44
N7 LCG A 3 -5.32 -1.98 -2.99
C5 LCG A 3 -5.33 -0.91 -2.11
C6 LCG A 3 -4.48 -0.59 -1.00
C2' LCG A 3 -8.36 1.15 -4.73
O6 LCG A 3 -3.53 -1.25 -0.58
C4' LCG A 3 -9.47 -0.19 -5.97
C1' LCG A 3 -8.39 -0.17 -3.95
C2 LCG A 3 -5.86 1.42 -0.81
N1 LCG A 3 -4.83 0.61 -0.38
O4' LCG A 3 -9.04 -1.03 -4.90
OP2 LCG A 3 -10.95 -3.73 -8.25
N2 LCG A 3 -5.99 2.59 -0.18
N3 LCG A 3 -6.68 1.12 -1.82
O2' LCG A 3 -9.67 1.70 -4.66
O3' LCG A 3 -8.34 1.64 -7.17
H5' LCG A 3 -9.88 -0.29 -8.09
H5'' LCG A 3 -9.16 -1.77 -7.41
H3' LCG A 3 -7.36 0.01 -6.30
H6'1 LCG A 3 -11.27 0.39 -4.89
H6'2 LCG A 3 -10.91 1.43 -6.29
H8 LCG A 3 -6.51 -2.46 -4.61
H2' LCG A 3 -7.58 1.84 -4.41
H1' LCG A 3 -9.03 -0.05 -3.09
H1 LCG A 3 -4.33 0.86 0.47
H21 LCG A 3 -5.39 2.84 0.59
H22 LCG A 3 -6.73 3.21 -0.47
P LCG A 5 -5.55 8.44 -6.79
OP1 LCG A 5 -6.27 9.70 -7.03
O5' LCG A 5 -4.29 8.74 -5.82
C5' LCG A 5 -4.32 9.75 -4.83
C3' LCG A 5 -1.75 9.59 -4.75
C6' LCG A 5 -2.80 10.75 -2.95
N9 LCG A 5 -1.08 6.93 -3.05
C8 LCG A 5 -1.18 6.11 -4.16
C4 LCG A 5 -0.24 6.27 -2.19
N7 LCG A 5 -0.51 5.00 -4.05
C5 LCG A 5 0.09 5.08 -2.80
C6 LCG A 5 0.95 4.16 -2.11
C2' LCG A 5 -1.02 9.42 -3.43
O6 LCG A 5 1.34 3.07 -2.49
C4' LCG A 5 -3.06 9.63 -3.96
C1' LCG A 5 -1.72 8.24 -2.76
C2 LCG A 5 0.96 5.85 -0.33
N1 LCG A 5 1.37 4.64 -0.86
O4' LCG A 5 -3.04 8.38 -3.25
OP2 LCG A 5 -5.06 7.64 -7.95
N2 LCG A 5 1.44 6.17 0.88
N3 LCG A 5 0.17 6.72 -0.97
O2' LCG A 5 -1.41 10.56 -2.66
O3' LCG A 5 -1.35 10.80 -5.40
H5' LCG A 5 -5.21 9.66 -4.22
H5'' LCG A 5 -4.32 10.72 -5.33
H3' LCG A 5 -1.74 8.72 -5.41
H6'1 LCG A 5 -3.42 10.65 -2.05
H6'2 LCG A 5 -2.95 11.73 -3.41
H8 LCG A 5 -1.76 6.35 -5.04
H2' LCG A 5 0.05 9.28 -3.51
H1' LCG A 5 -1.68 8.41 -1.69
H1 LCG A 5 2.06 4.09 -0.36
H21 LCG A 5 2.06 5.55 1.37
H22 LCG A 5 1.17 7.05 1.28
P LCG B 3 -8.78 9.11 5.57
OP1 LCG B 3 -9.71 8.95 6.71
O5' LCG B 3 -7.31 9.35 6.15
C5' LCG B 3 -6.16 9.24 5.32
C3' LCG B 3 -3.92 8.05 5.08
C6' LCG B 3 -4.93 7.96 7.22
N9 LCG B 3 -4.37 5.00 4.26
C8 LCG B 3 -4.91 4.95 2.99
C4 LCG B 3 -3.52 3.92 4.31
N7 LCG B 3 -4.56 3.90 2.30
C5 LCG B 3 -3.68 3.22 3.14
C6 LCG B 3 -2.95 2.00 2.93
C2' LCG B 3 -3.56 6.79 5.86
O6 LCG B 3 -3.00 1.25 1.96
C4' LCG B 3 -5.29 8.04 5.72
C1' LCG B 3 -4.70 5.85 5.43
C2 LCG B 3 -2.00 2.46 5.14
N1 LCG B 3 -2.14 1.67 4.02
O4' LCG B 3 -5.77 6.78 5.25
OP2 LCG B 3 -9.05 10.11 4.52
N2 LCG B 3 -1.10 2.07 6.04
N3 LCG B 3 -2.70 3.58 5.35
O2' LCG B 3 -3.78 7.13 7.22
O3' LCG B 3 -3.14 9.20 5.38
H5' LCG B 3 -5.58 10.15 5.41
H5'' LCG B 3 -6.46 9.12 4.27
H3' LCG B 3 -4.01 7.87 4.01
H6'1 LCG B 3 -5.75 7.51 7.79
H6'2 LCG B 3 -4.68 8.95 7.63
H8 LCG B 3 -5.58 5.67 2.55
H2' LCG B 3 -2.55 6.40 5.67
H1' LCG B 3 -4.93 5.20 6.27
H1 LCG B 3 -1.67 0.77 3.99
H21 LCG B 3 -0.57 1.22 5.91
H22 LCG B 3 -0.97 2.64 6.87
P LCG B 5 4.09 9.24 6.74
OP1 LCG B 5 4.76 9.88 7.90
O5' LCG B 5 5.04 8.03 6.23
C5' LCG B 5 5.85 7.27 7.10
C3' LCG B 5 7.18 6.48 5.06
C6' LCG B 5 7.48 5.21 7.06
N9 LCG B 5 5.29 4.29 3.60
C8 LCG B 5 4.58 5.24 2.90
C4 LCG B 5 5.20 3.14 2.85
N7 LCG B 5 4.01 4.78 1.82
C5 LCG B 5 4.39 3.44 1.77
C6 LCG B 5 4.08 2.41 0.82
C2' LCG B 5 7.40 4.99 4.78
O6 LCG B 5 3.37 2.50 -0.18
C4' LCG B 5 6.44 6.08 6.33
C1' LCG B 5 6.01 4.38 4.88
C2 LCG B 5 5.47 0.98 2.24
N1 LCG B 5 4.68 1.19 1.12
O4' LCG B 5 5.40 5.21 5.85
OP2 LCG B 5 3.72 10.06 5.57
N2 LCG B 5 5.99 -0.24 2.39
N3 LCG B 5 5.77 1.94 3.13
O2' LCG B 5 8.09 4.54 5.95
O3' LCG B 5 8.43 7.16 5.20
H5' LCG B 5 5.27 6.91 7.95
H5'' LCG B 5 6.66 7.91 7.48
H3' LCG B 5 6.49 6.98 4.38
H6'1 LCG B 5 7.00 4.49 7.75
H6'2 LCG B 5 8.21 5.83 7.56
H8 LCG B 5 4.48 6.27 3.20
H2' LCG B 5 7.89 4.77 3.85
H1' LCG B 5 6.14 3.37 5.27
H1 LCG B 5 4.59 0.45 0.44
H21 LCG B 5 5.79 -0.96 1.72
H22 LCG B 5 6.59 -0.41 3.19
P LCG C 3 2.71 -1.61 13.41
OP1 LCG C 3 2.04 -2.46 14.42
O5' LCG C 3 3.71 -2.53 12.53
C5' LCG C 3 4.27 -2.05 11.33
C3' LCG C 3 4.53 -2.59 8.84
C6' LCG C 3 3.89 -4.39 10.25
N9 LCG C 3 1.74 -2.19 7.35
C8 LCG C 3 1.40 -0.85 7.37
C4 LCG C 3 1.32 -2.63 6.11
N7 LCG C 3 0.73 -0.46 6.34
C5 LCG C 3 0.65 -1.58 5.52
C6 LCG C 3 0.03 -1.77 4.24
C2' LCG C 3 3.68 -3.63 8.13
O6 LCG C 3 -0.63 -0.95 3.60
C4' LCG C 3 3.76 -2.85 10.13
C1' LCG C 3 2.27 -3.10 8.41
C2 LCG C 3 0.96 -4.03 4.37
N1 LCG C 3 0.22 -3.05 3.73
O4' LCG C 3 2.44 -2.50 9.70
OP2 LCG C 3 3.42 -0.38 13.81
N2 LCG C 3 1.17 -5.16 3.71
N3 LCG C 3 1.51 -3.87 5.58
O2' LCG C 3 3.84 -4.82 8.90
O3' LCG C 3 5.92 -2.88 8.93
H5' LCG C 3 5.36 -2.16 11.39
H5'' LCG C 3 4.03 -1.00 11.17
H3' LCG C 3 4.33 -1.58 8.50
H6'1 LCG C 3 3.06 -4.81 10.84
H6'2 LCG C 3 4.85 -4.67 10.69
H8 LCG C 3 1.63 -0.15 8.16
H2' LCG C 3 3.92 -3.76 7.08
H1' LCG C 3 1.59 -3.94 8.49
H1 LCG C 3 -0.27 -3.31 2.89
H21 LCG C 3 0.76 -5.30 2.79
H22 LCG C 3 1.72 -5.87 4.13
P LCG C 5 9.93 -6.05 3.62
OP1 LCG C 5 10.81 -7.22 3.79
O5' LCG C 5 9.44 -5.98 2.09
C5' LCG C 5 9.24 -7.15 1.30
C3' LCG C 5 9.30 -5.63 -0.78
C6' LCG C 5 8.43 -7.83 -1.09
N9 LCG C 5 6.45 -4.14 -0.87
C8 LCG C 5 6.87 -3.14 -0.02
C4 LCG C 5 5.46 -3.57 -1.63
N7 LCG C 5 6.20 -2.03 -0.13
C5 LCG C 5 5.28 -2.29 -1.15
C6 LCG C 5 4.27 -1.45 -1.73
C2' LCG C 5 8.18 -5.69 -1.82
O6 LCG C 5 3.98 -0.30 -1.42
C4' LCG C 5 8.57 -6.74 -0.03
C1' LCG C 5 6.90 -5.54 -1.01
C2 LCG C 5 3.82 -3.39 -3.16
N1 LCG C 5 3.57 -2.09 -2.76
O4' LCG C 5 7.27 -6.18 0.21
OP2 LCG C 5 10.42 -4.70 4.00
N2 LCG C 5 3.07 -3.86 -4.16
N3 LCG C 5 4.76 -4.17 -2.63
O2' LCG C 5 8.20 -7.04 -2.27
O3' LCG C 5 10.57 -5.95 -1.36
H5' LCG C 5 8.62 -7.87 1.82
H5'' LCG C 5 10.21 -7.59 1.10
H3' LCG C 5 9.33 -4.73 -0.17
H6'1 LCG C 5 7.58 -8.50 -0.90
H6'2 LCG C 5 9.35 -8.39 -1.20
H8 LCG C 5 7.68 -3.25 0.70
H2' LCG C 5 8.27 -4.94 -2.61
H1' LCG C 5 6.14 -6.11 -1.54
H1 LCG C 5 2.91 -1.53 -3.29
H21 LCG C 5 2.37 -3.28 -4.59
H22 LCG C 5 3.23 -4.81 -4.49
P LCG D 3 0.01 -13.72 0.96
OP1 LCG D 3 -1.08 -14.63 1.37
O5' LCG D 3 -0.22 -13.31 -0.58
C5' LCG D 3 0.50 -12.24 -1.17
C3' LCG D 3 0.19 -10.03 -2.42
C6' LCG D 3 -1.68 -11.48 -2.37
N9 LCG D 3 -0.93 -7.81 -0.40
C8 LCG D 3 0.02 -7.55 0.56
C4 LCG D 3 -1.52 -6.59 -0.65
N7 LCG D 3 0.01 -6.32 1.01
C5 LCG D 3 -0.99 -5.70 0.25
C6 LCG D 3 -1.47 -4.35 0.29
C2' LCG D 3 -1.13 -9.28 -2.47
O6 LCG D 3 -1.13 -3.44 1.03
C4' LCG D 3 -0.45 -11.09 -1.54
C1' LCG D 3 -1.42 -9.10 -0.97
C2 LCG D 3 -2.91 -5.06 -1.57
N1 LCG D 3 -2.47 -4.12 -0.67
O4' LCG D 3 -0.84 -10.28 -0.42
OP2 LCG D 3 1.42 -14.12 1.15
N2 LCG D 3 -3.77 -4.65 -2.49
N3 LCG D 3 -2.48 -6.34 -1.59
O2' LCG D 3 -2.07 -10.24 -2.96
O3' LCG D 3 0.67 -10.52 -3.66
H5' LCG D 3 0.98 -12.61 -2.08
H5'' LCG D 3 1.26 -11.87 -0.49
H3' LCG D 3 0.96 -9.49 -1.87
H6'1 LCG D 3 -2.48 -11.88 -1.75
H6'2 LCG D 3 -1.43 -12.19 -3.16
H8 LCG D 3 0.73 -8.25 0.97
H2' LCG D 3 -1.10 -8.36 -3.05
H1' LCG D 3 -2.50 -9.13 -0.83
H1 LCG D 3 -2.93 -3.22 -0.64
H21 LCG D 3 -4.11 -3.71 -2.50
H22 LCG D 3 -4.10 -5.32 -3.17
P LCG D 5 0.22 -6.93 -10.08
OP1 LCG D 5 -0.32 -7.47 -11.36
O5' LCG D 5 0.07 -5.33 -10.10
C5' LCG D 5 -0.99 -4.67 -10.77
C3' LCG D 5 0.38 -2.48 -10.64
C6' LCG D 5 -1.94 -2.26 -11.15
N9 LCG D 5 0.10 -1.46 -7.57
C8 LCG D 5 1.14 -2.24 -7.12
C4 LCG D 5 0.03 -0.41 -6.69
N7 LCG D 5 1.70 -1.80 -6.03
C5 LCG D 5 1.00 -0.64 -5.73
C6 LCG D 5 1.14 0.30 -4.66
C2' LCG D 5 -0.24 -1.22 -10.06
O6 LCG D 5 1.94 0.25 -3.73
C4' LCG D 5 -0.97 -3.18 -10.39
C1' LCG D 5 -0.82 -1.65 -8.72
C2 LCG D 5 -0.71 1.50 -5.72
N1 LCG D 5 0.24 1.36 -4.73
O4' LCG D 5 -1.18 -2.99 -9.00
OP2 LCG D 5 1.61 -7.26 -9.68
N2 LCG D 5 -1.49 2.56 -5.68
N3 LCG D 5 -0.84 0.63 -6.74
O2' LCG D 5 -1.37 -0.97 -10.89
O3' LCG D 5 0.78 -2.29 -12.00
H5' LCG D 5 -1.96 -5.10 -10.49
H5'' LCG D 5 -0.84 -4.78 -11.84
H3' LCG D 5 1.15 -2.96 -10.03
H6'1 LCG D 5 -2.96 -2.33 -10.75
H6'2 LCG D 5 -1.92 -2.46 -12.22
H8 LCG D 5 1.48 -3.14 -7.62
H2' LCG D 5 0.46 -0.39 -9.97
H1' LCG D 5 -1.70 -1.03 -8.55
H1 LCG D 5 0.37 2.12 -4.07
H21 LCG D 5 -1.40 3.24 -4.93
H22 LCG D 5 -2.19 2.69 -6.39
P LCG A 3 -11.53 -3.03 -6.92
OP1 LCG A 3 -12.90 -3.24 -6.41
O5' LCG A 3 -11.26 -1.45 -7.03
C5' LCG A 3 -9.95 -0.93 -7.20
C3' LCG A 3 -8.24 0.67 -6.16
C6' LCG A 3 -10.49 0.91 -5.43
N9 LCG A 3 -7.07 -0.63 -3.48
C8 LCG A 3 -6.34 -1.76 -3.80
C4 LCG A 3 -6.37 -0.05 -2.44
N7 LCG A 3 -5.34 -1.99 -2.99
C5 LCG A 3 -5.35 -0.92 -2.11
C6 LCG A 3 -4.50 -0.62 -1.00
C2' LCG A 3 -8.35 1.17 -4.73
O6 LCG A 3 -3.57 -1.29 -0.56
C4' LCG A 3 -9.50 -0.15 -5.94
C1' LCG A 3 -8.40 -0.14 -3.95
C2 LCG A 3 -5.85 1.41 -0.80
N1 LCG A 3 -4.84 0.59 -0.37
O4' LCG A 3 -9.07 -1.00 -4.87
OP2 LCG A 3 -11.09 -3.68 -8.17
N2 LCG A 3 -5.97 2.59 -0.18
N3 LCG A 3 -6.67 1.13 -1.82
O2' LCG A 3 -9.65 1.75 -4.65
O3' LCG A 3 -8.36 1.65 -7.17
H5' LCG A 3 -9.95 -0.26 -8.05
H5'' LCG A 3 -9.24 -1.74 -7.39
H3' LCG A 3 -7.39 0.02 -6.31
H6'1 LCG A 3 -11.27 0.46 -4.83
H6'2 LCG A 3 -10.93 1.48 -6.26
H8 LCG A 3 -6.53 -2.44 -4.62
H2' LCG A 3 -7.55 1.86 -4.43
H1' LCG A 3 -9.03 -0.01 -3.07
H1 LCG A 3 -4.35 0.84 0.48
H21 LCG A 3 -5.36 2.83 0.59
H22 LCG A 3 -6.69 3.22 -0.48
P LCG A 5 -5.51 8.42 -6.86
OP1 LCG A 5 -6.22 9.69 -7.13
O5' LCG A 5 -4.26 8.75 -5.88
C5' LCG A 5 -4.30 9.76 -4.90
C3' LCG A 5 -1.73 9.63 -4.78
C6' LCG A 5 -2.82 10.77 -2.98
N9 LCG A 5 -1.09 6.95 -3.09
C8 LCG A 5 -1.17 6.13 -4.18
C4 LCG A 5 -0.28 6.29 -2.20
N7 LCG A 5 -0.53 5.00 -4.06
C5 LCG A 5 0.05 5.08 -2.79
C6 LCG A 5 0.88 4.16 -2.09
C2' LCG A 5 -1.02 9.45 -3.44
O6 LCG A 5 1.26 3.05 -2.46
C4' LCG A 5 -3.06 9.65 -4.01
C1' LCG A 5 -1.71 8.26 -2.80
C2 LCG A 5 0.89 5.85 -0.32
N1 LCG A 5 1.28 4.64 -0.84
O4' LCG A 5 -3.04 8.40 -3.30
OP2 LCG A 5 -4.99 7.62 -7.99
N2 LCG A 5 1.34 6.17 0.89
N3 LCG A 5 0.11 6.73 -0.97
O2' LCG A 5 -1.43 10.58 -2.68
O3' LCG A 5 -1.32 10.84 -5.41
H5' LCG A 5 -5.20 9.68 -4.29
H5'' LCG A 5 -4.30 10.73 -5.41
H3' LCG A 5 -1.72 8.78 -5.45
H6'1 LCG A 5 -3.44 10.64 -2.08
H6'2 LCG A 5 -2.97 11.75 -3.44
H8 LCG A 5 -1.73 6.38 -5.08
H2' LCG A 5 0.05 9.31 -3.52
H1' LCG A 5 -1.69 8.43 -1.73
H1 LCG A 5 1.97 4.08 -0.34
H21 LCG A 5 1.95 5.54 1.39
H22 LCG A 5 1.09 7.06 1.29
P LCG B 3 -8.77 9.16 5.47
OP1 LCG B 3 -9.72 9.02 6.60
O5' LCG B 3 -7.30 9.41 6.07
C5' LCG B 3 -6.15 9.29 5.25
C3' LCG B 3 -3.91 8.09 5.05
C6' LCG B 3 -4.93 8.04 7.19
N9 LCG B 3 -4.38 5.02 4.26
C8 LCG B 3 -4.91 4.96 2.99
C4 LCG B 3 -3.54 3.94 4.34
N7 LCG B 3 -4.56 3.90 2.32
C5 LCG B 3 -3.69 3.24 3.16
C6 LCG B 3 -2.98 2.00 2.97
C2' LCG B 3 -3.56 6.84 5.84
O6 LCG B 3 -3.02 1.25 2.01
C4' LCG B 3 -5.28 8.10 5.67
C1' LCG B 3 -4.69 5.90 5.42
C2 LCG B 3 -2.04 2.47 5.19
N1 LCG B 3 -2.17 1.67 4.07
O4' LCG B 3 -5.77 6.82 5.23
OP2 LCG B 3 -9.03 10.16 4.40
N2 LCG B 3 -1.16 2.06 6.10
N3 LCG B 3 -2.73 3.60 5.39
O2' LCG B 3 -3.79 7.20 7.20
O3' LCG B 3 -3.12 9.24 5.33
H5' LCG B 3 -5.56 10.20 5.34
H5'' LCG B 3 -6.43 9.15 4.19
H3' LCG B 3 -3.98 7.89 3.98
H6'1 LCG B 3 -5.75 7.60 7.76
H6'2 LCG B 3 -4.67 9.02 7.57
H8 LCG B 3 -5.58 5.68 2.53
H2' LCG B 3 -2.56 6.44 5.66
H1' LCG B 3 -4.94 5.25 6.27
H1 LCG B 3 -1.69 0.78 4.05
H21 LCG B 3 -0.64 1.22 5.98
H22 LCG B 3 -1.04 2.63 6.93
P LCG B 5 4.09 9.23 6.81
OP1 LCG B 5 4.75 9.85 7.97
O5' LCG B 5 5.02 8.02 6.27
C5' LCG B 5 5.84 7.24 7.12
C3' LCG B 5 7.12 6.47 5.04
C6' LCG B 5 7.48 5.19 7.03
N9 LCG B 5 5.23 4.27 3.61
C8 LCG B 5 4.50 5.22 2.92
C4 LCG B 5 5.14 3.12 2.86
N7 LCG B 5 3.93 4.75 1.85
C5 LCG B 5 4.32 3.42 1.79
C6 LCG B 5 4.01 2.39 0.84
C2' LCG B 5 7.36 4.99 4.76
O6 LCG B 5 3.29 2.48 -0.15
C4' LCG B 5 6.41 6.07 6.33
C1' LCG B 5 5.97 4.36 4.89
C2 LCG B 5 5.42 0.97 2.25
N1 LCG B 5 4.63 1.17 1.13
O4' LCG B 5 5.37 5.19 5.87
OP2 LCG B 5 3.72 10.06 5.64
N2 LCG B 5 5.95 -0.25 2.39
N3 LCG B 5 5.72 1.93 3.14
O2' LCG B 5 8.07 4.54 5.91
O3' LCG B 5 8.35 7.18 5.16
H5' LCG B 5 5.26 6.87 7.98
H5'' LCG B 5 6.65 7.87 7.50
H3' LCG B 5 6.41 6.96 4.37
H6'1 LCG B 5 7.01 4.47 7.72
H6'2 LCG B 5 8.21 5.82 7.54
H8 LCG B 5 4.40 6.24 3.23
H2' LCG B 5 7.83 4.78 3.81
H1' LCG B 5 6.14 3.35 5.27
H1 LCG B 5 4.55 0.44 0.44
H21 LCG B 5 5.77 -0.97 1.72
H22 LCG B 5 6.55 -0.42 3.19
P LCG C 3 2.77 -1.66 13.38
OP1 LCG C 3 2.11 -2.51 14.39
O5' LCG C 3 3.77 -2.58 12.50
C5' LCG C 3 4.32 -2.10 11.29
C3' LCG C 3 4.55 -2.63 8.81
C6' LCG C 3 3.92 -4.44 10.21
N9 LCG C 3 1.74 -2.21 7.35
C8 LCG C 3 1.40 -0.87 7.39
C4 LCG C 3 1.30 -2.64 6.12
N7 LCG C 3 0.69 -0.47 6.37
C5 LCG C 3 0.61 -1.59 5.55
C6 LCG C 3 -0.03 -1.78 4.28
C2' LCG C 3 3.69 -3.66 8.10
O6 LCG C 3 -0.69 -0.95 3.65
C4' LCG C 3 3.79 -2.90 10.09
C1' LCG C 3 2.29 -3.12 8.40
C2 LCG C 3 0.92 -4.02 4.37
N1 LCG C 3 0.17 -3.06 3.75
O4' LCG C 3 2.46 -2.55 9.68
OP2 LCG C 3 3.49 -0.42 13.78
N2 LCG C 3 1.11 -5.16 3.69
N3 LCG C 3 1.49 -3.89 5.58
O2' LCG C 3 3.85 -4.86 8.86
O3' LCG C 3 5.94 -2.92 8.88
H5' LCG C 3 5.40 -2.21 11.35
H5'' LCG C 3 4.07 -1.04 11.14
H3' LCG C 3 4.36 -1.62 8.47
H6'1 LCG C 3 3.11 -4.86 10.80
H6'2 LCG C 3 4.89 -4.73 10.64
H8 LCG C 3 1.64 -0.18 8.18
H2' LCG C 3 3.92 -3.79 7.03
H1' LCG C 3 1.61 -3.97 8.49
H1 LCG C 3 -0.34 -3.30 2.90
H21 LCG C 3 0.71 -5.29 2.78
H22 LCG C 3 1.68 -5.88 4.11
P LCG C 5 9.93 -6.07 3.56
OP1 LCG C 5 10.80 -7.26 3.71
O5' LCG C 5 9.45 -5.99 2.03
C5' LCG C 5 9.24 -7.15 1.23
C3' LCG C 5 9.32 -5.62 -0.84
C6' LCG C 5 8.42 -7.80 -1.18
N9 LCG C 5 6.47 -4.10 -0.91
C8 LCG C 5 6.88 -3.11 -0.05
C4 LCG C 5 5.45 -3.55 -1.64
N7 LCG C 5 6.19 -2.01 -0.14
C5 LCG C 5 5.26 -2.27 -1.15
C6 LCG C 5 4.22 -1.44 -1.71
C2' LCG C 5 8.21 -5.64 -1.88
O6 LCG C 5 3.91 -0.31 -1.38
C4' LCG C 5 8.58 -6.71 -0.09
C1' LCG C 5 6.93 -5.50 -1.07
C2 LCG C 5 3.78 -3.37 -3.16
N1 LCG C 5 3.52 -2.08 -2.74
O4' LCG C 5 7.28 -6.15 0.13
OP2 LCG C 5 10.43 -4.74 3.96
N2 LCG C 5 3.04 -3.85 -4.15
N3 LCG C 5 4.75 -4.14 -2.64
O2' LCG C 5 8.21 -6.99 -2.34
O3' LCG C 5 10.59 -5.94 -1.42
H5' LCG C 5 8.61 -7.86 1.74
H5'' LCG C 5 10.21 -7.61 1.02
H3' LCG C 5 9.37 -4.72 -0.21
H6'1 LCG C 5 7.57 -8.45 -0.99
H6'2 LCG C 5 9.34 -8.37 -1.30
H8 LCG C 5 7.70 -3.22 0.65
H2' LCG C 5 8.31 -4.88 -2.66
H1' LCG C 5 6.16 -6.06 -1.60
H1 LCG C 5 2.86 -1.51 -3.25
H21 LCG C 5 2.32 -3.27 -4.57
H22 LCG C 5 3.21 -4.78 -4.49
P LCG D 3 0.11 -13.72 0.99
OP1 LCG D 3 -0.98 -14.65 1.39
O5' LCG D 3 -0.10 -13.32 -0.55
C5' LCG D 3 0.60 -12.23 -1.13
C3' LCG D 3 0.28 -10.03 -2.38
C6' LCG D 3 -1.57 -11.51 -2.36
N9 LCG D 3 -0.91 -7.83 -0.39
C8 LCG D 3 0.03 -7.54 0.59
C4 LCG D 3 -1.51 -6.62 -0.64
N7 LCG D 3 -0.01 -6.31 1.03
C5 LCG D 3 -1.00 -5.72 0.26
C6 LCG D 3 -1.50 -4.37 0.29
C2' LCG D 3 -1.06 -9.31 -2.45
O6 LCG D 3 -1.18 -3.46 1.03
C4' LCG D 3 -0.37 -11.10 -1.50
C1' LCG D 3 -1.38 -9.13 -0.95
C2 LCG D 3 -2.91 -5.11 -1.58
N1 LCG D 3 -2.50 -4.15 -0.68
O4' LCG D 3 -0.78 -10.30 -0.40
OP2 LCG D 3 1.52 -14.10 1.21
N2 LCG D 3 -3.78 -4.72 -2.51
N3 LCG D 3 -2.47 -6.38 -1.59
O2' LCG D 3 -1.97 -10.28 -2.95
O3' LCG D 3 0.79 -10.51 -3.61
H5' LCG D 3 1.11 -12.59 -2.02
H5'' LCG D 3 1.35 -11.85 -0.42
H3' LCG D 3 1.02 -9.47 -1.80
H6'1 LCG D 3 -2.37 -11.93 -1.74
H6'2 LCG D 3 -1.29 -12.23 -3.15
H8 LCG D 3 0.75 -8.24 1.02
H2' LCG D 3 -1.05 -8.38 -3.02
H1' LCG D 3 -2.45 -9.18 -0.82
H1 LCG D 3 -2.97 -3.25 -0.66
H21 LCG D 3 -4.13 -3.77 -2.52
H22 LCG D 3 -4.09 -5.38 -3.19
P LCG D 5 0.39 -6.91 -10.02
OP1 LCG D 5 -0.10 -7.46 -11.30
O5' LCG D 5 0.18 -5.31 -10.04
C5' LCG D 5 -0.88 -4.69 -10.74
C3' LCG D 5 0.41 -2.47 -10.58
C6' LCG D 5 -1.90 -2.30 -11.14
N9 LCG D 5 0.09 -1.46 -7.55
C8 LCG D 5 1.14 -2.23 -7.10
C4 LCG D 5 0.01 -0.41 -6.67
N7 LCG D 5 1.69 -1.77 -6.01
C5 LCG D 5 0.97 -0.62 -5.71
C6 LCG D 5 1.11 0.32 -4.63
C2' LCG D 5 -0.24 -1.21 -10.03
O6 LCG D 5 1.90 0.27 -3.70
C4' LCG D 5 -0.91 -3.20 -10.36
C1' LCG D 5 -0.83 -1.66 -8.70
C2 LCG D 5 -0.74 1.50 -5.71
N1 LCG D 5 0.20 1.37 -4.71
O4' LCG D 5 -1.17 -3.01 -8.97
OP2 LCG D 5 1.77 -7.19 -9.58
N2 LCG D 5 -1.54 2.56 -5.67
N3 LCG D 5 -0.87 0.63 -6.73
O2' LCG D 5 -1.35 -1.00 -10.89
O3' LCG D 5 0.86 -2.29 -11.93
H5' LCG D 5 -1.84 -5.14 -10.47
H5'' LCG D 5 -0.72 -4.81 -11.81
H3' LCG D 5 1.18 -2.93 -9.96
H6'1 LCG D 5 -2.92 -2.39 -10.75
H6'2 LCG D 5 -1.86 -2.51 -12.21
H8 LCG D 5 1.49 -3.13 -7.58
H2' LCG D 5 0.44 -0.37 -9.94
H1' LCG D 5 -1.72 -1.05 -8.54
H1 LCG D 5 0.31 2.12 -4.05
H21 LCG D 5 -1.45 3.24 -4.92
H22 LCG D 5 -2.24 2.68 -6.39
P LCG A 3 -11.44 -3.09 -6.97
OP1 LCG A 3 -12.81 -3.36 -6.48
O5' LCG A 3 -11.22 -1.49 -7.03
C5' LCG A 3 -9.92 -0.94 -7.20
C3' LCG A 3 -8.24 0.66 -6.16
C6' LCG A 3 -10.49 0.88 -5.44
N9 LCG A 3 -7.03 -0.61 -3.48
C8 LCG A 3 -6.30 -1.74 -3.81
C4 LCG A 3 -6.35 -0.03 -2.45
N7 LCG A 3 -5.30 -1.96 -3.01
C5 LCG A 3 -5.32 -0.88 -2.12
C6 LCG A 3 -4.45 -0.58 -1.02
C2' LCG A 3 -8.36 1.18 -4.73
O6 LCG A 3 -3.52 -1.24 -0.59
C4' LCG A 3 -9.49 -0.17 -5.95
C1' LCG A 3 -8.38 -0.15 -3.95
C2 LCG A 3 -5.82 1.44 -0.81
N1 LCG A 3 -4.80 0.62 -0.39
O4' LCG A 3 -9.05 -1.01 -4.87
OP2 LCG A 3 -10.99 -3.68 -8.26
N2 LCG A 3 -5.95 2.61 -0.19
N3 LCG A 3 -6.65 1.14 -1.83
O2' LCG A 3 -9.66 1.73 -4.65
O3' LCG A 3 -8.36 1.65 -7.17
H5' LCG A 3 -9.95 -0.27 -8.05
H5'' LCG A 3 -9.19 -1.74 -7.40
H3' LCG A 3 -7.38 0.02 -6.30
H6'1 LCG A 3 -11.27 0.43 -4.83
H6'2 LCG A 3 -10.93 1.46 -6.25
H8 LCG A 3 -6.51 -2.42 -4.61
H2' LCG A 3 -7.57 1.86 -4.43
H1' LCG A 3 -9.01 -0.01 -3.07
H1 LCG A 3 -4.30 0.86 0.47
H21 LCG A 3 -5.34 2.86 0.58
H22 LCG A 3 -6.67 3.24 -0.48
P LCG A 5 -5.55 8.45 -6.80
OP1 LCG A 5 -6.27 9.72 -7.06
O5' LCG A 5 -4.30 8.76 -5.82
C5' LCG A 5 -4.36 9.78 -4.83
C3' LCG A 5 -1.78 9.65 -4.69
C6' LCG A 5 -2.88 10.76 -2.90
N9 LCG A 5 -1.12 6.97 -3.04
C8 LCG A 5 -1.20 6.16 -4.16
C4 LCG A 5 -0.28 6.29 -2.18
N7 LCG A 5 -0.53 5.05 -4.05
C5 LCG A 5 0.06 5.11 -2.79
C6 LCG A 5 0.90 4.18 -2.10
C2' LCG A 5 -1.08 9.46 -3.36
O6 LCG A 5 1.29 3.09 -2.50
C4' LCG A 5 -3.11 9.64 -3.93
C1' LCG A 5 -1.77 8.25 -2.73
C2 LCG A 5 0.90 5.85 -0.30
N1 LCG A 5 1.31 4.64 -0.84
O4' LCG A 5 -3.08 8.40 -3.24
OP2 LCG A 5 -5.03 7.66 -7.94
N2 LCG A 5 1.36 6.16 0.90
N3 LCG A 5 0.11 6.72 -0.94
O2' LCG A 5 -1.50 10.58 -2.58
O3' LCG A 5 -1.38 10.87 -5.32
H5' LCG A 5 -5.25 9.67 -4.21
H5'' LCG A 5 -4.36 10.75 -5.32
H3' LCG A 5 -1.76 8.80 -5.38
H6'1 LCG A 5 -3.51 10.63 -2.00
H6'2 LCG A 5 -3.03 11.75 -3.34
H8 LCG A 5 -1.76 6.42 -5.04
H2' LCG A 5 0.00 9.33 -3.44
H1' LCG A 5 -1.75 8.41 -1.66
H1 LCG A 5 2.00 4.09 -0.36
H21 LCG A 5 1.97 5.52 1.39
H22 LCG A 5 1.09 7.03 1.32
P LCG B 3 -8.81 9.08 5.47
OP1 LCG B 3 -9.79 8.92 6.57
O5' LCG B 3 -7.35 9.31 6.12
C5' LCG B 3 -6.18 9.22 5.33
C3' LCG B 3 -3.92 8.03 5.15
C6' LCG B 3 -4.98 7.94 7.27
N9 LCG B 3 -4.38 4.99 4.30
C8 LCG B 3 -4.92 4.93 3.03
C4 LCG B 3 -3.51 3.91 4.35
N7 LCG B 3 -4.56 3.87 2.35
C5 LCG B 3 -3.67 3.21 3.18
C6 LCG B 3 -2.95 2.00 2.98
C2' LCG B 3 -3.58 6.77 5.92
O6 LCG B 3 -2.99 1.24 2.00
C4' LCG B 3 -5.31 8.02 5.75
C1' LCG B 3 -4.71 5.84 5.48
C2 LCG B 3 -1.98 2.46 5.17
N1 LCG B 3 -2.12 1.67 4.05
O4' LCG B 3 -5.79 6.76 5.29
OP2 LCG B 3 -9.02 10.10 4.42
N2 LCG B 3 -1.05 2.10 6.06
N3 LCG B 3 -2.68 3.59 5.38
O2' LCG B 3 -3.84 7.11 7.28
O3' LCG B 3 -3.16 9.18 5.46
H5' LCG B 3 -5.60 10.14 5.46
H5'' LCG B 3 -6.44 9.10 4.28
H3' LCG B 3 -3.99 7.86 4.08
H6'1 LCG B 3 -5.81 7.50 7.82
H6'2 LCG B 3 -4.74 8.94 7.67
H8 LCG B 3 -5.61 5.64 2.59
H2' LCG B 3 -2.58 6.39 5.75
H1' LCG B 3 -4.96 5.17 6.31
H1 LCG B 3 -1.64 0.77 4.04
H21 LCG B 3 -0.51 1.26 5.92
H22 LCG B 3 -0.92 2.67 6.88
P LCG B 5 4.07 9.21 6.81
OP1 LCG B 5 4.75 9.84 7.96
O5' LCG B 5 5.02 8.01 6.26
C5' LCG B 5 5.85 7.24 7.11
C3' LCG B 5 7.14 6.46 5.02
C6' LCG B 5 7.50 5.20 7.01
N9 LCG B 5 5.25 4.26 3.60
C8 LCG B 5 4.52 5.20 2.91
C4 LCG B 5 5.18 3.12 2.84
N7 LCG B 5 3.95 4.75 1.83
C5 LCG B 5 4.35 3.42 1.77
C6 LCG B 5 4.05 2.40 0.82
C2' LCG B 5 7.37 4.99 4.76
O6 LCG B 5 3.33 2.48 -0.18
C4' LCG B 5 6.43 6.07 6.32
C1' LCG B 5 6.00 4.35 4.88
C2 LCG B 5 5.46 0.97 2.21
N1 LCG B 5 4.66 1.18 1.10
O4' LCG B 5 5.39 5.19 5.86
OP2 LCG B 5 3.68 10.04 5.65
N2 LCG B 5 5.99 -0.24 2.37
N3 LCG B 5 5.76 1.92 3.11
O2' LCG B 5 8.09 4.54 5.90
O3' LCG B 5 8.38 7.17 5.13
H5' LCG B 5 5.29 6.87 7.97
H5'' LCG B 5 6.66 7.88 7.47
H3' LCG B 5 6.44 6.96 4.35
H6'1 LCG B 5 7.06 4.49 7.73
H6'2 LCG B 5 8.24 5.84 7.50
H8 LCG B 5 4.41 6.23 3.24
H2' LCG B 5 7.84 4.77 3.80
H1' LCG B 5 6.15 3.35 5.26
H1 LCG B 5 4.57 0.43 0.42
H21 LCG B 5 5.81 -0.97 1.69
H22 LCG B 5 6.59 -0.42 3.16
P LCG C 3 2.79 -1.57 13.38
OP1 LCG C 3 2.11 -2.41 14.40
O5' LCG C 3 3.77 -2.52 12.53
C5' LCG C 3 4.34 -2.07 11.31
C3' LCG C 3 4.59 -2.63 8.84
C6' LCG C 3 3.92 -4.41 10.26
N9 LCG C 3 1.79 -2.19 7.35
C8 LCG C 3 1.46 -0.85 7.38
C4 LCG C 3 1.35 -2.63 6.12
N7 LCG C 3 0.77 -0.45 6.35
C5 LCG C 3 0.69 -1.57 5.53
C6 LCG C 3 0.05 -1.75 4.26
C2' LCG C 3 3.72 -3.67 8.13
O6 LCG C 3 -0.60 -0.93 3.63
C4' LCG C 3 3.81 -2.88 10.12
C1' LCG C 3 2.31 -3.10 8.41
C2 LCG C 3 0.96 -4.02 4.38
N1 LCG C 3 0.22 -3.04 3.76
O4' LCG C 3 2.49 -2.51 9.70
OP2 LCG C 3 3.53 -0.36 13.79
N2 LCG C 3 1.14 -5.16 3.72
N3 LCG C 3 1.52 -3.87 5.59
O2' LCG C 3 3.85 -4.85 8.90
O3' LCG C 3 5.96 -2.94 8.91
H5' LCG C 3 5.42 -2.19 11.38
H5'' LCG C 3 4.11 -1.01 11.15
H3' LCG C 3 4.40 -1.62 8.49
H6'1 LCG C 3 3.10 -4.81 10.84
H6'2 LCG C 3 4.88 -4.71 10.69
H8 LCG C 3 1.70 -0.15 8.17
H2' LCG C 3 3.94 -3.80 7.07
H1' LCG C 3 1.61 -3.94 8.50
H1 LCG C 3 -0.27 -3.28 2.91
H21 LCG C 3 0.72 -5.30 2.81
H22 LCG C 3 1.68 -5.90 4.15
P LCG C 5 9.91 -6.09 3.55
OP1 LCG C 5 10.80 -7.27 3.70
O5' LCG C 5 9.42 -6.03 2.02
C5' LCG C 5 9.21 -7.19 1.22
C3' LCG C 5 9.27 -5.67 -0.86
C6' LCG C 5 8.37 -7.86 -1.17
N9 LCG C 5 6.43 -4.14 -0.91
C8 LCG C 5 6.85 -3.16 -0.05
C4 LCG C 5 5.42 -3.58 -1.65
N7 LCG C 5 6.17 -2.04 -0.16
C5 LCG C 5 5.25 -2.30 -1.17
C6 LCG C 5 4.23 -1.47 -1.73
C2' LCG C 5 8.15 -5.71 -1.89
O6 LCG C 5 3.94 -0.32 -1.41
C4' LCG C 5 8.53 -6.77 -0.09
C1' LCG C 5 6.88 -5.55 -1.07
C2 LCG C 5 3.76 -3.38 -3.18
N1 LCG C 5 3.52 -2.09 -2.76
O4' LCG C 5 7.25 -6.20 0.14
OP2 LCG C 5 10.41 -4.75 3.93
N2 LCG C 5 3.02 -3.85 -4.17
N3 LCG C 5 4.72 -4.18 -2.65
O2' LCG C 5 8.14 -7.07 -2.34
O3' LCG C 5 10.53 -6.01 -1.45
H5' LCG C 5 8.58 -7.90 1.75
H5'' LCG C 5 10.17 -7.64 1.02
H3' LCG C 5 9.33 -4.78 -0.24
H6'1 LCG C 5 7.52 -8.52 -0.97
H6'2 LCG C 5 9.29 -8.43 -1.29
H8 LCG C 5 7.67 -3.28 0.65
H2' LCG C 5 8.24 -4.96 -2.67
H1' LCG C 5 6.10 -6.11 -1.59
H1 LCG C 5 2.87 -1.52 -3.28
H21 LCG C 5 2.31 -3.27 -4.59
H22 LCG C 5 3.17 -4.78 -4.51
P LCG D 3 0.00 -13.72 1.02
OP1 LCG D 3 -1.09 -14.64 1.43
O5' LCG D 3 -0.23 -13.31 -0.51
C5' LCG D 3 0.48 -12.23 -1.10
C3' LCG D 3 0.17 -10.03 -2.36
C6' LCG D 3 -1.71 -11.49 -2.31
N9 LCG D 3 -0.95 -7.81 -0.35
C8 LCG D 3 0.00 -7.54 0.62
C4 LCG D 3 -1.54 -6.59 -0.62
N7 LCG D 3 -0.03 -6.31 1.05
C5 LCG D 3 -1.01 -5.69 0.29
C6 LCG D 3 -1.49 -4.34 0.31
C2' LCG D 3 -1.17 -9.29 -2.41
O6 LCG D 3 -1.15 -3.42 1.05
C4' LCG D 3 -0.47 -11.08 -1.47
C1' LCG D 3 -1.44 -9.10 -0.91
C2 LCG D 3 -2.90 -5.05 -1.56
N1 LCG D 3 -2.47 -4.10 -0.66
O4' LCG D 3 -0.86 -10.27 -0.36
OP2 LCG D 3 1.42 -14.11 1.21
N2 LCG D 3 -3.74 -4.64 -2.51
N3 LCG D 3 -2.48 -6.33 -1.56
O2' LCG D 3 -2.09 -10.25 -2.89
O3' LCG D 3 0.64 -10.51 -3.60
H5' LCG D 3 0.97 -12.59 -2.00
H5'' LCG D 3 1.23 -11.86 -0.42
H3' LCG D 3 0.93 -9.48 -1.80
H6'1 LCG D 3 -2.50 -11.89 -1.68
H6'2 LCG D 3 -1.44 -12.20 -3.09
H8 LCG D 3 0.70 -8.24 1.04
H2' LCG D 3 -1.15 -8.35 -2.99
H1' LCG D 3 -2.53 -9.13 -0.76
H1 LCG D 3 -2.94 -3.21 -0.64
H21 LCG D 3 -4.07 -3.68 -2.54
H22 LCG D 3 -4.06 -5.31 -3.19
P LCG D 5 0.26 -6.91 -10.01
OP1 LCG D 5 -0.25 -7.46 -11.29
O5' LCG D 5 0.09 -5.30 -10.04
C5' LCG D 5 -0.97 -4.66 -10.74
C3' LCG D 5 0.38 -2.46 -10.61
C6' LCG D 5 -1.93 -2.26 -11.16
N9 LCG D 5 0.08 -1.44 -7.56
C8 LCG D 5 1.12 -2.22 -7.11
C4 LCG D 5 0.01 -0.38 -6.70
N7 LCG D 5 1.68 -1.77 -6.02
C5 LCG D 5 0.97 -0.60 -5.74
C6 LCG D 5 1.12 0.35 -4.67
C2' LCG D 5 -0.24 -1.20 -10.05
O6 LCG D 5 1.91 0.29 -3.73
C4' LCG D 5 -0.96 -3.18 -10.37
C1' LCG D 5 -0.84 -1.63 -8.71
C2 LCG D 5 -0.71 1.54 -5.75
N1 LCG D 5 0.23 1.41 -4.75
O4' LCG D 5 -1.19 -2.98 -8.98
OP2 LCG D 5 1.64 -7.21 -9.58
N2 LCG D 5 -1.50 2.61 -5.71
N3 LCG D 5 -0.86 0.67 -6.76
O2' LCG D 5 -1.37 -0.97 -10.91
O3' LCG D 5 0.81 -2.29 -11.96
H5' LCG D 5 -1.92 -5.10 -10.46
H5'' LCG D 5 -0.81 -4.79 -11.81
H3' LCG D 5 1.15 -2.94 -9.99
H6'1 LCG D 5 -2.96 -2.34 -10.78
H6'2 LCG D 5 -1.90 -2.48 -12.22
H8 LCG D 5 1.45 -3.12 -7.60
H2' LCG D 5 0.44 -0.37 -9.96
H1' LCG D 5 -1.72 -1.01 -8.56
H1 LCG D 5 0.33 2.16 -4.08
H21 LCG D 5 -1.40 3.29 -4.96
H22 LCG D 5 -2.20 2.74 -6.43
P LCG A 3 -11.48 -3.04 -6.98
OP1 LCG A 3 -12.87 -3.28 -6.52
O5' LCG A 3 -11.24 -1.45 -7.06
C5' LCG A 3 -9.92 -0.92 -7.19
C3' LCG A 3 -8.26 0.68 -6.10
C6' LCG A 3 -10.51 0.88 -5.41
N9 LCG A 3 -7.10 -0.65 -3.44
C8 LCG A 3 -6.37 -1.78 -3.75
C4 LCG A 3 -6.40 -0.07 -2.38
N7 LCG A 3 -5.38 -2.01 -2.93
C5 LCG A 3 -5.39 -0.94 -2.06
C6 LCG A 3 -4.52 -0.64 -0.96
C2' LCG A 3 -8.39 1.17 -4.67
O6 LCG A 3 -3.59 -1.31 -0.52
C4' LCG A 3 -9.50 -0.17 -5.93
C1' LCG A 3 -8.42 -0.17 -3.91
C2 LCG A 3 -5.84 1.41 -0.78
N1 LCG A 3 -4.84 0.59 -0.35
O4' LCG A 3 -9.08 -1.02 -4.85
OP2 LCG A 3 -11.00 -3.66 -8.23
N2 LCG A 3 -5.95 2.60 -0.18
N3 LCG A 3 -6.69 1.12 -1.79
O2' LCG A 3 -9.70 1.72 -4.60
O3' LCG A 3 -8.37 1.67 -7.11
H5' LCG A 3 -9.92 -0.23 -8.04
H5'' LCG A 3 -9.20 -1.72 -7.38
H3' LCG A 3 -7.39 0.04 -6.25
H6'1 LCG A 3 -11.31 0.41 -4.82
H6'2 LCG A 3 -10.94 1.46 -6.23
H8 LCG A 3 -6.56 -2.47 -4.56
H2' LCG A 3 -7.61 1.85 -4.35
H1' LCG A 3 -9.07 -0.05 -3.04
H1 LCG A 3 -4.33 0.83 0.50
H21 LCG A 3 -5.34 2.85 0.58
H22 LCG A 3 -6.67 3.23 -0.49
P LCG A 5 -5.59 8.46 -6.74
OP1 LCG A 5 -6.30 9.73 -6.98
O5' LCG A 5 -4.31 8.75 -5.79
C5' LCG A 5 -4.33 9.77 -4.80
C3' LCG A 5 -1.76 9.61 -4.73
C6' LCG A 5 -2.80 10.76 -2.92
N9 LCG A 5 -1.08 6.94 -3.04
C8 LCG A 5 -1.19 6.11 -4.13
C4 LCG A 5 -0.23 6.28 -2.18
N7 LCG A 5 -0.52 4.99 -4.01
C5 LCG A 5 0.08 5.08 -2.77
C6 LCG A 5 0.94 4.17 -2.08
C2' LCG A 5 -1.02 9.42 -3.41
O6 LCG A 5 1.32 3.07 -2.45
C4' LCG A 5 -3.06 9.63 -3.94
C1' LCG A 5 -1.71 8.24 -2.75
C2 LCG A 5 0.98 5.86 -0.32
N1 LCG A 5 1.37 4.65 -0.83
O4' LCG A 5 -3.05 8.39 -3.23
OP2 LCG A 5 -5.10 7.67 -7.90
N2 LCG A 5 1.46 6.19 0.88
N3 LCG A 5 0.18 6.74 -0.95
O2' LCG A 5 -1.41 10.57 -2.64
O3' LCG A 5 -1.36 10.82 -5.39
H5' LCG A 5 -5.21 9.69 -4.17
H5'' LCG A 5 -4.34 10.74 -5.29
H3' LCG A 5 -1.76 8.75 -5.40
H6'1 LCG A 5 -3.40 10.65 -2.01
H6'2 LCG A 5 -2.95 11.74 -3.38
H8 LCG A 5 -1.77 6.34 -5.01
H2' LCG A 5 0.05 9.28 -3.51
H1' LCG A 5 -1.67 8.41 -1.67
H1 LCG A 5 2.06 4.09 -0.34
H21 LCG A 5 2.08 5.57 1.38
H22 LCG A 5 1.21 7.08 1.28
P LCG B 3 -8.79 9.12 5.43
OP1 LCG B 3 -9.76 8.97 6.52
O5' LCG B 3 -7.32 9.33 6.08
C5' LCG B 3 -6.16 9.24 5.29
C3' LCG B 3 -3.90 8.05 5.10
C6' LCG B 3 -4.95 7.97 7.22
N9 LCG B 3 -4.35 5.01 4.27
C8 LCG B 3 -4.90 4.95 2.99
C4 LCG B 3 -3.48 3.94 4.31
N7 LCG B 3 -4.53 3.89 2.31
C5 LCG B 3 -3.64 3.23 3.14
C6 LCG B 3 -2.92 2.00 2.95
C2' LCG B 3 -3.55 6.80 5.88
O6 LCG B 3 -2.98 1.25 1.98
C4' LCG B 3 -5.28 8.05 5.72
C1' LCG B 3 -4.69 5.86 5.44
C2 LCG B 3 -1.95 2.48 5.14
N1 LCG B 3 -2.09 1.69 4.02
O4' LCG B 3 -5.76 6.78 5.26
OP2 LCG B 3 -8.98 10.15 4.38
N2 LCG B 3 -1.03 2.12 6.03
N3 LCG B 3 -2.65 3.62 5.35
O2' LCG B 3 -3.79 7.13 7.24
O3' LCG B 3 -3.13 9.20 5.40
H5' LCG B 3 -5.58 10.15 5.40
H5'' LCG B 3 -6.41 9.12 4.23
H3' LCG B 3 -3.98 7.87 4.02
H6'1 LCG B 3 -5.77 7.53 7.79
H6'2 LCG B 3 -4.70 8.96 7.63
H8 LCG B 3 -5.58 5.66 2.56
H2' LCG B 3 -2.55 6.41 5.70
H1' LCG B 3 -4.92 5.19 6.27
H1 LCG B 3 -1.62 0.79 4.01
H21 LCG B 3 -0.49 1.27 5.90
H22 LCG B 3 -0.89 2.69 6.85
P LCG B 5 4.11 9.25 6.76
OP1 LCG B 5 4.77 9.90 7.91
O5' LCG B 5 5.05 8.05 6.23
C5' LCG B 5 5.87 7.29 7.10
C3' LCG B 5 7.18 6.49 5.03
C6' LCG B 5 7.50 5.25 7.03
N9 LCG B 5 5.30 4.30 3.60
C8 LCG B 5 4.59 5.24 2.90
C4 LCG B 5 5.21 3.14 2.85
N7 LCG B 5 4.03 4.78 1.82
C5 LCG B 5 4.41 3.44 1.78
C6 LCG B 5 4.10 2.41 0.82
C2' LCG B 5 7.41 5.01 4.78
O6 LCG B 5 3.40 2.49 -0.17
C4' LCG B 5 6.45 6.11 6.32
C1' LCG B 5 6.03 4.39 4.89
C2 LCG B 5 5.50 0.98 2.25
N1 LCG B 5 4.71 1.19 1.13
O4' LCG B 5 5.41 5.23 5.85
OP2 LCG B 5 3.72 10.08 5.58
N2 LCG B 5 6.02 -0.23 2.41
N3 LCG B 5 5.79 1.94 3.14
O2' LCG B 5 8.12 4.57 5.94
O3' LCG B 5 8.42 7.20 5.15
H5' LCG B 5 5.29 6.93 7.95
H5'' LCG B 5 6.67 7.93 7.46
H3' LCG B 5 6.49 6.99 4.35
H6'1 LCG B 5 7.05 4.54 7.75
H6'2 LCG B 5 8.24 5.88 7.53
H8 LCG B 5 4.50 6.27 3.21
H2' LCG B 5 7.89 4.79 3.83
H1' LCG B 5 6.17 3.38 5.28
H1 LCG B 5 4.61 0.44 0.45
H21 LCG B 5 5.82 -0.96 1.74
H22 LCG B 5 6.60 -0.41 3.21
P LCG C 3 2.72 -1.59 13.37
OP1 LCG C 3 2.04 -2.45 14.38
O5' LCG C 3 3.74 -2.52 12.53
C5' LCG C 3 4.31 -2.05 11.33
C3' LCG C 3 4.58 -2.61 8.85
C6' LCG C 3 3.92 -4.39 10.26
N9 LCG C 3 1.79 -2.17 7.35
C8 LCG C 3 1.46 -0.83 7.37
C4 LCG C 3 1.35 -2.62 6.12
N7 LCG C 3 0.78 -0.44 6.33
C5 LCG C 3 0.69 -1.56 5.52
C6 LCG C 3 0.05 -1.76 4.25
C2' LCG C 3 3.72 -3.63 8.14
O6 LCG C 3 -0.60 -0.94 3.60
C4' LCG C 3 3.80 -2.86 10.12
C1' LCG C 3 2.31 -3.08 8.41
C2 LCG C 3 0.96 -4.02 4.38
N1 LCG C 3 0.22 -3.04 3.76
O4' LCG C 3 2.49 -2.49 9.70
OP2 LCG C 3 3.42 -0.36 13.80
N2 LCG C 3 1.12 -5.17 3.74
N3 LCG C 3 1.52 -3.86 5.60
O2' LCG C 3 3.86 -4.83 8.91
O3' LCG C 3 5.96 -2.91 8.94
H5' LCG C 3 5.39 -2.16 11.39
H5'' LCG C 3 4.08 -1.00 11.17
H3' LCG C 3 4.40 -1.59 8.50
H6'1 LCG C 3 3.09 -4.80 10.84
H6'2 LCG C 3 4.87 -4.69 10.70
H8 LCG C 3 1.70 -0.13 8.15
H2' LCG C 3 3.96 -3.77 7.08
H1' LCG C 3 1.62 -3.92 8.49
H1 LCG C 3 -0.28 -3.29 2.91
H21 LCG C 3 0.71 -5.31 2.83
H22 LCG C 3 1.67 -5.90 4.17
P LCG C 5 9.97 -6.02 3.61
OP1 LCG C 5 10.87 -7.19 3.77
O5' LCG C 5 9.49 -5.97 2.07
C5' LCG C 5 9.30 -7.14 1.28
C3' LCG C 5 9.36 -5.65 -0.82
C6' LCG C 5 8.46 -7.83 -1.11
N9 LCG C 5 6.50 -4.12 -0.88
C8 LCG C 5 6.93 -3.13 -0.03
C4 LCG C 5 5.49 -3.58 -1.61
N7 LCG C 5 6.23 -2.03 -0.13
C5 LCG C 5 5.30 -2.30 -1.13
C6 LCG C 5 4.27 -1.48 -1.69
C2' LCG C 5 8.23 -5.69 -1.85
O6 LCG C 5 3.97 -0.34 -1.37
C4' LCG C 5 8.62 -6.74 -0.04
C1' LCG C 5 6.96 -5.52 -1.03
C2 LCG C 5 3.81 -3.41 -3.12
N1 LCG C 5 3.56 -2.11 -2.71
O4' LCG C 5 7.33 -6.16 0.19
OP2 LCG C 5 10.45 -4.68 3.99
N2 LCG C 5 3.06 -3.88 -4.11
N3 LCG C 5 4.78 -4.18 -2.60
O2' LCG C 5 8.22 -7.05 -2.28
O3' LCG C 5 10.61 -5.99 -1.42
H5' LCG C 5 8.67 -7.85 1.81
H5'' LCG C 5 10.27 -7.58 1.09
H3' LCG C 5 9.42 -4.75 -0.21
H6'1 LCG C 5 7.60 -8.49 -0.88
H6'2 LCG C 5 9.38 -8.41 -1.22
H8 LCG C 5 7.74 -3.23 0.67
H2' LCG C 5 8.32 -4.96 -2.63
H1' LCG C 5 6.19 -6.10 -1.53
H1 LCG C 5 2.89 -1.56 -3.23
H21 LCG C 5 2.34 -3.32 -4.52
H22 LCG C 5 3.23 -4.82 -4.44
P LCG D 3 0.13 -13.74 0.96
OP1 LCG D 3 -0.96 -14.68 1.34
O5' LCG D 3 -0.07 -13.33 -0.58
C5' LCG D 3 0.62 -12.22 -1.15
C3' LCG D 3 0.27 -10.01 -2.37
C6' LCG D 3 -1.58 -11.50 -2.35
N9 LCG D 3 -0.91 -7.83 -0.35
C8 LCG D 3 0.04 -7.55 0.61
C4 LCG D 3 -1.52 -6.62 -0.60
N7 LCG D 3 0.01 -6.32 1.04
C5 LCG D 3 -0.99 -5.71 0.29
C6 LCG D 3 -1.49 -4.37 0.31
C2' LCG D 3 -1.08 -9.30 -2.42
O6 LCG D 3 -1.14 -3.45 1.06
C4' LCG D 3 -0.36 -11.09 -1.51
C1' LCG D 3 -1.38 -9.13 -0.93
C2 LCG D 3 -2.93 -5.11 -1.52
N1 LCG D 3 -2.49 -4.15 -0.63
O4' LCG D 3 -0.77 -10.31 -0.39
OP2 LCG D 3 1.54 -14.10 1.18
N2 LCG D 3 -3.82 -4.73 -2.43
N3 LCG D 3 -2.49 -6.38 -1.54
O2' LCG D 3 -2.00 -10.27 -2.92
O3' LCG D 3 0.76 -10.49 -3.62
H5' LCG D 3 1.12 -12.56 -2.04
H5'' LCG D 3 1.36 -11.84 -0.44
H3' LCG D 3 1.01 -9.46 -1.81
H6'1 LCG D 3 -2.36 -11.93 -1.72
H6'2 LCG D 3 -1.30 -12.21 -3.14
H8 LCG D 3 0.76 -8.24 1.03
H2' LCG D 3 -1.08 -8.37 -2.99
H1' LCG D 3 -2.45 -9.18 -0.78
H1 LCG D 3 -2.97 -3.26 -0.62
H21 LCG D 3 -4.18 -3.78 -2.44
H22 LCG D 3 -4.16 -5.40 -3.10
P LCG D 5 0.18 -6.93 -10.03
OP1 LCG D 5 -0.38 -7.46 -11.30
O5' LCG D 5 0.02 -5.33 -10.04
C5' LCG D 5 -1.04 -4.66 -10.71
C3' LCG D 5 0.35 -2.50 -10.55
C6' LCG D 5 -1.95 -2.23 -11.09
N9 LCG D 5 0.06 -1.48 -7.49
C8 LCG D 5 1.11 -2.25 -7.05
C4 LCG D 5 -0.01 -0.43 -6.61
N7 LCG D 5 1.66 -1.81 -5.96
C5 LCG D 5 0.96 -0.65 -5.66
C6 LCG D 5 1.12 0.28 -4.59
C2' LCG D 5 -0.25 -1.22 -9.98
O6 LCG D 5 1.92 0.24 -3.66
C4' LCG D 5 -0.99 -3.18 -10.33
C1' LCG D 5 -0.85 -1.64 -8.65
C2 LCG D 5 -0.74 1.48 -5.64
N1 LCG D 5 0.22 1.35 -4.66
O4' LCG D 5 -1.23 -2.98 -8.92
OP2 LCG D 5 1.56 -7.26 -9.65
N2 LCG D 5 -1.52 2.55 -5.60
N3 LCG D 5 -0.88 0.61 -6.66
O2' LCG D 5 -1.37 -0.96 -10.84
O3' LCG D 5 0.79 -2.32 -11.90
H5' LCG D 5 -1.99 -5.09 -10.42
H5'' LCG D 5 -0.90 -4.78 -11.78
H3' LCG D 5 1.11 -2.98 -9.93
H6'1 LCG D 5 -2.98 -2.29 -10.70
H6'2 LCG D 5 -1.93 -2.45 -12.15
H8 LCG D 5 1.43 -3.16 -7.54
H2' LCG D 5 0.46 -0.40 -9.88
H1' LCG D 5 -1.72 -1.01 -8.49
H1 LCG D 5 0.34 2.11 -3.99
H21 LCG D 5 -1.42 3.22 -4.86
H22 LCG D 5 -2.22 2.68 -6.31
P LCG A 3 -11.54 -3.07 -6.87
OP1 LCG A 3 -12.90 -3.30 -6.36
O5' LCG A 3 -11.29 -1.48 -6.94
C5' LCG A 3 -9.98 -0.95 -7.13
C3' LCG A 3 -8.26 0.65 -6.11
C6' LCG A 3 -10.50 0.90 -5.36
N9 LCG A 3 -7.05 -0.62 -3.45
C8 LCG A 3 -6.32 -1.75 -3.77
C4 LCG A 3 -6.34 -0.04 -2.42
N7 LCG A 3 -5.31 -1.98 -2.98
C5 LCG A 3 -5.32 -0.90 -2.10
C6 LCG A 3 -4.45 -0.59 -1.00
C2' LCG A 3 -8.37 1.17 -4.69
O6 LCG A 3 -3.51 -1.26 -0.57
C4' LCG A 3 -9.52 -0.17 -5.88
C1' LCG A 3 -8.40 -0.15 -3.90
C2 LCG A 3 -5.78 1.46 -0.81
N1 LCG A 3 -4.78 0.62 -0.38
O4' LCG A 3 -9.07 -1.01 -4.81
OP2 LCG A 3 -11.10 -3.68 -8.14
N2 LCG A 3 -5.89 2.63 -0.20
N3 LCG A 3 -6.62 1.15 -1.81
O2' LCG A 3 -9.66 1.74 -4.59
O3' LCG A 3 -8.39 1.62 -7.14
H5' LCG A 3 -10.00 -0.28 -7.98
H5'' LCG A 3 -9.27 -1.75 -7.33
H3' LCG A 3 -7.42 -0.01 -6.26
H6'1 LCG A 3 -11.29 0.44 -4.75
H6'2 LCG A 3 -10.95 1.46 -6.18
H8 LCG A 3 -6.52 -2.44 -4.58
H2' LCG A 3 -7.57 1.85 -4.40
H1' LCG A 3 -9.01 -0.01 -3.01
H1 LCG A 3 -4.27 0.86 0.47
H21 LCG A 3 -5.27 2.87 0.55
H22 LCG A 3 -6.61 3.27 -0.50
P LCG A 5 -5.50 8.40 -6.91
OP1 LCG A 5 -6.23 9.65 -7.20
O5' LCG A 5 -4.26 8.75 -5.92
C5' LCG A 5 -4.33 9.77 -4.96
C3' LCG A 5 -1.77 9.69 -4.80
C6' LCG A 5 -2.88 10.81 -3.02
N9 LCG A 5 -1.09 7.02 -3.12
C8 LCG A 5 -1.15 6.21 -4.23
C4 LCG A 5 -0.25 6.37 -2.25
N7 LCG A 5 -0.49 5.09 -4.10
C5 LCG A 5 0.08 5.17 -2.84
C6 LCG A 5 0.92 4.25 -2.13
C2' LCG A 5 -1.07 9.52 -3.46
O6 LCG A 5 1.31 3.15 -2.51
C4' LCG A 5 -3.09 9.68 -4.06
C1' LCG A 5 -1.75 8.31 -2.83
C2 LCG A 5 0.92 5.94 -0.36
N1 LCG A 5 1.32 4.73 -0.88
O4' LCG A 5 -3.07 8.44 -3.35
OP2 LCG A 5 -4.98 7.58 -8.02
N2 LCG A 5 1.37 6.27 0.84
N3 LCG A 5 0.13 6.81 -1.02
O2' LCG A 5 -1.51 10.64 -2.70
O3' LCG A 5 -1.36 10.92 -5.42
H5' LCG A 5 -5.23 9.68 -4.36
H5'' LCG A 5 -4.35 10.73 -5.47
H3' LCG A 5 -1.71 8.84 -5.47
H6'1 LCG A 5 -3.52 10.68 -2.13
H6'2 LCG A 5 -3.05 11.78 -3.48
H8 LCG A 5 -1.71 6.45 -5.13
H2' LCG A 5 0.01 9.40 -3.53
H1' LCG A 5 -1.74 8.48 -1.76
H1 LCG A 5 2.00 4.18 -0.36
H21 LCG A 5 1.99 5.64 1.35
H22 LCG A 5 1.11 7.16 1.25
P LCG B 3 -8.76 9.12 5.40
OP1 LCG B 3 -9.73 8.96 6.52
O5' LCG B 3 -7.30 9.37 6.03
C5' LCG B 3 -6.13 9.28 5.23
C3' LCG B 3 -3.88 8.10 5.06
C6' LCG B 3 -4.94 8.02 7.18
N9 LCG B 3 -4.33 5.04 4.24
C8 LCG B 3 -4.86 4.98 2.96
C4 LCG B 3 -3.46 3.96 4.31
N7 LCG B 3 -4.50 3.92 2.29
C5 LCG B 3 -3.62 3.25 3.14
C6 LCG B 3 -2.90 2.02 2.95
C2' LCG B 3 -3.53 6.85 5.85
O6 LCG B 3 -2.94 1.27 1.98
C4' LCG B 3 -5.26 8.08 5.66
C1' LCG B 3 -4.66 5.90 5.41
C2 LCG B 3 -1.96 2.50 5.16
N1 LCG B 3 -2.10 1.70 4.04
O4' LCG B 3 -5.73 6.82 5.20
OP2 LCG B 3 -9.01 10.11 4.34
N2 LCG B 3 -1.07 2.11 6.07
N3 LCG B 3 -2.66 3.63 5.35
O2' LCG B 3 -3.79 7.18 7.21
O3' LCG B 3 -3.11 9.25 5.37
H5' LCG B 3 -5.57 10.20 5.34
H5'' LCG B 3 -6.40 9.15 4.18
H3' LCG B 3 -3.94 7.91 3.99
H6'1 LCG B 3 -5.77 7.58 7.74
H6'2 LCG B 3 -4.70 9.01 7.58
H8 LCG B 3 -5.53 5.69 2.51
H2' LCG B 3 -2.53 6.46 5.67
H1' LCG B 3 -4.90 5.24 6.24
H1 LCG B 3 -1.63 0.80 4.04
H21 LCG B 3 -0.54 1.25 5.95
H22 LCG B 3 -0.95 2.68 6.90
P LCG B 5 4.10 9.24 6.87
OP1 LCG B 5 4.77 9.84 8.05
O5' LCG B 5 5.03 8.03 6.32
C5' LCG B 5 5.84 7.25 7.17
C3' LCG B 5 7.12 6.48 5.07
C6' LCG B 5 7.47 5.20 7.05
N9 LCG B 5 5.22 4.30 3.63
C8 LCG B 5 4.50 5.26 2.94
C4 LCG B 5 5.11 3.16 2.86
N7 LCG B 5 3.94 4.82 1.85
C5 LCG B 5 4.31 3.47 1.80
C6 LCG B 5 3.99 2.46 0.83
C2' LCG B 5 7.34 4.99 4.78
O6 LCG B 5 3.29 2.56 -0.17
C4' LCG B 5 6.41 6.07 6.35
C1' LCG B 5 5.96 4.37 4.90
C2 LCG B 5 5.37 1.00 2.24
N1 LCG B 5 4.59 1.23 1.13
O4' LCG B 5 5.37 5.20 5.90
OP2 LCG B 5 3.74 10.09 5.72
N2 LCG B 5 5.88 -0.21 2.40
N3 LCG B 5 5.67 1.96 3.14
O2' LCG B 5 8.06 4.53 5.93
O3' LCG B 5 8.36 7.18 5.19
H5' LCG B 5 5.27 6.87 8.01
H5'' LCG B 5 6.66 7.87 7.54
H3' LCG B 5 6.42 6.99 4.41
H6'1 LCG B 5 7.03 4.48 7.75
H6'2 LCG B 5 8.22 5.81 7.55
H8 LCG B 5 4.41 6.29 3.27
H2' LCG B 5 7.82 4.79 3.82
H1' LCG B 5 6.11 3.36 5.28
H1 LCG B 5 4.49 0.49 0.43
H21 LCG B 5 5.67 -0.94 1.72
H22 LCG B 5 6.47 -0.40 3.19
P LCG C 3 2.79 -1.58 13.42
OP1 LCG C 3 2.13 -2.41 14.44
O5' LCG C 3 3.79 -2.51 12.56
C5' LCG C 3 4.34 -2.06 11.34
C3' LCG C 3 4.58 -2.63 8.87
C6' LCG C 3 3.92 -4.41 10.29
N9 LCG C 3 1.77 -2.20 7.39
C8 LCG C 3 1.43 -0.86 7.41
C4 LCG C 3 1.33 -2.64 6.16
N7 LCG C 3 0.75 -0.46 6.38
C5 LCG C 3 0.67 -1.59 5.57
C6 LCG C 3 0.03 -1.78 4.30
C2' LCG C 3 3.71 -3.66 8.16
O6 LCG C 3 -0.61 -0.96 3.65
C4' LCG C 3 3.81 -2.87 10.15
C1' LCG C 3 2.30 -3.10 8.45
C2 LCG C 3 0.93 -4.05 4.43
N1 LCG C 3 0.19 -3.07 3.80
O4' LCG C 3 2.49 -2.51 9.73
OP2 LCG C 3 3.51 -0.35 13.82
N2 LCG C 3 1.09 -5.20 3.78
N3 LCG C 3 1.50 -3.89 5.64
O2' LCG C 3 3.85 -4.84 8.94
O3' LCG C 3 5.96 -2.93 8.94
H5' LCG C 3 5.42 -2.16 11.40
H5'' LCG C 3 4.10 -1.00 11.18
H3' LCG C 3 4.39 -1.61 8.51
H6'1 LCG C 3 3.10 -4.81 10.89
H6'2 LCG C 3 4.89 -4.69 10.73
H8 LCG C 3 1.66 -0.16 8.20
H2' LCG C 3 3.92 -3.80 7.10
H1' LCG C 3 1.61 -3.94 8.55
H1 LCG C 3 -0.30 -3.32 2.94
H21 LCG C 3 0.67 -5.34 2.88
H22 LCG C 3 1.64 -5.93 4.22
P LCG C 5 9.90 -6.05 3.57
OP1 LCG C 5 10.79 -7.22 3.70
O5' LCG C 5 9.40 -5.96 2.04
C5' LCG C 5 9.21 -7.10 1.23
C3' LCG C 5 9.24 -5.56 -0.82
C6' LCG C 5 8.38 -7.75 -1.17
N9 LCG C 5 6.38 -4.08 -0.88
C8 LCG C 5 6.78 -3.09 -0.01
C4 LCG C 5 5.38 -3.52 -1.62
N7 LCG C 5 6.10 -1.98 -0.11
C5 LCG C 5 5.19 -2.24 -1.13
C6 LCG C 5 4.17 -1.41 -1.71
C2' LCG C 5 8.13 -5.60 -1.86
O6 LCG C 5 3.87 -0.27 -1.40
C4' LCG C 5 8.52 -6.68 -0.07
C1' LCG C 5 6.86 -5.47 -1.04
C2 LCG C 5 3.73 -3.33 -3.17
N1 LCG C 5 3.49 -2.04 -2.75
O4' LCG C 5 7.23 -6.12 0.17
OP2 LCG C 5 10.39 -4.71 3.97
N2 LCG C 5 3.00 -3.80 -4.17
N3 LCG C 5 4.68 -4.12 -2.63
O2' LCG C 5 8.15 -6.94 -2.32
O3' LCG C 5 10.52 -5.87 -1.41
H5' LCG C 5 8.58 -7.84 1.75
H5'' LCG C 5 10.17 -7.55 1.02
H3' LCG C 5 9.28 -4.66 -0.20
H6'1 LCG C 5 7.53 -8.43 -0.98
H6'2 LCG C 5 9.31 -8.31 -1.28
H8 LCG C 5 7.58 -3.20 0.70
H2' LCG C 5 8.21 -4.85 -2.63
H1' LCG C 5 6.09 -6.04 -1.58
H1 LCG C 5 2.83 -1.47 -3.29
H21 LCG C 5 2.29 -3.22 -4.60
H22 LCG C 5 3.16 -4.73 -4.50
P LCG D 3 0.03 -13.77 0.94
OP1 LCG D 3 -1.07 -14.69 1.32
O5' LCG D 3 -0.19 -13.32 -0.60
C5' LCG D 3 0.52 -12.24 -1.15
C3' LCG D 3 0.22 -10.01 -2.37
C6' LCG D 3 -1.65 -11.47 -2.37
N9 LCG D 3 -0.94 -7.83 -0.36
C8 LCG D 3 0.00 -7.56 0.62
C4 LCG D 3 -1.54 -6.61 -0.60
N7 LCG D 3 -0.04 -6.33 1.07
C5 LCG D 3 -1.01 -5.71 0.30
C6 LCG D 3 -1.50 -4.37 0.33
C2' LCG D 3 -1.11 -9.28 -2.43
O6 LCG D 3 -1.16 -3.46 1.09
C4' LCG D 3 -0.43 -11.08 -1.51
C1' LCG D 3 -1.43 -9.11 -0.94
C2 LCG D 3 -2.91 -5.07 -1.54
N1 LCG D 3 -2.49 -4.12 -0.63
O4' LCG D 3 -0.85 -10.30 -0.39
OP2 LCG D 3 1.44 -14.15 1.15
N2 LCG D 3 -3.76 -4.67 -2.48
N3 LCG D 3 -2.48 -6.35 -1.55
O2' LCG D 3 -2.03 -10.23 -2.94
O3' LCG D 3 0.72 -10.49 -3.60
H5' LCG D 3 1.02 -12.58 -2.05
H5'' LCG D 3 1.26 -11.87 -0.44
H3' LCG D 3 0.96 -9.48 -1.78
H6'1 LCG D 3 -2.45 -11.89 -1.75
H6'2 LCG D 3 -1.37 -12.19 -3.16
H8 LCG D 3 0.71 -8.25 1.03
H2' LCG D 3 -1.09 -8.35 -3.00
H1' LCG D 3 -2.51 -9.15 -0.80
H1 LCG D 3 -2.94 -3.23 -0.63
H21 LCG D 3 -4.09 -3.71 -2.49
H22 LCG D 3 -4.08 -5.33 -3.16
P LCG D 5 0.29 -6.88 -10.01
OP1 LCG D 5 -0.20 -7.44 -11.29
O5' LCG D 5 0.09 -5.27 -10.04
C5' LCG D 5 -0.99 -4.65 -10.73
C3' LCG D 5 0.33 -2.45 -10.62
C6' LCG D 5 -1.98 -2.26 -11.14
N9 LCG D 5 0.05 -1.41 -7.57
C8 LCG D 5 1.08 -2.19 -7.12
C4 LCG D 5 -0.02 -0.35 -6.70
N7 LCG D 5 1.63 -1.74 -6.03
C5 LCG D 5 0.94 -0.57 -5.74
C6 LCG D 5 1.08 0.37 -4.67
C2' LCG D 5 -0.30 -1.19 -10.06
O6 LCG D 5 1.87 0.33 -3.73
C4' LCG D 5 -0.99 -3.16 -10.38
C1' LCG D 5 -0.88 -1.61 -8.71
C2 LCG D 5 -0.75 1.57 -5.76
N1 LCG D 5 0.20 1.44 -4.75
O4' LCG D 5 -1.23 -2.96 -8.98
OP2 LCG D 5 1.68 -7.15 -9.59
N2 LCG D 5 -1.53 2.64 -5.72
N3 LCG D 5 -0.89 0.70 -6.77
O2' LCG D 5 -1.43 -0.97 -10.90
O3' LCG D 5 0.75 -2.27 -11.97
H5' LCG D 5 -1.94 -5.11 -10.45
H5'' LCG D 5 -0.83 -4.78 -11.80
H3' LCG D 5 1.12 -2.91 -9.99
H6'1 LCG D 5 -3.01 -2.34 -10.76
H6'2 LCG D 5 -1.95 -2.49 -12.21
H8 LCG D 5 1.41 -3.10 -7.60
H2' LCG D 5 0.38 -0.34 -9.98
H1' LCG D 5 -1.77 -1.00 -8.55
H1 LCG D 5 0.32 2.20 -4.09
H21 LCG D 5 -1.42 3.32 -4.98
H22 LCG D 5 -2.22 2.78 -6.44
P LCG A 3 -11.64 -2.98 -6.87
OP1 LCG A 3 -13.00 -3.18 -6.35
O5' LCG A 3 -11.34 -1.39 -6.96
C5' LCG A 3 -10.02 -0.91 -7.14
C3' LCG A 3 -8.28 0.66 -6.14
C6' LCG A 3 -10.51 0.95 -5.40
N9 LCG A 3 -7.10 -0.62 -3.45
C8 LCG A 3 -6.39 -1.76 -3.76
C4 LCG A 3 -6.40 -0.05 -2.41
N7 LCG A 3 -5.39 -2.00 -2.96
C5 LCG A 3 -5.38 -0.92 -2.09
C6 LCG A 3 -4.52 -0.62 -0.99
C2' LCG A 3 -8.37 1.19 -4.71
O6 LCG A 3 -3.59 -1.30 -0.56
C4' LCG A 3 -9.55 -0.14 -5.90
C1' LCG A 3 -8.43 -0.12 -3.92
C2 LCG A 3 -5.83 1.43 -0.80
N1 LCG A 3 -4.82 0.60 -0.37
O4' LCG A 3 -9.13 -0.97 -4.82
OP2 LCG A 3 -11.22 -3.62 -8.14
N2 LCG A 3 -5.93 2.61 -0.20
N3 LCG A 3 -6.67 1.14 -1.81
O2' LCG A 3 -9.66 1.79 -4.62
O3' LCG A 3 -8.38 1.63 -7.17
H5' LCG A 3 -10.04 -0.24 -8.00
H5'' LCG A 3 -9.33 -1.73 -7.34
H3' LCG A 3 -7.44 -0.01 -6.28
H6'1 LCG A 3 -11.31 0.53 -4.78
H6'2 LCG A 3 -10.95 1.53 -6.22
H8 LCG A 3 -6.61 -2.45 -4.57
H2' LCG A 3 -7.55 1.86 -4.42
H1' LCG A 3 -9.04 0.04 -3.03
H1 LCG A 3 -4.33 0.84 0.47
H21 LCG A 3 -5.31 2.85 0.57
H22 LCG A 3 -6.65 3.26 -0.50
P LCG A 5 -5.44 8.40 -6.87
OP1 LCG A 5 -6.16 9.67 -7.16
O5' LCG A 5 -4.22 8.71 -5.87
C5' LCG A 5 -4.26 9.74 -4.90
C3' LCG A 5 -1.70 9.61 -4.76
C6' LCG A 5 -2.80 10.76 -2.98
N9 LCG A 5 -1.06 6.94 -3.05
C8 LCG A 5 -1.15 6.11 -4.15
C4 LCG A 5 -0.23 6.29 -2.18
N7 LCG A 5 -0.48 5.00 -4.03
C5 LCG A 5 0.10 5.09 -2.76
C6 LCG A 5 0.95 4.17 -2.06
C2' LCG A 5 -1.00 9.43 -3.41
O6 LCG A 5 1.32 3.06 -2.43
C4' LCG A 5 -3.03 9.63 -4.01
C1' LCG A 5 -1.70 8.25 -2.77
C2 LCG A 5 0.96 5.88 -0.31
N1 LCG A 5 1.35 4.66 -0.81
O4' LCG A 5 -3.02 8.39 -3.29
OP2 LCG A 5 -4.93 7.58 -7.99
N2 LCG A 5 1.43 6.20 0.90
N3 LCG A 5 0.18 6.75 -0.95
O2' LCG A 5 -1.42 10.58 -2.66
O3' LCG A 5 -1.29 10.81 -5.41
H5' LCG A 5 -5.18 9.65 -4.29
H5'' LCG A 5 -4.26 10.70 -5.41
H3' LCG A 5 -1.68 8.75 -5.42
H6'1 LCG A 5 -3.44 10.64 -2.08
H6'2 LCG A 5 -2.95 11.73 -3.44
H8 LCG A 5 -1.71 6.36 -5.04
H2' LCG A 5 0.07 9.30 -3.48
H1' LCG A 5 -1.69 8.42 -1.69
H1 LCG A 5 2.04 4.11 -0.32
H21 LCG A 5 2.04 5.58 1.40
H22 LCG A 5 1.17 7.10 1.29
P LCG B 3 -8.80 9.12 5.45
OP1 LCG B 3 -9.75 8.95 6.56
O5' LCG B 3 -7.33 9.33 6.07
C5' LCG B 3 -6.16 9.25 5.27
C3' LCG B 3 -3.91 8.07 5.07
C6' LCG B 3 -4.95 7.98 7.20
N9 LCG B 3 -4.34 5.01 4.25
C8 LCG B 3 -4.89 4.95 2.97
C4 LCG B 3 -3.49 3.94 4.31
N7 LCG B 3 -4.53 3.91 2.30
C5 LCG B 3 -3.64 3.24 3.14
C6 LCG B 3 -2.93 2.01 2.94
C2' LCG B 3 -3.55 6.81 5.85
O6 LCG B 3 -2.98 1.25 1.98
C4' LCG B 3 -5.29 8.06 5.70
C1' LCG B 3 -4.68 5.87 5.42
C2 LCG B 3 -1.98 2.48 5.15
N1 LCG B 3 -2.11 1.68 4.03
O4' LCG B 3 -5.76 6.79 5.23
OP2 LCG B 3 -9.02 10.13 4.39
N2 LCG B 3 -1.07 2.10 6.05
N3 LCG B 3 -2.67 3.61 5.35
O2' LCG B 3 -3.80 7.16 7.21
O3' LCG B 3 -3.14 9.23 5.37
H5' LCG B 3 -5.59 10.17 5.38
H5'' LCG B 3 -6.43 9.12 4.22
H3' LCG B 3 -3.99 7.88 4.00
H6'1 LCG B 3 -5.77 7.54 7.77
H6'2 LCG B 3 -4.71 8.97 7.61
H8 LCG B 3 -5.56 5.67 2.53
H2' LCG B 3 -2.55 6.43 5.68
H1' LCG B 3 -4.93 5.21 6.26
H1 LCG B 3 -1.64 0.79 4.02
H21 LCG B 3 -0.53 1.25 5.92
H22 LCG B 3 -0.94 2.67 6.87
P LCG B 5 4.09 9.23 6.77
OP1 LCG B 5 4.75 9.89 7.93
O5' LCG B 5 5.03 8.03 6.26
C5' LCG B 5 5.84 7.26 7.14
C3' LCG B 5 7.16 6.46 5.09
C6' LCG B 5 7.48 5.21 7.09
N9 LCG B 5 5.28 4.27 3.64
C8 LCG B 5 4.56 5.22 2.96
C4 LCG B 5 5.18 3.13 2.89
N7 LCG B 5 3.99 4.77 1.87
C5 LCG B 5 4.37 3.42 1.83
C6 LCG B 5 4.05 2.40 0.88
C2' LCG B 5 7.39 4.97 4.83
O6 LCG B 5 3.34 2.49 -0.11
C4' LCG B 5 6.43 6.07 6.36
C1' LCG B 5 6.00 4.36 4.94
C2 LCG B 5 5.46 0.97 2.27
N1 LCG B 5 4.67 1.18 1.17
O4' LCG B 5 5.39 5.19 5.91
OP2 LCG B 5 3.72 10.05 5.59
N2 LCG B 5 5.97 -0.24 2.44
N3 LCG B 5 5.76 1.92 3.18
O2' LCG B 5 8.09 4.54 5.99
O3' LCG B 5 8.39 7.17 5.21
H5' LCG B 5 5.26 6.90 7.99
H5'' LCG B 5 6.64 7.90 7.51
H3' LCG B 5 6.46 6.96 4.40
H6'1 LCG B 5 7.02 4.50 7.79
H6'2 LCG B 5 8.21 5.85 7.60
H8 LCG B 5 4.46 6.25 3.27
H2' LCG B 5 7.88 4.76 3.89
H1' LCG B 5 6.15 3.35 5.32
H1 LCG B 5 4.57 0.45 0.48
H21 LCG B 5 5.78 -0.97 1.76
H22 LCG B 5 6.57 -0.43 3.23
P LCG C 3 2.72 -1.64 13.42
OP1 LCG C 3 2.04 -2.48 14.42
O5' LCG C 3 3.70 -2.57 12.55
C5' LCG C 3 4.28 -2.10 11.34
C3' LCG C 3 4.54 -2.63 8.87
C6' LCG C 3 3.88 -4.43 10.26
N9 LCG C 3 1.76 -2.20 7.36
C8 LCG C 3 1.42 -0.86 7.38
C4 LCG C 3 1.34 -2.63 6.12
N7 LCG C 3 0.74 -0.46 6.35
C5 LCG C 3 0.66 -1.59 5.53
C6 LCG C 3 0.04 -1.77 4.26
C2' LCG C 3 3.69 -3.67 8.13
O6 LCG C 3 -0.62 -0.95 3.62
C4' LCG C 3 3.76 -2.90 10.13
C1' LCG C 3 2.28 -3.12 8.41
C2 LCG C 3 0.96 -4.03 4.38
N1 LCG C 3 0.21 -3.05 3.75
O4' LCG C 3 2.45 -2.53 9.71
OP2 LCG C 3 3.46 -0.42 13.83
N2 LCG C 3 1.15 -5.17 3.71
N3 LCG C 3 1.51 -3.89 5.59
O2' LCG C 3 3.83 -4.86 8.90
O3' LCG C 3 5.93 -2.93 8.95
H5' LCG C 3 5.36 -2.21 11.41
H5'' LCG C 3 4.04 -1.04 11.19
H3' LCG C 3 4.36 -1.63 8.52
H6'1 LCG C 3 3.05 -4.84 10.83
H6'2 LCG C 3 4.83 -4.73 10.71
H8 LCG C 3 1.66 -0.16 8.18
H2' LCG C 3 3.92 -3.79 7.08
H1' LCG C 3 1.59 -3.96 8.50
H1 LCG C 3 -0.29 -3.29 2.90
H21 LCG C 3 0.73 -5.31 2.80
H22 LCG C 3 1.70 -5.89 4.14
P LCG C 5 9.96 -6.00 3.62
OP1 LCG C 5 10.87 -7.16 3.78
O5' LCG C 5 9.49 -5.93 2.08
C5' LCG C 5 9.31 -7.09 1.29
C3' LCG C 5 9.36 -5.59 -0.80
C6' LCG C 5 8.48 -7.79 -1.11
N9 LCG C 5 6.50 -4.10 -0.87
C8 LCG C 5 6.91 -3.10 -0.01
C4 LCG C 5 5.48 -3.54 -1.61
N7 LCG C 5 6.21 -2.01 -0.12
C5 LCG C 5 5.29 -2.27 -1.12
C6 LCG C 5 4.26 -1.45 -1.69
C2' LCG C 5 8.25 -5.65 -1.83
O6 LCG C 5 3.95 -0.31 -1.38
C4' LCG C 5 8.64 -6.69 -0.04
C1' LCG C 5 6.97 -5.50 -1.02
C2 LCG C 5 3.83 -3.38 -3.14
N1 LCG C 5 3.57 -2.10 -2.72
O4' LCG C 5 7.33 -6.13 0.20
OP2 LCG C 5 10.43 -4.64 4.01
N2 LCG C 5 3.09 -3.87 -4.13
N3 LCG C 5 4.79 -4.16 -2.61
O2' LCG C 5 8.26 -7.00 -2.27
O3' LCG C 5 10.62 -5.91 -1.39
H5' LCG C 5 8.69 -7.82 1.81
H5'' LCG C 5 10.28 -7.54 1.10
H3' LCG C 5 9.40 -4.68 -0.18
H6'1 LCG C 5 7.64 -8.45 -0.90
H6'2 LCG C 5 9.41 -8.35 -1.21
H8 LCG C 5 7.73 -3.20 0.68
H2' LCG C 5 8.32 -4.90 -2.61
H1' LCG C 5 6.20 -6.07 -1.53
H1 LCG C 5 2.89 -1.53 -3.24
H21 LCG C 5 2.38 -3.30 -4.56
H22 LCG C 5 3.26 -4.81 -4.46
P LCG D 3 0.15 -13.71 0.96
OP1 LCG D 3 -0.92 -14.64 1.35
O5' LCG D 3 -0.04 -13.31 -0.59
C5' LCG D 3 0.64 -12.22 -1.17
C3' LCG D 3 0.29 -10.02 -2.41
C6' LCG D 3 -1.55 -11.51 -2.38
N9 LCG D 3 -0.88 -7.82 -0.41
C8 LCG D 3 0.05 -7.54 0.56
C4 LCG D 3 -1.51 -6.62 -0.65
N7 LCG D 3 0.01 -6.31 1.01
C5 LCG D 3 -0.99 -5.71 0.25
C6 LCG D 3 -1.50 -4.37 0.27
C2' LCG D 3 -1.05 -9.30 -2.48
O6 LCG D 3 -1.16 -3.46 1.02
C4' LCG D 3 -0.33 -11.08 -1.54
C1' LCG D 3 -1.35 -9.12 -0.98
C2 LCG D 3 -2.92 -5.11 -1.57
N1 LCG D 3 -2.50 -4.16 -0.66
O4' LCG D 3 -0.74 -10.29 -0.43
OP2 LCG D 3 1.57 -14.06 1.18
N2 LCG D 3 -3.81 -4.73 -2.48
N3 LCG D 3 -2.47 -6.38 -1.59
O2' LCG D 3 -1.96 -10.28 -2.97
O3' LCG D 3 0.79 -10.50 -3.65
H5' LCG D 3 1.15 -12.57 -2.07
H5'' LCG D 3 1.39 -11.83 -0.47
H3' LCG D 3 1.04 -9.46 -1.86
H6'1 LCG D 3 -2.34 -11.93 -1.76
H6'2 LCG D 3 -1.27 -12.21 -3.17
H8 LCG D 3 0.78 -8.23 0.99
H2' LCG D 3 -1.04 -8.37 -3.06
H1' LCG D 3 -2.42 -9.18 -0.84
H1 LCG D 3 -2.98 -3.26 -0.66
H21 LCG D 3 -4.17 -3.78 -2.48
H22 LCG D 3 -4.14 -5.40 -3.15
P LCG D 5 0.22 -6.92 -10.07
OP1 LCG D 5 -0.31 -7.45 -11.34
O5' LCG D 5 0.05 -5.31 -10.06
C5' LCG D 5 -1.02 -4.66 -10.72
C3' LCG D 5 0.33 -2.48 -10.55
C6' LCG D 5 -1.99 -2.25 -11.09
N9 LCG D 5 0.05 -1.47 -7.50
C8 LCG D 5 1.09 -2.26 -7.06
C4 LCG D 5 -0.02 -0.42 -6.62
N7 LCG D 5 1.66 -1.82 -5.97
C5 LCG D 5 0.96 -0.65 -5.67
C6 LCG D 5 1.11 0.29 -4.59
C2' LCG D 5 -0.28 -1.21 -9.98
O6 LCG D 5 1.92 0.24 -3.67
C4' LCG D 5 -1.01 -3.17 -10.33
C1' LCG D 5 -0.87 -1.65 -8.65
C2 LCG D 5 -0.73 1.49 -5.66
N1 LCG D 5 0.22 1.36 -4.67
O4' LCG D 5 -1.24 -2.99 -8.93
OP2 LCG D 5 1.62 -7.23 -9.68
N2 LCG D 5 -1.52 2.55 -5.61
N3 LCG D 5 -0.89 0.62 -6.67
O2' LCG D 5 -1.41 -0.97 -10.82
O3' LCG D 5 0.75 -2.30 -11.91
H5' LCG D 5 -1.98 -5.10 -10.45
H5'' LCG D 5 -0.88 -4.76 -11.79
H3' LCG D 5 1.10 -2.95 -9.94
H6'1 LCG D 5 -3.00 -2.31 -10.69
H6'2 LCG D 5 -1.96 -2.45 -12.16
H8 LCG D 5 1.42 -3.17 -7.55
H2' LCG D 5 0.41 -0.38 -9.89
H1' LCG D 5 -1.75 -1.03 -8.48
H1 LCG D 5 0.34 2.11 -4.01
H21 LCG D 5 -1.41 3.24 -4.87
H22 LCG D 5 -2.23 2.69 -6.33
P LCG A 3 -11.50 -3.04 -6.96
OP1 LCG A 3 -12.87 -3.28 -6.46
O5' LCG A 3 -11.26 -1.45 -7.01
C5' LCG A 3 -9.95 -0.92 -7.16
C3' LCG A 3 -8.27 0.68 -6.11
C6' LCG A 3 -10.51 0.88 -5.38
N9 LCG A 3 -7.05 -0.62 -3.46
C8 LCG A 3 -6.32 -1.75 -3.78
C4 LCG A 3 -6.35 -0.05 -2.42
N7 LCG A 3 -5.32 -1.98 -2.97
C5 LCG A 3 -5.33 -0.90 -2.10
C6 LCG A 3 -4.47 -0.60 -1.00
C2' LCG A 3 -8.37 1.18 -4.69
O6 LCG A 3 -3.53 -1.27 -0.56
C4' LCG A 3 -9.51 -0.16 -5.90
C1' LCG A 3 -8.39 -0.16 -3.91
C2 LCG A 3 -5.80 1.44 -0.81
N1 LCG A 3 -4.79 0.60 -0.37
O4' LCG A 3 -9.06 -1.01 -4.84
OP2 LCG A 3 -11.05 -3.65 -8.22
N2 LCG A 3 -5.92 2.62 -0.20
N3 LCG A 3 -6.64 1.15 -1.81
O2' LCG A 3 -9.67 1.73 -4.58
O3' LCG A 3 -8.40 1.66 -7.13
H5' LCG A 3 -9.97 -0.23 -8.01
H5'' LCG A 3 -9.24 -1.72 -7.37
H3' LCG A 3 -7.40 0.04 -6.28
H6'1 LCG A 3 -11.29 0.42 -4.77
H6'2 LCG A 3 -10.95 1.46 -6.19
H8 LCG A 3 -6.52 -2.44 -4.59
H2' LCG A 3 -7.58 1.86 -4.38
H1' LCG A 3 -9.02 -0.03 -3.02
H1 LCG A 3 -4.29 0.86 0.47
H21 LCG A 3 -5.30 2.86 0.57
H22 LCG A 3 -6.64 3.25 -0.50
P LCG A 5 -5.60 8.45 -6.82
OP1 LCG A 5 -6.33 9.72 -7.07
O5' LCG A 5 -4.33 8.77 -5.87
C5' LCG A 5 -4.36 9.79 -4.89
C3' LCG A 5 -1.79 9.65 -4.81
C6' LCG A 5 -2.84 10.79 -3.00
N9 LCG A 5 -1.10 6.98 -3.11
C8 LCG A 5 -1.19 6.16 -4.20
C4 LCG A 5 -0.25 6.34 -2.23
N7 LCG A 5 -0.52 5.04 -4.08
C5 LCG A 5 0.07 5.14 -2.83
C6 LCG A 5 0.94 4.23 -2.13
C2' LCG A 5 -1.06 9.47 -3.48
O6 LCG A 5 1.31 3.12 -2.50
C4' LCG A 5 -3.10 9.66 -4.02
C1' LCG A 5 -1.74 8.28 -2.82
C2 LCG A 5 0.95 5.94 -0.37
N1 LCG A 5 1.35 4.71 -0.89
O4' LCG A 5 -3.07 8.42 -3.31
OP2 LCG A 5 -5.12 7.65 -7.97
N2 LCG A 5 1.43 6.27 0.82
N3 LCG A 5 0.16 6.79 -1.02
O2' LCG A 5 -1.46 10.61 -2.71
O3' LCG A 5 -1.39 10.85 -5.46
H5' LCG A 5 -5.24 9.70 -4.26
H5'' LCG A 5 -4.37 10.75 -5.39
H3' LCG A 5 -1.77 8.79 -5.48
H6'1 LCG A 5 -3.46 10.67 -2.09
H6'2 LCG A 5 -3.00 11.76 -3.46
H8 LCG A 5 -1.76 6.39 -5.10
H2' LCG A 5 0.01 9.34 -3.58
H1' LCG A 5 -1.71 8.46 -1.75
H1 LCG A 5 2.03 4.17 -0.38
H21 LCG A 5 2.05 5.65 1.32
H22 LCG A 5 1.17 7.16 1.23
P LCG B 3 -8.77 9.08 5.48
OP1 LCG B 3 -9.71 8.91 6.61
O5' LCG B 3 -7.29 9.34 6.09
C5' LCG B 3 -6.14 9.25 5.26
C3' LCG B 3 -3.88 8.09 5.05
C6' LCG B 3 -4.90 8.01 7.18
N9 LCG B 3 -4.32 5.03 4.24
C8 LCG B 3 -4.85 4.97 2.97
C4 LCG B 3 -3.45 3.95 4.30
N7 LCG B 3 -4.50 3.91 2.29
C5 LCG B 3 -3.61 3.24 3.13
C6 LCG B 3 -2.89 2.02 2.94
C2' LCG B 3 -3.51 6.84 5.83
O6 LCG B 3 -2.94 1.26 1.97
C4' LCG B 3 -5.25 8.07 5.68
C1' LCG B 3 -4.64 5.88 5.41
C2 LCG B 3 -1.93 2.49 5.14
N1 LCG B 3 -2.08 1.69 4.02
O4' LCG B 3 -5.73 6.79 5.23
OP2 LCG B 3 -9.02 10.08 4.42
N2 LCG B 3 -1.04 2.11 6.04
N3 LCG B 3 -2.64 3.62 5.34
O2' LCG B 3 -3.74 7.18 7.20
O3' LCG B 3 -3.12 9.25 5.34
H5' LCG B 3 -5.57 10.17 5.37
H5'' LCG B 3 -6.42 9.13 4.21
H3' LCG B 3 -3.96 7.90 3.98
H6'1 LCG B 3 -5.71 7.56 7.76
H6'2 LCG B 3 -4.66 9.00 7.58
H8 LCG B 3 -5.53 5.68 2.53
H2' LCG B 3 -2.50 6.46 5.65
H1' LCG B 3 -4.86 5.23 6.25
H1 LCG B 3 -1.62 0.79 4.02
H21 LCG B 3 -0.51 1.25 5.92
H22 LCG B 3 -0.91 2.68 6.86
P LCG B 5 4.12 9.28 6.77
OP1 LCG B 5 4.79 9.90 7.94
O5' LCG B 5 5.06 8.08 6.24
C5' LCG B 5 5.87 7.31 7.10
C3' LCG B 5 7.17 6.51 5.02
C6' LCG B 5 7.49 5.24 7.02
N9 LCG B 5 5.26 4.32 3.59
C8 LCG B 5 4.56 5.27 2.89
C4 LCG B 5 5.16 3.18 2.84
N7 LCG B 5 3.99 4.83 1.81
C5 LCG B 5 4.36 3.48 1.76
C6 LCG B 5 4.04 2.46 0.81
C2' LCG B 5 7.38 5.02 4.76
O6 LCG B 5 3.35 2.56 -0.19
C4' LCG B 5 6.44 6.12 6.31
C1' LCG B 5 6.00 4.41 4.87
C2 LCG B 5 5.42 1.01 2.23
N1 LCG B 5 4.63 1.23 1.12
O4' LCG B 5 5.40 5.25 5.85
OP2 LCG B 5 3.75 10.12 5.61
N2 LCG B 5 5.93 -0.20 2.40
N3 LCG B 5 5.72 1.97 3.13
O2' LCG B 5 8.09 4.57 5.91
O3' LCG B 5 8.40 7.19 5.15
H5' LCG B 5 5.29 6.94 7.95
H5'' LCG B 5 6.68 7.93 7.47
H3' LCG B 5 6.47 7.01 4.35
H6'1 LCG B 5 7.03 4.53 7.72
H6'2 LCG B 5 8.23 5.86 7.52
H8 LCG B 5 4.47 6.31 3.20
H2' LCG B 5 7.86 4.80 3.81
H1' LCG B 5 6.13 3.40 5.26
H1 LCG B 5 4.54 0.48 0.43
H21 LCG B 5 5.73 -0.92 1.73
H22 LCG B 5 6.51 -0.38 3.20
P LCG C 3 2.76 -1.60 13.43
OP1 LCG C 3 2.10 -2.47 14.43
O5' LCG C 3 3.77 -2.51 12.56
C5' LCG C 3 4.33 -2.03 11.36
C3' LCG C 3 4.59 -2.57 8.87
C6' LCG C 3 3.95 -4.37 10.28
N9 LCG C 3 1.79 -2.18 7.37
C8 LCG C 3 1.46 -0.83 7.39
C4 LCG C 3 1.36 -2.63 6.15
N7 LCG C 3 0.78 -0.44 6.36
C5 LCG C 3 0.69 -1.58 5.56
C6 LCG C 3 0.06 -1.77 4.28
C2' LCG C 3 3.74 -3.61 8.15
O6 LCG C 3 -0.58 -0.95 3.63
C4' LCG C 3 3.83 -2.84 10.15
C1' LCG C 3 2.33 -3.07 8.44
C2 LCG C 3 0.95 -4.04 4.43
N1 LCG C 3 0.22 -3.07 3.79
O4' LCG C 3 2.50 -2.49 9.72
OP2 LCG C 3 3.46 -0.37 13.86
N2 LCG C 3 1.11 -5.20 3.79
N3 LCG C 3 1.52 -3.88 5.64
O2' LCG C 3 3.90 -4.80 8.93
O3' LCG C 3 5.98 -2.85 8.95
H5' LCG C 3 5.42 -2.12 11.42
H5'' LCG C 3 4.07 -0.97 11.20
H3' LCG C 3 4.39 -1.56 8.52
H6'1 LCG C 3 3.12 -4.78 10.87
H6'2 LCG C 3 4.91 -4.65 10.72
H8 LCG C 3 1.68 -0.13 8.18
H2' LCG C 3 3.98 -3.74 7.10
H1' LCG C 3 1.65 -3.93 8.53
H1 LCG C 3 -0.27 -3.32 2.94
H21 LCG C 3 0.68 -5.34 2.89
H22 LCG C 3 1.64 -5.93 4.23
P LCG C 5 9.94 -6.03 3.62
OP1 LCG C 5 10.83 -7.21 3.76
O5' LCG C 5 9.43 -5.96 2.08
C5' LCG C 5 9.23 -7.12 1.29
C3' LCG C 5 9.27 -5.61 -0.79
C6' LCG C 5 8.39 -7.79 -1.10
N9 LCG C 5 6.41 -4.11 -0.84
C8 LCG C 5 6.82 -3.12 0.01
C4 LCG C 5 5.40 -3.54 -1.59
N7 LCG C 5 6.14 -2.01 -0.10
C5 LCG C 5 5.22 -2.27 -1.11
C6 LCG C 5 4.21 -1.44 -1.69
C2' LCG C 5 8.15 -5.65 -1.81
O6 LCG C 5 3.91 -0.30 -1.39
C4' LCG C 5 8.54 -6.71 -0.02
C1' LCG C 5 6.87 -5.51 -0.99
C2 LCG C 5 3.75 -3.37 -3.13
N1 LCG C 5 3.51 -2.08 -2.73
O4' LCG C 5 7.25 -6.14 0.22
OP2 LCG C 5 10.43 -4.69 4.00
N2 LCG C 5 3.01 -3.85 -4.12
N3 LCG C 5 4.70 -4.16 -2.60
O2' LCG C 5 8.15 -7.00 -2.27
O3' LCG C 5 10.53 -5.92 -1.38
H5' LCG C 5 8.61 -7.85 1.81
H5'' LCG C 5 10.20 -7.57 1.08
H3' LCG C 5 9.31 -4.70 -0.17
H6'1 LCG C 5 7.54 -8.47 -0.89
H6'2 LCG C 5 9.32 -8.36 -1.21
H8 LCG C 5 7.63 -3.23 0.73
H2' LCG C 5 8.23 -4.91 -2.60
H1' LCG C 5 6.10 -6.07 -1.51
H1 LCG C 5 2.84 -1.51 -3.25
H21 LCG C 5 2.31 -3.27 -4.56
H22 LCG C 5 3.18 -4.79 -4.45
P LCG D 3 0.05 -13.77 0.95
OP1 LCG D 3 -1.03 -14.70 1.34
O5' LCG D 3 -0.16 -13.34 -0.59
C5' LCG D 3 0.54 -12.25 -1.15
C3' LCG D 3 0.21 -10.03 -2.37
C6' LCG D 3 -1.64 -11.51 -2.35
N9 LCG D 3 -0.94 -7.84 -0.35
C8 LCG D 3 0.00 -7.57 0.63
C4 LCG D 3 -1.54 -6.62 -0.60
N7 LCG D 3 -0.04 -6.34 1.08
C5 LCG D 3 -1.02 -5.73 0.31
C6 LCG D 3 -1.51 -4.38 0.33
C2' LCG D 3 -1.13 -9.30 -2.42
O6 LCG D 3 -1.18 -3.47 1.09
C4' LCG D 3 -0.43 -11.10 -1.50
C1' LCG D 3 -1.42 -9.13 -0.93
C2 LCG D 3 -2.92 -5.09 -1.53
N1 LCG D 3 -2.49 -4.15 -0.63
O4' LCG D 3 -0.83 -10.31 -0.38
OP2 LCG D 3 1.46 -14.14 1.17
N2 LCG D 3 -3.77 -4.69 -2.47
N3 LCG D 3 -2.48 -6.37 -1.54
O2' LCG D 3 -2.05 -10.27 -2.92
O3' LCG D 3 0.70 -10.50 -3.60
H5' LCG D 3 1.05 -12.58 -2.04
H5'' LCG D 3 1.29 -11.87 -0.43
H3' LCG D 3 0.96 -9.49 -1.79
H6'1 LCG D 3 -2.44 -11.92 -1.72
H6'2 LCG D 3 -1.37 -12.21 -3.13
H8 LCG D 3 0.71 -8.27 1.05
H2' LCG D 3 -1.11 -8.37 -2.99
H1' LCG D 3 -2.50 -9.18 -0.78
H1 LCG D 3 -2.96 -3.24 -0.62
H21 LCG D 3 -4.10 -3.74 -2.49
H22 LCG D 3 -4.09 -5.36 -3.16
P LCG D 5 0.26 -6.90 -10.00
OP1 LCG D 5 -0.24 -7.45 -11.29
O5' LCG D 5 0.08 -5.30 -10.04
C5' LCG D 5 -0.99 -4.66 -10.72
C3' LCG D 5 0.36 -2.48 -10.58
C6' LCG D 5 -1.95 -2.27 -11.13
N9 LCG D 5 0.05 -1.45 -7.54
C8 LCG D 5 1.08 -2.23 -7.08
C4 LCG D 5 -0.02 -0.40 -6.66
N7 LCG D 5 1.64 -1.78 -5.99
C5 LCG D 5 0.94 -0.61 -5.70
C6 LCG D 5 1.07 0.32 -4.62
C2' LCG D 5 -0.27 -1.21 -10.03
O6 LCG D 5 1.86 0.27 -3.69
C4' LCG D 5 -0.98 -3.18 -10.36
C1' LCG D 5 -0.86 -1.63 -8.69
C2 LCG D 5 -0.76 1.53 -5.71
N1 LCG D 5 0.19 1.39 -4.71
O4' LCG D 5 -1.22 -2.97 -8.96
OP2 LCG D 5 1.65 -7.20 -9.57
N2 LCG D 5 -1.55 2.59 -5.67
N3 LCG D 5 -0.90 0.66 -6.73
O2' LCG D 5 -1.39 -0.97 -10.88
O3' LCG D 5 0.79 -2.30 -11.93
H5' LCG D 5 -1.94 -5.11 -10.44
H5'' LCG D 5 -0.83 -4.80 -11.79
H3' LCG D 5 1.12 -2.94 -9.96
H6'1 LCG D 5 -2.98 -2.34 -10.75
H6'2 LCG D 5 -1.91 -2.48 -12.20
H8 LCG D 5 1.42 -3.13 -7.58
H2' LCG D 5 0.42 -0.37 -9.93
H1' LCG D 5 -1.75 -1.01 -8.54
H1 LCG D 5 0.31 2.16 -4.05
H21 LCG D 5 -1.44 3.27 -4.94
H22 LCG D 5 -2.24 2.72 -6.40
P LCG A 3 -11.52 -3.07 -6.97
OP1 LCG A 3 -12.90 -3.31 -6.47
O5' LCG A 3 -11.28 -1.48 -7.03
C5' LCG A 3 -9.97 -0.95 -7.18
C3' LCG A 3 -8.28 0.65 -6.13
C6' LCG A 3 -10.53 0.88 -5.41
N9 LCG A 3 -7.09 -0.64 -3.46
C8 LCG A 3 -6.36 -1.77 -3.78
C4 LCG A 3 -6.40 -0.07 -2.42
N7 LCG A 3 -5.35 -1.99 -2.99
C5 LCG A 3 -5.36 -0.92 -2.10
C6 LCG A 3 -4.50 -0.62 -1.00
C2' LCG A 3 -8.40 1.16 -4.70
O6 LCG A 3 -3.56 -1.27 -0.58
C4' LCG A 3 -9.53 -0.18 -5.92
C1' LCG A 3 -8.43 -0.17 -3.92
C2 LCG A 3 -5.85 1.41 -0.79
N1 LCG A 3 -4.83 0.58 -0.37
O4' LCG A 3 -9.10 -1.03 -4.85
OP2 LCG A 3 -11.07 -3.68 -8.23
N2 LCG A 3 -5.99 2.58 -0.16
N3 LCG A 3 -6.70 1.12 -1.81
O2' LCG A 3 -9.70 1.72 -4.61
O3' LCG A 3 -8.41 1.64 -7.14
H5' LCG A 3 -9.98 -0.27 -8.04
H5'' LCG A 3 -9.25 -1.75 -7.37
H3' LCG A 3 -7.43 0.01 -6.28
H6'1 LCG A 3 -11.31 0.42 -4.81
H6'2 LCG A 3 -10.97 1.44 -6.23
H8 LCG A 3 -6.56 -2.47 -4.59
H2' LCG A 3 -7.60 1.84 -4.39
H1' LCG A 3 -9.05 -0.04 -3.04
H1 LCG A 3 -4.33 0.83 0.48
H21 LCG A 3 -5.37 2.82 0.60
H22 LCG A 3 -6.71 3.21 -0.45
P LCG A 5 -5.54 8.40 -6.81
OP1 LCG A 5 -6.26 9.66 -7.07
O5' LCG A 5 -4.30 8.73 -5.83
C5' LCG A 5 -4.34 9.74 -4.84
C3' LCG A 5 -1.79 9.62 -4.72
C6' LCG A 5 -2.88 10.75 -2.92
N9 LCG A 5 -1.12 6.94 -3.03
C8 LCG A 5 -1.20 6.13 -4.14
C4 LCG A 5 -0.29 6.29 -2.17
N7 LCG A 5 -0.53 5.02 -4.02
C5 LCG A 5 0.06 5.09 -2.76
C6 LCG A 5 0.90 4.18 -2.07
C2' LCG A 5 -1.07 9.44 -3.39
O6 LCG A 5 1.29 3.07 -2.44
C4' LCG A 5 -3.10 9.63 -3.96
C1' LCG A 5 -1.76 8.25 -2.74
C2 LCG A 5 0.90 5.86 -0.29
N1 LCG A 5 1.31 4.65 -0.82
O4' LCG A 5 -3.09 8.39 -3.25
OP2 LCG A 5 -5.03 7.60 -7.94
N2 LCG A 5 1.38 6.19 0.91
N3 LCG A 5 0.11 6.74 -0.94
O2' LCG A 5 -1.49 10.57 -2.61
O3' LCG A 5 -1.37 10.83 -5.36
H5' LCG A 5 -5.25 9.65 -4.23
H5'' LCG A 5 -4.36 10.71 -5.35
H3' LCG A 5 -1.76 8.76 -5.39
H6'1 LCG A 5 -3.50 10.63 -2.03
H6'2 LCG A 5 -3.03 11.73 -3.38
H8 LCG A 5 -1.76 6.38 -5.03
H2' LCG A 5 0.00 9.31 -3.46
H1' LCG A 5 -1.74 8.41 -1.66
H1 LCG A 5 2.01 4.10 -0.32
H21 LCG A 5 1.99 5.57 1.41
H22 LCG A 5 1.10 7.07 1.32
P LCG B 3 -8.77 9.09 5.47
OP1 LCG B 3 -9.75 8.95 6.56
O5' LCG B 3 -7.31 9.32 6.11
C5' LCG B 3 -6.14 9.22 5.32
C3' LCG B 3 -3.90 8.02 5.15
C6' LCG B 3 -4.97 7.93 7.26
N9 LCG B 3 -4.36 4.97 4.29
C8 LCG B 3 -4.91 4.91 3.03
C4 LCG B 3 -3.50 3.90 4.34
N7 LCG B 3 -4.56 3.85 2.34
C5 LCG B 3 -3.67 3.19 3.18
C6 LCG B 3 -2.96 1.96 2.98
C2' LCG B 3 -3.56 6.76 5.93
O6 LCG B 3 -3.01 1.21 2.01
C4' LCG B 3 -5.28 8.01 5.75
C1' LCG B 3 -4.69 5.83 5.47
C2 LCG B 3 -1.95 2.46 5.15
N1 LCG B 3 -2.12 1.65 4.04
O4' LCG B 3 -5.76 6.75 5.27
OP2 LCG B 3 -8.98 10.09 4.39
N2 LCG B 3 -1.01 2.10 6.02
N3 LCG B 3 -2.65 3.58 5.37
O2' LCG B 3 -3.82 7.09 7.28
O3' LCG B 3 -3.13 9.17 5.47
H5' LCG B 3 -5.56 10.14 5.44
H5'' LCG B 3 -6.40 9.11 4.26
H3' LCG B 3 -3.95 7.85 4.07
H6'1 LCG B 3 -5.80 7.49 7.82
H6'2 LCG B 3 -4.71 8.91 7.67
H8 LCG B 3 -5.58 5.63 2.58
H2' LCG B 3 -2.56 6.37 5.75
H1' LCG B 3 -4.95 5.17 6.29
H1 LCG B 3 -1.63 0.76 4.02
H21 LCG B 3 -0.47 1.26 5.89
H22 LCG B 3 -0.86 2.69 6.83
P LCG B 5 4.10 9.21 6.88
OP1 LCG B 5 4.76 9.82 8.05
O5' LCG B 5 5.03 8.01 6.32
C5' LCG B 5 5.86 7.24 7.17
C3' LCG B 5 7.16 6.49 5.07
C6' LCG B 5 7.51 5.21 7.05
N9 LCG B 5 5.27 4.29 3.62
C8 LCG B 5 4.54 5.23 2.95
C4 LCG B 5 5.18 3.15 2.87
N7 LCG B 5 3.96 4.77 1.87
C5 LCG B 5 4.35 3.44 1.81
C6 LCG B 5 4.04 2.42 0.86
C2' LCG B 5 7.38 5.00 4.79
O6 LCG B 5 3.33 2.51 -0.13
C4' LCG B 5 6.44 6.07 6.36
C1' LCG B 5 6.00 4.37 4.91
C2 LCG B 5 5.46 0.99 2.24
N1 LCG B 5 4.66 1.21 1.14
O4' LCG B 5 5.41 5.20 5.90
OP2 LCG B 5 3.70 10.05 5.73
N2 LCG B 5 5.98 -0.22 2.39
N3 LCG B 5 5.76 1.95 3.13
O2' LCG B 5 8.11 4.55 5.94
O3' LCG B 5 8.39 7.18 5.19
H5' LCG B 5 5.30 6.86 8.02
H5'' LCG B 5 6.67 7.88 7.53
H3' LCG B 5 6.45 6.99 4.41
H6'1 LCG B 5 7.07 4.48 7.76
H6'2 LCG B 5 8.25 5.83 7.55
H8 LCG B 5 4.43 6.25 3.27
H2' LCG B 5 7.86 4.80 3.83
H1' LCG B 5 6.16 3.36 5.29
H1 LCG B 5 4.57 0.47 0.45
H21 LCG B 5 5.79 -0.95 1.72
H22 LCG B 5 6.59 -0.40 3.18
P LCG C 3 2.78 -1.53 13.38
OP1 LCG C 3 2.09 -2.34 14.40
O5' LCG C 3 3.74 -2.50 12.53
C5' LCG C 3 4.34 -2.06 11.31
C3' LCG C 3 4.60 -2.64 8.84
C6' LCG C 3 3.92 -4.41 10.27
N9 LCG C 3 1.81 -2.20 7.34
C8 LCG C 3 1.48 -0.85 7.37
C4 LCG C 3 1.38 -2.63 6.11
N7 LCG C 3 0.79 -0.46 6.33
C5 LCG C 3 0.71 -1.58 5.52
C6 LCG C 3 0.08 -1.77 4.25
C2' LCG C 3 3.73 -3.67 8.13
O6 LCG C 3 -0.57 -0.94 3.61
C4' LCG C 3 3.81 -2.88 10.12
C1' LCG C 3 2.33 -3.10 8.40
C2 LCG C 3 1.00 -4.03 4.37
N1 LCG C 3 0.26 -3.06 3.75
O4' LCG C 3 2.50 -2.51 9.69
OP2 LCG C 3 3.54 -0.33 13.78
N2 LCG C 3 1.18 -5.17 3.72
N3 LCG C 3 1.56 -3.88 5.58
O2' LCG C 3 3.86 -4.85 8.91
O3' LCG C 3 5.98 -2.95 8.93
H5' LCG C 3 5.42 -2.20 11.40
H5'' LCG C 3 4.11 -1.01 11.15
H3' LCG C 3 4.42 -1.63 8.49
H6'1 LCG C 3 3.09 -4.82 10.85
H6'2 LCG C 3 4.88 -4.70 10.71
H8 LCG C 3 1.71 -0.16 8.16
H2' LCG C 3 3.96 -3.81 7.08
H1' LCG C 3 1.63 -3.94 8.49
H1 LCG C 3 -0.25 -3.30 2.90
H21 LCG C 3 0.75 -5.32 2.80
H22 LCG C 3 1.72 -5.90 4.14
P LCG C 5 9.96 -6.06 3.56
OP1 LCG C 5 10.85 -7.23 3.71
O5' LCG C 5 9.47 -5.97 2.04
C5' LCG C 5 9.27 -7.12 1.22
C3' LCG C 5 9.31 -5.59 -0.84
C6' LCG C 5 8.43 -7.78 -1.16
N9 LCG C 5 6.46 -4.10 -0.89
C8 LCG C 5 6.87 -3.11 -0.04
C4 LCG C 5 5.45 -3.54 -1.63
N7 LCG C 5 6.18 -2.00 -0.14
C5 LCG C 5 5.26 -2.26 -1.16
C6 LCG C 5 4.25 -1.43 -1.72
C2' LCG C 5 8.20 -5.63 -1.87
O6 LCG C 5 3.94 -0.29 -1.40
C4' LCG C 5 8.58 -6.70 -0.08
C1' LCG C 5 6.92 -5.50 -1.05
C2 LCG C 5 3.79 -3.36 -3.17
N1 LCG C 5 3.54 -2.06 -2.75
O4' LCG C 5 7.30 -6.14 0.16
OP2 LCG C 5 10.45 -4.72 3.96
N2 LCG C 5 3.06 -3.82 -4.17
N3 LCG C 5 4.75 -4.14 -2.64
O2' LCG C 5 8.20 -6.99 -2.32
O3' LCG C 5 10.57 -5.90 -1.43
H5' LCG C 5 8.64 -7.85 1.75
H5'' LCG C 5 10.24 -7.57 1.02
H3' LCG C 5 9.35 -4.69 -0.22
H6'1 LCG C 5 7.59 -8.45 -0.97
H6'2 LCG C 5 9.36 -8.35 -1.28
H8 LCG C 5 7.68 -3.21 0.67
H2' LCG C 5 8.28 -4.88 -2.64
H1' LCG C 5 6.15 -6.05 -1.58
H1 LCG C 5 2.87 -1.51 -3.27
H21 LCG C 5 2.34 -3.25 -4.59
H22 LCG C 5 3.22 -4.76 -4.49
P LCG D 3 -0.04 -13.74 0.99
OP1 LCG D 3 -1.15 -14.63 1.37
O5' LCG D 3 -0.22 -13.32 -0.56
C5' LCG D 3 0.53 -12.25 -1.13
C3' LCG D 3 0.26 -10.04 -2.38
C6' LCG D 3 -1.62 -11.48 -2.39
N9 LCG D 3 -0.90 -7.81 -0.41
C8 LCG D 3 0.04 -7.55 0.57
C4 LCG D 3 -1.51 -6.60 -0.65
N7 LCG D 3 0.00 -6.32 1.01
C5 LCG D 3 -0.97 -5.70 0.25
C6 LCG D 3 -1.47 -4.36 0.28
C2' LCG D 3 -1.06 -9.28 -2.46
O6 LCG D 3 -1.13 -3.44 1.03
C4' LCG D 3 -0.40 -11.09 -1.51
C1' LCG D 3 -1.38 -9.10 -0.98
C2 LCG D 3 -2.90 -5.08 -1.57
N1 LCG D 3 -2.47 -4.12 -0.67
O4' LCG D 3 -0.82 -10.28 -0.41
OP2 LCG D 3 1.36 -14.15 1.22
N2 LCG D 3 -3.78 -4.68 -2.49
N3 LCG D 3 -2.46 -6.35 -1.59
O2' LCG D 3 -1.98 -10.24 -2.97
O3' LCG D 3 0.78 -10.52 -3.61
H5' LCG D 3 1.03 -12.62 -2.01
H5'' LCG D 3 1.27 -11.88 -0.41
H3' LCG D 3 1.01 -9.50 -1.80
H6'1 LCG D 3 -2.43 -11.88 -1.77
H6'2 LCG D 3 -1.34 -12.20 -3.16
H8 LCG D 3 0.76 -8.24 0.99
H2' LCG D 3 -1.02 -8.36 -3.04
H1' LCG D 3 -2.47 -9.13 -0.86
H1 LCG D 3 -2.95 -3.23 -0.66
H21 LCG D 3 -4.12 -3.74 -2.50
H22 LCG D 3 -4.10 -5.35 -3.17
P LCG D 5 0.33 -6.90 -10.04
OP1 LCG D 5 -0.18 -7.46 -11.31
O5' LCG D 5 0.11 -5.31 -10.05
C5' LCG D 5 -0.96 -4.68 -10.73
C3' LCG D 5 0.35 -2.46 -10.59
C6' LCG D 5 -1.97 -2.29 -11.13
N9 LCG D 5 0.05 -1.45 -7.54
C8 LCG D 5 1.10 -2.23 -7.10
C4 LCG D 5 -0.02 -0.41 -6.66
N7 LCG D 5 1.65 -1.78 -6.01
C5 LCG D 5 0.95 -0.62 -5.71
C6 LCG D 5 1.09 0.32 -4.63
C2' LCG D 5 -0.30 -1.21 -10.02
O6 LCG D 5 1.89 0.26 -3.70
C4' LCG D 5 -0.98 -3.19 -10.36
C1' LCG D 5 -0.87 -1.65 -8.68
C2 LCG D 5 -0.76 1.50 -5.70
N1 LCG D 5 0.19 1.38 -4.70
O4' LCG D 5 -1.21 -3.00 -8.95
OP2 LCG D 5 1.71 -7.18 -9.62
N2 LCG D 5 -1.56 2.57 -5.65
N3 LCG D 5 -0.91 0.64 -6.72
O2' LCG D 5 -1.42 -0.99 -10.87
O3' LCG D 5 0.77 -2.26 -11.94
H5' LCG D 5 -1.91 -5.14 -10.46
H5'' LCG D 5 -0.80 -4.79 -11.80
H3' LCG D 5 1.13 -2.93 -9.97
H6'1 LCG D 5 -2.99 -2.38 -10.73
H6'2 LCG D 5 -1.93 -2.50 -12.19
H8 LCG D 5 1.43 -3.13 -7.58
H2' LCG D 5 0.38 -0.37 -9.93
H1' LCG D 5 -1.76 -1.04 -8.52
H1 LCG D 5 0.31 2.13 -4.04
H21 LCG D 5 -1.45 3.25 -4.91
H22 LCG D 5 -2.25 2.70 -6.37
P LCG A 3 -11.53 -3.03 -6.95
OP1 LCG A 3 -12.90 -3.28 -6.46
O5' LCG A 3 -11.28 -1.45 -7.00
C5' LCG A 3 -9.97 -0.92 -7.15
C3' LCG A 3 -8.27 0.67 -6.11
C6' LCG A 3 -10.52 0.92 -5.38
N9 LCG A 3 -7.08 -0.63 -3.44
C8 LCG A 3 -6.37 -1.77 -3.75
C4 LCG A 3 -6.38 -0.05 -2.41
N7 LCG A 3 -5.36 -2.00 -2.96
C5 LCG A 3 -5.36 -0.92 -2.09
C6 LCG A 3 -4.49 -0.62 -0.98
C2' LCG A 3 -8.38 1.18 -4.68
O6 LCG A 3 -3.57 -1.29 -0.55
C4' LCG A 3 -9.53 -0.16 -5.90
C1' LCG A 3 -8.43 -0.15 -3.90
C2 LCG A 3 -5.83 1.43 -0.79
N1 LCG A 3 -4.82 0.58 -0.36
O4' LCG A 3 -9.09 -1.00 -4.82
OP2 LCG A 3 -11.08 -3.62 -8.24
N2 LCG A 3 -5.94 2.61 -0.18
N3 LCG A 3 -6.66 1.13 -1.80
O2' LCG A 3 -9.68 1.75 -4.59
O3' LCG A 3 -8.39 1.65 -7.12
H5' LCG A 3 -9.99 -0.23 -8.00
H5'' LCG A 3 -9.26 -1.72 -7.35
H3' LCG A 3 -7.43 0.01 -6.26
H6'1 LCG A 3 -11.31 0.45 -4.78
H6'2 LCG A 3 -10.95 1.49 -6.20
H8 LCG A 3 -6.58 -2.45 -4.56
H2' LCG A 3 -7.58 1.86 -4.38
H1' LCG A 3 -9.05 -0.01 -3.02
H1 LCG A 3 -4.32 0.84 0.49
H21 LCG A 3 -5.32 2.85 0.59
H22 LCG A 3 -6.66 3.24 -0.48
P LCG A 5 -5.55 8.44 -6.79
OP1 LCG A 5 -6.28 9.71 -7.04
O5' LCG A 5 -4.30 8.75 -5.82
C5' LCG A 5 -4.33 9.77 -4.83
C3' LCG A 5 -1.76 9.64 -4.72
C6' LCG A 5 -2.83 10.78 -2.93
N9 LCG A 5 -1.10 6.96 -3.05
C8 LCG A 5 -1.19 6.15 -4.14
C4 LCG A 5 -0.27 6.30 -2.17
N7 LCG A 5 -0.54 5.03 -4.02
C5 LCG A 5 0.06 5.10 -2.77
C6 LCG A 5 0.90 4.19 -2.07
C2' LCG A 5 -1.05 9.45 -3.40
O6 LCG A 5 1.29 3.08 -2.44
C4' LCG A 5 -3.08 9.65 -3.95
C1' LCG A 5 -1.74 8.27 -2.75
C2 LCG A 5 0.93 5.88 -0.30
N1 LCG A 5 1.31 4.66 -0.82
O4' LCG A 5 -3.06 8.41 -3.25
OP2 LCG A 5 -5.05 7.64 -7.92
N2 LCG A 5 1.40 6.21 0.90
N3 LCG A 5 0.14 6.75 -0.95
O2' LCG A 5 -1.45 10.59 -2.63
O3' LCG A 5 -1.37 10.85 -5.37
H5' LCG A 5 -5.22 9.68 -4.21
H5'' LCG A 5 -4.35 10.74 -5.33
H3' LCG A 5 -1.75 8.78 -5.40
H6'1 LCG A 5 -3.45 10.66 -2.03
H6'2 LCG A 5 -2.99 11.76 -3.38
H8 LCG A 5 -1.76 6.39 -5.02
H2' LCG A 5 0.03 9.32 -3.49
H1' LCG A 5 -1.70 8.44 -1.68
H1 LCG A 5 2.02 4.12 -0.32
H21 LCG A 5 2.01 5.58 1.40
H22 LCG A 5 1.14 7.09 1.30
P LCG B 3 -8.76 9.12 5.48
OP1 LCG B 3 -9.73 8.96 6.58
O5' LCG B 3 -7.30 9.35 6.11
C5' LCG B 3 -6.13 9.24 5.31
C3' LCG B 3 -3.89 8.05 5.11
C6' LCG B 3 -4.94 7.96 7.24
N9 LCG B 3 -4.35 5.00 4.27
C8 LCG B 3 -4.89 4.95 3.00
C4 LCG B 3 -3.50 3.92 4.33
N7 LCG B 3 -4.54 3.89 2.32
C5 LCG B 3 -3.66 3.22 3.15
C6 LCG B 3 -2.94 1.99 2.95
C2' LCG B 3 -3.55 6.79 5.89
O6 LCG B 3 -3.00 1.24 1.98
C4' LCG B 3 -5.27 8.04 5.73
C1' LCG B 3 -4.69 5.85 5.45
C2 LCG B 3 -1.97 2.46 5.14
N1 LCG B 3 -2.12 1.67 4.03
O4' LCG B 3 -5.76 6.78 5.26
OP2 LCG B 3 -9.00 10.12 4.42
N2 LCG B 3 -1.05 2.09 6.04
N3 LCG B 3 -2.66 3.60 5.36
O2' LCG B 3 -3.80 7.12 7.26
O3' LCG B 3 -3.12 9.19 5.43
H5' LCG B 3 -5.55 10.15 5.42
H5'' LCG B 3 -6.41 9.13 4.25
H3' LCG B 3 -3.96 7.87 4.05
H6'1 LCG B 3 -5.77 7.51 7.80
H6'2 LCG B 3 -4.69 8.94 7.65
H8 LCG B 3 -5.57 5.66 2.56
H2' LCG B 3 -2.54 6.40 5.72
H1' LCG B 3 -4.93 5.19 6.28
H1 LCG B 3 -1.65 0.78 4.01
H21 LCG B 3 -0.52 1.25 5.90
H22 LCG B 3 -0.91 2.67 6.85
P LCG B 5 4.10 9.22 6.85
OP1 LCG B 5 4.75 9.84 8.02
O5' LCG B 5 5.04 8.04 6.30
C5' LCG B 5 5.86 7.26 7.16
C3' LCG B 5 7.16 6.49 5.07
C6' LCG B 5 7.49 5.20 7.05
N9 LCG B 5 5.26 4.30 3.62
C8 LCG B 5 4.55 5.24 2.93
C4 LCG B 5 5.16 3.15 2.87
N7 LCG B 5 3.98 4.78 1.85
C5 LCG B 5 4.35 3.45 1.80
C6 LCG B 5 4.04 2.42 0.86
C2' LCG B 5 7.38 5.01 4.79
O6 LCG B 5 3.33 2.51 -0.14
C4' LCG B 5 6.43 6.08 6.35
C1' LCG B 5 6.00 4.38 4.90
C2 LCG B 5 5.44 0.99 2.26
N1 LCG B 5 4.64 1.20 1.15
O4' LCG B 5 5.39 5.22 5.88
OP2 LCG B 5 3.71 10.07 5.70
N2 LCG B 5 5.96 -0.23 2.42
N3 LCG B 5 5.74 1.94 3.15
O2' LCG B 5 8.09 4.56 5.93
O3' LCG B 5 8.39 7.19 5.19
H5' LCG B 5 5.29 6.88 8.00
H5'' LCG B 5 6.67 7.89 7.52
H3' LCG B 5 6.45 6.99 4.40
H6'1 LCG B 5 7.03 4.49 7.74
H6'2 LCG B 5 8.23 5.84 7.56
H8 LCG B 5 4.45 6.27 3.24
H2' LCG B 5 7.85 4.80 3.84
H1' LCG B 5 6.15 3.37 5.28
H1 LCG B 5 4.56 0.47 0.46
H21 LCG B 5 5.76 -0.96 1.75
H22 LCG B 5 6.55 -0.40 3.21
P LCG C 3 2.73 -1.57 13.37
OP1 LCG C 3 2.04 -2.39 14.38
O5' LCG C 3 3.72 -2.51 12.52
C5' LCG C 3 4.30 -2.06 11.31
C3' LCG C 3 4.56 -2.63 8.84
C6' LCG C 3 3.90 -4.41 10.26
N9 LCG C 3 1.78 -2.20 7.34
C8 LCG C 3 1.43 -0.87 7.37
C4 LCG C 3 1.34 -2.64 6.10
N7 LCG C 3 0.74 -0.47 6.33
C5 LCG C 3 0.66 -1.60 5.52
C6 LCG C 3 0.03 -1.79 4.24
C2' LCG C 3 3.70 -3.66 8.13
O6 LCG C 3 -0.62 -0.97 3.60
C4' LCG C 3 3.79 -2.87 10.11
C1' LCG C 3 2.30 -3.11 8.40
C2 LCG C 3 0.97 -4.04 4.37
N1 LCG C 3 0.22 -3.07 3.74
O4' LCG C 3 2.47 -2.51 9.69
OP2 LCG C 3 3.45 -0.34 13.76
N2 LCG C 3 1.17 -5.17 3.70
N3 LCG C 3 1.53 -3.89 5.57
O2' LCG C 3 3.84 -4.84 8.91
O3' LCG C 3 5.95 -2.94 8.92
H5' LCG C 3 5.38 -2.18 11.39
H5'' LCG C 3 4.07 -1.00 11.15
H3' LCG C 3 4.39 -1.62 8.47
H6'1 LCG C 3 3.07 -4.81 10.84
H6'2 LCG C 3 4.86 -4.70 10.70
H8 LCG C 3 1.66 -0.15 8.15
H2' LCG C 3 3.94 -3.80 7.07
H1' LCG C 3 1.61 -3.95 8.49
H1 LCG C 3 -0.27 -3.32 2.89
H21 LCG C 3 0.76 -5.32 2.79
H22 LCG C 3 1.73 -5.89 4.12
P LCG C 5 9.95 -6.09 3.58
OP1 LCG C 5 10.82 -7.26 3.72
O5' LCG C 5 9.46 -5.99 2.05
C5' LCG C 5 9.26 -7.14 1.24
C3' LCG C 5 9.33 -5.59 -0.83
C6' LCG C 5 8.44 -7.78 -1.17
N9 LCG C 5 6.47 -4.09 -0.88
C8 LCG C 5 6.87 -3.11 -0.01
C4 LCG C 5 5.46 -3.53 -1.62
N7 LCG C 5 6.18 -2.00 -0.11
C5 LCG C 5 5.27 -2.26 -1.13
C6 LCG C 5 4.24 -1.44 -1.69
C2' LCG C 5 8.21 -5.63 -1.85
O6 LCG C 5 3.94 -0.30 -1.38
C4' LCG C 5 8.59 -6.71 -0.07
C1' LCG C 5 6.93 -5.49 -1.05
C2 LCG C 5 3.80 -3.36 -3.14
N1 LCG C 5 3.54 -2.06 -2.74
O4' LCG C 5 7.30 -6.14 0.16
OP2 LCG C 5 10.44 -4.75 3.99
N2 LCG C 5 3.07 -3.83 -4.15
N3 LCG C 5 4.76 -4.14 -2.63
O2' LCG C 5 8.21 -6.98 -2.32
O3' LCG C 5 10.59 -5.91 -1.42
H5' LCG C 5 8.63 -7.86 1.76
H5'' LCG C 5 10.23 -7.59 1.04
H3' LCG C 5 9.38 -4.70 -0.20
H6'1 LCG C 5 7.60 -8.45 -0.97
H6'2 LCG C 5 9.37 -8.35 -1.28
H8 LCG C 5 7.68 -3.22 0.70
H2' LCG C 5 8.29 -4.87 -2.63
H1' LCG C 5 6.16 -6.06 -1.57
H1 LCG C 5 2.88 -1.51 -3.25
H21 LCG C 5 2.34 -3.25 -4.57
H22 LCG C 5 3.23 -4.77 -4.48
P LCG D 3 0.08 -13.74 0.99
OP1 LCG D 3 -1.01 -14.66 1.38
O5' LCG D 3 -0.13 -13.34 -0.56
C5' LCG D 3 0.59 -12.26 -1.14
C3' LCG D 3 0.29 -10.05 -2.39
C6' LCG D 3 -1.57 -11.52 -2.39
N9 LCG D 3 -0.90 -7.84 -0.40
C8 LCG D 3 0.05 -7.56 0.57
C4 LCG D 3 -1.50 -6.63 -0.65
N7 LCG D 3 0.01 -6.34 1.01
C5 LCG D 3 -0.97 -5.73 0.25
C6 LCG D 3 -1.47 -4.39 0.27
C2' LCG D 3 -1.04 -9.32 -2.47
O6 LCG D 3 -1.14 -3.47 1.02
C4' LCG D 3 -0.35 -11.11 -1.52
C1' LCG D 3 -1.36 -9.14 -0.98
C2 LCG D 3 -2.91 -5.12 -1.57
N1 LCG D 3 -2.48 -4.17 -0.66
O4' LCG D 3 -0.77 -10.31 -0.42
OP2 LCG D 3 1.49 -14.13 1.20
N2 LCG D 3 -3.80 -4.73 -2.47
N3 LCG D 3 -2.47 -6.39 -1.58
O2' LCG D 3 -1.95 -10.29 -2.97
O3' LCG D 3 0.80 -10.53 -3.62
H5' LCG D 3 1.10 -12.63 -2.03
H5'' LCG D 3 1.34 -11.88 -0.44
H3' LCG D 3 1.04 -9.50 -1.83
H6'1 LCG D 3 -2.36 -11.94 -1.76
H6'2 LCG D 3 -1.29 -12.24 -3.16
H8 LCG D 3 0.76 -8.26 0.99
H2' LCG D 3 -1.02 -8.40 -3.05
H1' LCG D 3 -2.44 -9.19 -0.85
H1 LCG D 3 -2.95 -3.27 -0.65
H21 LCG D 3 -4.15 -3.78 -2.48
H22 LCG D 3 -4.13 -5.41 -3.14
P LCG D 5 0.31 -6.92 -10.03
OP1 LCG D 5 -0.20 -7.46 -11.31
O5' LCG D 5 0.10 -5.32 -10.05
C5' LCG D 5 -0.97 -4.69 -10.71
C3' LCG D 5 0.33 -2.48 -10.57
C6' LCG D 5 -1.98 -2.30 -11.10
N9 LCG D 5 0.04 -1.47 -7.51
C8 LCG D 5 1.09 -2.23 -7.07
C4 LCG D 5 -0.03 -0.41 -6.64
N7 LCG D 5 1.66 -1.78 -5.99
C5 LCG D 5 0.95 -0.62 -5.69
C6 LCG D 5 1.09 0.32 -4.62
C2' LCG D 5 -0.30 -1.23 -9.99
O6 LCG D 5 1.90 0.28 -3.70
C4' LCG D 5 -0.99 -3.19 -10.34
C1' LCG D 5 -0.87 -1.66 -8.66
C2 LCG D 5 -0.76 1.50 -5.69
N1 LCG D 5 0.19 1.38 -4.69
O4' LCG D 5 -1.22 -3.02 -8.94
OP2 LCG D 5 1.71 -7.20 -9.62
N2 LCG D 5 -1.55 2.57 -5.64
N3 LCG D 5 -0.90 0.63 -6.70
O2' LCG D 5 -1.43 -1.00 -10.84
O3' LCG D 5 0.76 -2.29 -11.91
H5' LCG D 5 -1.92 -5.14 -10.44
H5'' LCG D 5 -0.82 -4.79 -11.79
H3' LCG D 5 1.11 -2.95 -9.95
H6'1 LCG D 5 -3.00 -2.39 -10.71
H6'2 LCG D 5 -1.94 -2.51 -12.17
H8 LCG D 5 1.43 -3.14 -7.55
H2' LCG D 5 0.38 -0.38 -9.91
H1' LCG D 5 -1.77 -1.06 -8.49
H1 LCG D 5 0.31 2.14 -4.03
H21 LCG D 5 -1.45 3.25 -4.91
H22 LCG D 5 -2.25 2.69 -6.36
P LCG A 3 -11.50 -3.06 -6.98
OP1 LCG A 3 -12.86 -3.29 -6.49
O5' LCG A 3 -11.24 -1.47 -7.03
C5' LCG A 3 -9.93 -0.95 -7.19
C3' LCG A 3 -8.22 0.64 -6.16
C6' LCG A 3 -10.47 0.89 -5.44
N9 LCG A 3 -7.04 -0.63 -3.48
C8 LCG A 3 -6.31 -1.75 -3.79
C4 LCG A 3 -6.35 -0.04 -2.43
N7 LCG A 3 -5.30 -1.97 -2.98
C5 LCG A 3 -5.32 -0.90 -2.11
C6 LCG A 3 -4.47 -0.59 -1.00
C2' LCG A 3 -8.33 1.16 -4.73
O6 LCG A 3 -3.53 -1.26 -0.56
C4' LCG A 3 -9.47 -0.18 -5.94
C1' LCG A 3 -8.38 -0.15 -3.94
C2 LCG A 3 -5.82 1.42 -0.79
N1 LCG A 3 -4.80 0.61 -0.37
O4' LCG A 3 -9.05 -1.01 -4.86
OP2 LCG A 3 -11.05 -3.66 -8.26
N2 LCG A 3 -5.95 2.60 -0.17
N3 LCG A 3 -6.65 1.14 -1.81
O2' LCG A 3 -9.63 1.74 -4.66
O3' LCG A 3 -8.33 1.61 -7.19
H5' LCG A 3 -9.93 -0.28 -8.05
H5'' LCG A 3 -9.22 -1.75 -7.38
H3' LCG A 3 -7.37 -0.02 -6.30
H6'1 LCG A 3 -11.26 0.45 -4.83
H6'2 LCG A 3 -10.90 1.46 -6.27
H8 LCG A 3 -6.50 -2.44 -4.60
H2' LCG A 3 -7.53 1.85 -4.43
H1' LCG A 3 -9.00 0.00 -3.07
H1 LCG A 3 -4.31 0.85 0.48
H21 LCG A 3 -5.35 2.84 0.60
H22 LCG A 3 -6.68 3.23 -0.47
P LCG A 5 -5.57 8.44 -6.83
OP1 LCG A 5 -6.31 9.71 -7.08
O5' LCG A 5 -4.33 8.76 -5.84
C5' LCG A 5 -4.39 9.77 -4.84
C3' LCG A 5 -1.82 9.65 -4.72
C6' LCG A 5 -2.91 10.77 -2.92
N9 LCG A 5 -1.15 6.97 -3.05
C8 LCG A 5 -1.22 6.16 -4.17
C4 LCG A 5 -0.31 6.30 -2.19
N7 LCG A 5 -0.56 5.04 -4.05
C5 LCG A 5 0.03 5.11 -2.78
C6 LCG A 5 0.88 4.19 -2.09
C2' LCG A 5 -1.10 9.46 -3.39
O6 LCG A 5 1.26 3.10 -2.47
C4' LCG A 5 -3.15 9.65 -3.96
C1' LCG A 5 -1.80 8.27 -2.76
C2 LCG A 5 0.87 5.87 -0.31
N1 LCG A 5 1.28 4.67 -0.84
O4' LCG A 5 -3.11 8.40 -3.26
OP2 LCG A 5 -5.06 7.66 -7.97
N2 LCG A 5 1.33 6.20 0.89
N3 LCG A 5 0.08 6.74 -0.95
O2' LCG A 5 -1.52 10.59 -2.62
O3' LCG A 5 -1.43 10.87 -5.37
H5' LCG A 5 -5.28 9.67 -4.24
H5'' LCG A 5 -4.40 10.74 -5.34
H3' LCG A 5 -1.79 8.80 -5.41
H6'1 LCG A 5 -3.53 10.64 -2.03
H6'2 LCG A 5 -3.07 11.74 -3.37
H8 LCG A 5 -1.78 6.41 -5.06
H2' LCG A 5 -0.02 9.34 -3.48
H1' LCG A 5 -1.76 8.42 -1.68
H1 LCG A 5 1.96 4.12 -0.34
H21 LCG A 5 1.95 5.56 1.38
H22 LCG A 5 1.06 7.08 1.30
P LCG B 3 -8.76 9.09 5.49
OP1 LCG B 3 -9.75 8.94 6.59
O5' LCG B 3 -7.31 9.33 6.12
C5' LCG B 3 -6.15 9.24 5.32
C3' LCG B 3 -3.90 8.06 5.13
C6' LCG B 3 -4.93 7.98 7.26
N9 LCG B 3 -4.35 5.00 4.31
C8 LCG B 3 -4.91 4.94 3.05
C4 LCG B 3 -3.48 3.93 4.36
N7 LCG B 3 -4.56 3.87 2.37
C5 LCG B 3 -3.66 3.21 3.20
C6 LCG B 3 -2.95 1.98 3.00
C2' LCG B 3 -3.54 6.80 5.92
O6 LCG B 3 -3.01 1.22 2.04
C4' LCG B 3 -5.28 8.05 5.75
C1' LCG B 3 -4.67 5.86 5.48
C2 LCG B 3 -1.95 2.48 5.19
N1 LCG B 3 -2.11 1.67 4.08
O4' LCG B 3 -5.75 6.77 5.29
OP2 LCG B 3 -9.00 10.10 4.42
N2 LCG B 3 -1.02 2.12 6.06
N3 LCG B 3 -2.65 3.61 5.40
O2' LCG B 3 -3.78 7.14 7.28
O3' LCG B 3 -3.13 9.21 5.43
H5' LCG B 3 -5.57 10.15 5.43
H5'' LCG B 3 -6.41 9.11 4.27
H3' LCG B 3 -3.97 7.87 4.06
H6'1 LCG B 3 -5.75 7.54 7.83
H6'2 LCG B 3 -4.68 8.96 7.65
H8 LCG B 3 -5.59 5.65 2.60
H2' LCG B 3 -2.53 6.42 5.73
H1' LCG B 3 -4.91 5.20 6.32
H1 LCG B 3 -1.64 0.77 4.07
H21 LCG B 3 -0.48 1.28 5.93
H22 LCG B 3 -0.87 2.71 6.87
P LCG B 5 4.11 9.26 6.78
OP1 LCG B 5 4.79 9.89 7.93
O5' LCG B 5 5.05 8.06 6.23
C5' LCG B 5 5.88 7.30 7.08
C3' LCG B 5 7.14 6.51 4.98
C6' LCG B 5 7.52 5.26 6.97
N9 LCG B 5 5.25 4.30 3.59
C8 LCG B 5 4.52 5.25 2.90
C4 LCG B 5 5.15 3.16 2.84
N7 LCG B 5 3.95 4.79 1.83
C5 LCG B 5 4.32 3.45 1.78
C6 LCG B 5 4.01 2.42 0.83
C2' LCG B 5 7.38 5.03 4.72
O6 LCG B 5 3.29 2.52 -0.15
C4' LCG B 5 6.45 6.12 6.28
C1' LCG B 5 6.00 4.40 4.86
C2 LCG B 5 5.43 1.00 2.22
N1 LCG B 5 4.62 1.20 1.12
O4' LCG B 5 5.41 5.24 5.85
OP2 LCG B 5 3.71 10.09 5.62
N2 LCG B 5 5.95 -0.21 2.39
N3 LCG B 5 5.73 1.95 3.11
O2' LCG B 5 8.11 4.59 5.86
O3' LCG B 5 8.38 7.22 5.08
H5' LCG B 5 5.32 6.92 7.94
H5'' LCG B 5 6.69 7.93 7.43
H3' LCG B 5 6.43 7.00 4.32
H6'1 LCG B 5 7.09 4.54 7.69
H6'2 LCG B 5 8.27 5.89 7.47
H8 LCG B 5 4.43 6.28 3.21
H2' LCG B 5 7.84 4.82 3.76
H1' LCG B 5 6.16 3.39 5.25
H1 LCG B 5 4.53 0.47 0.44
H21 LCG B 5 5.76 -0.94 1.71
H22 LCG B 5 6.55 -0.39 3.17
P LCG C 3 2.78 -1.60 13.38
OP1 LCG C 3 2.10 -2.45 14.39
O5' LCG C 3 3.80 -2.51 12.54
C5' LCG C 3 4.38 -2.04 11.33
C3' LCG C 3 4.64 -2.61 8.86
C6' LCG C 3 3.97 -4.39 10.27
N9 LCG C 3 1.83 -2.18 7.36
C8 LCG C 3 1.51 -0.83 7.39
C4 LCG C 3 1.39 -2.62 6.14
N7 LCG C 3 0.81 -0.44 6.35
C5 LCG C 3 0.72 -1.57 5.55
C6 LCG C 3 0.07 -1.77 4.29
C2' LCG C 3 3.78 -3.63 8.15
O6 LCG C 3 -0.58 -0.94 3.64
C4' LCG C 3 3.86 -2.85 10.13
C1' LCG C 3 2.36 -3.08 8.42
C2 LCG C 3 0.96 -4.05 4.43
N1 LCG C 3 0.22 -3.07 3.79
O4' LCG C 3 2.54 -2.49 9.71
OP2 LCG C 3 3.48 -0.36 13.81
N2 LCG C 3 1.11 -5.19 3.78
N3 LCG C 3 1.54 -3.88 5.62
O2' LCG C 3 3.91 -4.81 8.92
O3' LCG C 3 6.02 -2.92 8.94
H5' LCG C 3 5.46 -2.15 11.40
H5'' LCG C 3 4.13 -0.99 11.18
H3' LCG C 3 4.46 -1.60 8.50
H6'1 LCG C 3 3.14 -4.78 10.85
H6'2 LCG C 3 4.93 -4.68 10.71
H8 LCG C 3 1.75 -0.13 8.17
H2' LCG C 3 4.00 -3.78 7.09
H1' LCG C 3 1.68 -3.92 8.52
H1 LCG C 3 -0.27 -3.31 2.95
H21 LCG C 3 0.69 -5.34 2.88
H22 LCG C 3 1.66 -5.93 4.22
P LCG C 5 9.96 -6.07 3.57
OP1 LCG C 5 10.84 -7.25 3.70
O5' LCG C 5 9.44 -5.98 2.03
C5' LCG C 5 9.24 -7.14 1.23
C3' LCG C 5 9.27 -5.60 -0.83
C6' LCG C 5 8.39 -7.79 -1.16
N9 LCG C 5 6.42 -4.11 -0.87
C8 LCG C 5 6.83 -3.12 -0.02
C4 LCG C 5 5.40 -3.55 -1.61
N7 LCG C 5 6.14 -2.01 -0.11
C5 LCG C 5 5.22 -2.27 -1.13
C6 LCG C 5 4.20 -1.45 -1.69
C2' LCG C 5 8.16 -5.64 -1.86
O6 LCG C 5 3.90 -0.31 -1.37
C4' LCG C 5 8.55 -6.71 -0.07
C1' LCG C 5 6.89 -5.50 -1.04
C2 LCG C 5 3.75 -3.37 -3.13
N1 LCG C 5 3.49 -2.08 -2.72
O4' LCG C 5 7.26 -6.15 0.17
OP2 LCG C 5 10.46 -4.74 3.95
N2 LCG C 5 3.00 -3.84 -4.13
N3 LCG C 5 4.70 -4.15 -2.61
O2' LCG C 5 8.17 -6.99 -2.33
O3' LCG C 5 10.55 -5.91 -1.42
H5' LCG C 5 8.62 -7.87 1.75
H5'' LCG C 5 10.21 -7.59 1.02
H3' LCG C 5 9.32 -4.71 -0.20
H6'1 LCG C 5 7.55 -8.45 -0.97
H6'2 LCG C 5 9.32 -8.36 -1.28
H8 LCG C 5 7.64 -3.22 0.68
H2' LCG C 5 8.24 -4.89 -2.64
H1' LCG C 5 6.11 -6.07 -1.56
H1 LCG C 5 2.84 -1.50 -3.24
H21 LCG C 5 2.29 -3.26 -4.56
H22 LCG C 5 3.16 -4.78 -4.47
P LCG D 3 -0.02 -13.76 0.97
OP1 LCG D 3 -1.13 -14.68 1.35
O5' LCG D 3 -0.21 -13.34 -0.57
C5' LCG D 3 0.51 -12.25 -1.13
C3' LCG D 3 0.22 -10.03 -2.35
C6' LCG D 3 -1.65 -11.49 -2.34
N9 LCG D 3 -0.94 -7.83 -0.34
C8 LCG D 3 0.01 -7.56 0.63
C4 LCG D 3 -1.54 -6.61 -0.59
N7 LCG D 3 -0.03 -6.34 1.07
C5 LCG D 3 -1.02 -5.72 0.32
C6 LCG D 3 -1.51 -4.37 0.34
C2' LCG D 3 -1.11 -9.29 -2.42
O6 LCG D 3 -1.17 -3.46 1.10
C4' LCG D 3 -0.43 -11.09 -1.50
C1' LCG D 3 -1.42 -9.12 -0.93
C2 LCG D 3 -2.91 -5.08 -1.53
N1 LCG D 3 -2.49 -4.14 -0.61
O4' LCG D 3 -0.84 -10.29 -0.37
OP2 LCG D 3 1.38 -14.15 1.20
N2 LCG D 3 -3.77 -4.68 -2.46
N3 LCG D 3 -2.48 -6.36 -1.53
O2' LCG D 3 -2.03 -10.24 -2.93
O3' LCG D 3 0.73 -10.51 -3.59
H5' LCG D 3 1.02 -12.60 -2.02
H5'' LCG D 3 1.26 -11.89 -0.42
H3' LCG D 3 0.97 -9.50 -1.78
H6'1 LCG D 3 -2.45 -11.89 -1.73
H6'2 LCG D 3 -1.38 -12.19 -3.14
H8 LCG D 3 0.72 -8.26 1.04
H2' LCG D 3 -1.08 -8.36 -2.99
H1' LCG D 3 -2.50 -9.16 -0.79
H1 LCG D 3 -2.96 -3.23 -0.61
H21 LCG D 3 -4.11 -3.72 -2.48
H22 LCG D 3 -4.08 -5.34 -3.16
P LCG D 5 0.36 -6.89 -10.01
OP1 LCG D 5 -0.13 -7.46 -11.29
O5' LCG D 5 0.16 -5.30 -10.04
C5' LCG D 5 -0.91 -4.67 -10.73
C3' LCG D 5 0.41 -2.46 -10.60
C6' LCG D 5 -1.90 -2.28 -11.15
N9 LCG D 5 0.09 -1.43 -7.56
C8 LCG D 5 1.13 -2.20 -7.10
C4 LCG D 5 0.01 -0.38 -6.68
N7 LCG D 5 1.67 -1.76 -6.00
C5 LCG D 5 0.96 -0.60 -5.72
C6 LCG D 5 1.09 0.34 -4.63
C2' LCG D 5 -0.23 -1.20 -10.05
O6 LCG D 5 1.87 0.29 -3.69
C4' LCG D 5 -0.91 -3.18 -10.38
C1' LCG D 5 -0.82 -1.63 -8.71
C2 LCG D 5 -0.74 1.53 -5.73
N1 LCG D 5 0.18 1.40 -4.73
O4' LCG D 5 -1.16 -2.98 -8.98
OP2 LCG D 5 1.74 -7.17 -9.55
N2 LCG D 5 -1.54 2.59 -5.70
N3 LCG D 5 -0.87 0.66 -6.75
O2' LCG D 5 -1.36 -0.98 -10.90
O3' LCG D 5 0.83 -2.27 -11.95
H5' LCG D 5 -1.86 -5.12 -10.45
H5'' LCG D 5 -0.74 -4.80 -11.79
H3' LCG D 5 1.18 -2.92 -9.98
H6'1 LCG D 5 -2.93 -2.36 -10.76
H6'2 LCG D 5 -1.87 -2.49 -12.21
H8 LCG D 5 1.48 -3.10 -7.60
H2' LCG D 5 0.44 -0.36 -9.95
H1' LCG D 5 -1.71 -1.03 -8.55
H1 LCG D 5 0.30 2.16 -4.05
H21 LCG D 5 -1.45 3.27 -4.95
H22 LCG D 5 -2.23 2.72 -6.42
P LCG A 3 -11.58 -3.03 -6.90
OP1 LCG A 3 -12.95 -3.28 -6.40
O5' LCG A 3 -11.32 -1.44 -6.93
C5' LCG A 3 -10.02 -0.91 -7.10
C3' LCG A 3 -8.31 0.66 -6.07
C6' LCG A 3 -10.54 0.91 -5.31
N9 LCG A 3 -7.09 -0.63 -3.41
C8 LCG A 3 -6.37 -1.76 -3.74
C4 LCG A 3 -6.38 -0.05 -2.38
N7 LCG A 3 -5.36 -1.99 -2.95
C5 LCG A 3 -5.36 -0.91 -2.07
C6 LCG A 3 -4.49 -0.62 -0.97
C2' LCG A 3 -8.39 1.17 -4.65
O6 LCG A 3 -3.55 -1.28 -0.55
C4' LCG A 3 -9.56 -0.16 -5.85
C1' LCG A 3 -8.43 -0.15 -3.87
C2 LCG A 3 -5.82 1.44 -0.78
N1 LCG A 3 -4.80 0.60 -0.35
O4' LCG A 3 -9.12 -1.00 -4.78
OP2 LCG A 3 -11.14 -3.61 -8.19
N2 LCG A 3 -5.91 2.62 -0.17
N3 LCG A 3 -6.66 1.14 -1.77
O2' LCG A 3 -9.69 1.75 -4.54
O3' LCG A 3 -8.44 1.65 -7.09
H5' LCG A 3 -10.04 -0.22 -7.94
H5'' LCG A 3 -9.31 -1.72 -7.32
H3' LCG A 3 -7.45 0.02 -6.23
H6'1 LCG A 3 -11.33 0.45 -4.70
H6'2 LCG A 3 -10.99 1.48 -6.14
H8 LCG A 3 -6.59 -2.45 -4.54
H2' LCG A 3 -7.60 1.86 -4.34
H1' LCG A 3 -9.05 -0.01 -2.97
H1 LCG A 3 -4.30 0.84 0.49
H21 LCG A 3 -5.29 2.86 0.59
H22 LCG A 3 -6.63 3.25 -0.47
P LCG A 5 -5.56 8.41 -6.81
OP1 LCG A 5 -6.29 9.67 -7.08
O5' LCG A 5 -4.32 8.74 -5.84
C5' LCG A 5 -4.35 9.76 -4.86
C3' LCG A 5 -1.79 9.65 -4.75
C6' LCG A 5 -2.87 10.78 -2.95
N9 LCG A 5 -1.10 6.98 -3.06
C8 LCG A 5 -1.20 6.16 -4.16
C4 LCG A 5 -0.27 6.33 -2.19
N7 LCG A 5 -0.53 5.04 -4.03
C5 LCG A 5 0.07 5.14 -2.78
C6 LCG A 5 0.92 4.21 -2.09
C2' LCG A 5 -1.08 9.47 -3.41
O6 LCG A 5 1.31 3.12 -2.46
C4' LCG A 5 -3.10 9.65 -3.98
C1' LCG A 5 -1.75 8.28 -2.77
C2 LCG A 5 0.94 5.91 -0.33
N1 LCG A 5 1.34 4.70 -0.84
O4' LCG A 5 -3.08 8.41 -3.26
OP2 LCG A 5 -5.06 7.60 -7.94
N2 LCG A 5 1.41 6.25 0.88
N3 LCG A 5 0.14 6.77 -0.97
O2' LCG A 5 -1.49 10.61 -2.64
O3' LCG A 5 -1.40 10.86 -5.38
H5' LCG A 5 -5.26 9.67 -4.25
H5'' LCG A 5 -4.37 10.72 -5.37
H3' LCG A 5 -1.76 8.80 -5.42
H6'1 LCG A 5 -3.51 10.66 -2.06
H6'2 LCG A 5 -3.04 11.75 -3.41
H8 LCG A 5 -1.76 6.39 -5.05
H2' LCG A 5 0.00 9.34 -3.49
H1' LCG A 5 -1.73 8.44 -1.70
H1 LCG A 5 2.03 4.16 -0.34
H21 LCG A 5 2.03 5.62 1.38
H22 LCG A 5 1.14 7.13 1.28
P LCG B 3 -8.75 9.12 5.43
OP1 LCG B 3 -9.73 8.97 6.52
O5' LCG B 3 -7.29 9.34 6.08
C5' LCG B 3 -6.11 9.24 5.30
C3' LCG B 3 -3.87 8.06 5.12
C6' LCG B 3 -4.93 7.98 7.24
N9 LCG B 3 -4.32 5.01 4.28
C8 LCG B 3 -4.86 4.95 3.02
C4 LCG B 3 -3.46 3.94 4.34
N7 LCG B 3 -4.52 3.90 2.34
C5 LCG B 3 -3.62 3.23 3.17
C6 LCG B 3 -2.91 2.00 2.98
C2' LCG B 3 -3.52 6.81 5.91
O6 LCG B 3 -2.96 1.24 2.01
C4' LCG B 3 -5.25 8.05 5.73
C1' LCG B 3 -4.65 5.87 5.46
C2 LCG B 3 -1.93 2.49 5.16
N1 LCG B 3 -2.08 1.68 4.05
O4' LCG B 3 -5.73 6.79 5.26
OP2 LCG B 3 -8.95 10.13 4.37
N2 LCG B 3 -1.01 2.12 6.04
N3 LCG B 3 -2.63 3.61 5.37
O2' LCG B 3 -3.78 7.15 7.26
O3' LCG B 3 -3.10 9.21 5.43
H5' LCG B 3 -5.54 10.17 5.42
H5'' LCG B 3 -6.37 9.14 4.24
H3' LCG B 3 -3.93 7.88 4.05
H6'1 LCG B 3 -5.75 7.54 7.81
H6'2 LCG B 3 -4.68 8.97 7.64
H8 LCG B 3 -5.54 5.66 2.57
H2' LCG B 3 -2.52 6.42 5.73
H1' LCG B 3 -4.90 5.20 6.29
H1 LCG B 3 -1.62 0.79 4.03
H21 LCG B 3 -0.47 1.27 5.91
H22 LCG B 3 -0.85 2.69 6.86
P LCG B 5 4.13 9.25 6.84
OP1 LCG B 5 4.80 9.87 8.00
O5' LCG B 5 5.07 8.05 6.29
C5' LCG B 5 5.89 7.28 7.15
C3' LCG B 5 7.18 6.50 5.06
C6' LCG B 5 7.52 5.22 7.04
N9 LCG B 5 5.28 4.32 3.62
C8 LCG B 5 4.56 5.27 2.94
C4 LCG B 5 5.18 3.17 2.87
N7 LCG B 5 3.99 4.81 1.85
C5 LCG B 5 4.37 3.47 1.80
C6 LCG B 5 4.05 2.45 0.85
C2' LCG B 5 7.40 5.02 4.78
O6 LCG B 5 3.34 2.55 -0.15
C4' LCG B 5 6.45 6.10 6.34
C1' LCG B 5 6.02 4.39 4.90
C2 LCG B 5 5.45 1.02 2.25
N1 LCG B 5 4.65 1.22 1.14
O4' LCG B 5 5.42 5.23 5.88
OP2 LCG B 5 3.74 10.09 5.68
N2 LCG B 5 5.96 -0.21 2.40
N3 LCG B 5 5.76 1.96 3.13
O2' LCG B 5 8.12 4.56 5.93
O3' LCG B 5 8.42 7.19 5.19
H5' LCG B 5 5.32 6.90 8.00
H5'' LCG B 5 6.70 7.90 7.51
H3' LCG B 5 6.48 7.01 4.39
H6'1 LCG B 5 7.06 4.51 7.75
H6'2 LCG B 5 8.26 5.85 7.55
H8 LCG B 5 4.47 6.30 3.24
H2' LCG B 5 7.88 4.81 3.83
H1' LCG B 5 6.16 3.39 5.28
H1 LCG B 5 4.56 0.49 0.45
H21 LCG B 5 5.76 -0.93 1.73
H22 LCG B 5 6.55 -0.39 3.20
P LCG C 3 2.73 -1.62 13.39
OP1 LCG C 3 2.04 -2.47 14.38
O5' LCG C 3 3.74 -2.54 12.54
C5' LCG C 3 4.32 -2.06 11.33
C3' LCG C 3 4.60 -2.61 8.86
C6' LCG C 3 3.95 -4.40 10.26
N9 LCG C 3 1.81 -2.19 7.35
C8 LCG C 3 1.48 -0.84 7.38
C4 LCG C 3 1.37 -2.63 6.12
N7 LCG C 3 0.79 -0.45 6.34
C5 LCG C 3 0.71 -1.58 5.54
C6 LCG C 3 0.07 -1.76 4.27
C2' LCG C 3 3.75 -3.64 8.13
O6 LCG C 3 -0.59 -0.94 3.62
C4' LCG C 3 3.82 -2.87 10.13
C1' LCG C 3 2.34 -3.10 8.41
C2 LCG C 3 0.96 -4.03 4.40
N1 LCG C 3 0.22 -3.05 3.76
O4' LCG C 3 2.51 -2.50 9.70
OP2 LCG C 3 3.43 -0.39 13.81
N2 LCG C 3 1.13 -5.18 3.75
N3 LCG C 3 1.53 -3.88 5.61
O2' LCG C 3 3.89 -4.83 8.90
O3' LCG C 3 5.99 -2.91 8.94
H5' LCG C 3 5.41 -2.17 11.42
H5'' LCG C 3 4.09 -1.00 11.18
H3' LCG C 3 4.43 -1.59 8.51
H6'1 LCG C 3 3.12 -4.81 10.84
H6'2 LCG C 3 4.90 -4.69 10.71
H8 LCG C 3 1.71 -0.15 8.17
H2' LCG C 3 3.98 -3.77 7.07
H1' LCG C 3 1.65 -3.94 8.50
H1 LCG C 3 -0.27 -3.30 2.92
H21 LCG C 3 0.70 -5.33 2.84
H22 LCG C 3 1.67 -5.92 4.17
P LCG C 5 9.96 -6.06 3.58
OP1 LCG C 5 10.85 -7.24 3.72
O5' LCG C 5 9.47 -5.97 2.04
C5' LCG C 5 9.26 -7.12 1.24
C3' LCG C 5 9.32 -5.58 -0.83
C6' LCG C 5 8.43 -7.76 -1.16
N9 LCG C 5 6.45 -4.08 -0.88
C8 LCG C 5 6.87 -3.09 -0.01
C4 LCG C 5 5.45 -3.52 -1.62
N7 LCG C 5 6.18 -1.99 -0.12
C5 LCG C 5 5.26 -2.25 -1.13
C6 LCG C 5 4.23 -1.42 -1.70
C2' LCG C 5 8.20 -5.61 -1.85
O6 LCG C 5 3.93 -0.27 -1.39
C4' LCG C 5 8.59 -6.69 -0.07
C1' LCG C 5 6.93 -5.47 -1.04
C2 LCG C 5 3.79 -3.35 -3.14
N1 LCG C 5 3.53 -2.05 -2.73
O4' LCG C 5 7.30 -6.12 0.17
OP2 LCG C 5 10.46 -4.72 3.97
N2 LCG C 5 3.05 -3.82 -4.14
N3 LCG C 5 4.75 -4.12 -2.62
O2' LCG C 5 8.20 -6.96 -2.32
O3' LCG C 5 10.57 -5.89 -1.42
H5' LCG C 5 8.65 -7.84 1.75
H5'' LCG C 5 10.23 -7.57 1.03
H3' LCG C 5 9.36 -4.69 -0.20
H6'1 LCG C 5 7.58 -8.44 -0.96
H6'2 LCG C 5 9.36 -8.33 -1.29
H8 LCG C 5 7.67 -3.20 0.70
H2' LCG C 5 8.28 -4.86 -2.62
H1' LCG C 5 6.15 -6.04 -1.56
H1 LCG C 5 2.87 -1.49 -3.25
H21 LCG C 5 2.34 -3.25 -4.57
H22 LCG C 5 3.21 -4.76 -4.47
P LCG D 3 0.10 -13.75 0.99
OP1 LCG D 3 -0.99 -14.68 1.37
O5' LCG D 3 -0.10 -13.33 -0.55
C5' LCG D 3 0.61 -12.24 -1.12
C3' LCG D 3 0.28 -10.03 -2.35
C6' LCG D 3 -1.57 -11.51 -2.34
N9 LCG D 3 -0.90 -7.84 -0.36
C8 LCG D 3 0.05 -7.56 0.62
C4 LCG D 3 -1.50 -6.62 -0.61
N7 LCG D 3 0.01 -6.33 1.05
C5 LCG D 3 -0.97 -5.72 0.28
C6 LCG D 3 -1.47 -4.37 0.31
C2' LCG D 3 -1.05 -9.31 -2.43
O6 LCG D 3 -1.14 -3.45 1.05
C4' LCG D 3 -0.35 -11.10 -1.49
C1' LCG D 3 -1.36 -9.12 -0.93
C2 LCG D 3 -2.90 -5.11 -1.54
N1 LCG D 3 -2.47 -4.15 -0.64
O4' LCG D 3 -0.78 -10.30 -0.37
OP2 LCG D 3 1.51 -14.12 1.22
N2 LCG D 3 -3.78 -4.72 -2.46
N3 LCG D 3 -2.45 -6.38 -1.55
O2' LCG D 3 -1.97 -10.28 -2.93
O3' LCG D 3 0.80 -10.51 -3.59
H5' LCG D 3 1.12 -12.59 -2.01
H5'' LCG D 3 1.34 -11.86 -0.40
H3' LCG D 3 1.03 -9.48 -1.78
H6'1 LCG D 3 -2.36 -11.93 -1.72
H6'2 LCG D 3 -1.29 -12.22 -3.12
H8 LCG D 3 0.76 -8.24 1.04
H2' LCG D 3 -1.03 -8.38 -2.99
H1' LCG D 3 -2.44 -9.18 -0.80
H1 LCG D 3 -2.94 -3.26 -0.63
H21 LCG D 3 -4.13 -3.76 -2.47
H22 LCG D 3 -4.11 -5.39 -3.14
P LCG D 5 0.25 -6.92 -10.01
OP1 LCG D 5 -0.26 -7.47 -11.27
O5' LCG D 5 0.05 -5.32 -10.02
C5' LCG D 5 -1.02 -4.68 -10.69
C3' LCG D 5 0.30 -2.48 -10.56
C6' LCG D 5 -2.01 -2.29 -11.08
N9 LCG D 5 0.02 -1.46 -7.51
C8 LCG D 5 1.07 -2.23 -7.07
C4 LCG D 5 -0.04 -0.40 -6.64
N7 LCG D 5 1.63 -1.77 -5.98
C5 LCG D 5 0.93 -0.61 -5.69
C6 LCG D 5 1.09 0.33 -4.62
C2' LCG D 5 -0.33 -1.22 -9.98
O6 LCG D 5 1.89 0.29 -3.70
C4' LCG D 5 -1.03 -3.19 -10.32
C1' LCG D 5 -0.91 -1.65 -8.65
C2 LCG D 5 -0.77 1.52 -5.69
N1 LCG D 5 0.19 1.40 -4.70
O4' LCG D 5 -1.25 -3.00 -8.92
OP2 LCG D 5 1.65 -7.19 -9.60
N2 LCG D 5 -1.55 2.59 -5.64
N3 LCG D 5 -0.91 0.64 -6.69
O2' LCG D 5 -1.46 -0.99 -10.83
O3' LCG D 5 0.72 -2.30 -11.91
H5' LCG D 5 -1.97 -5.14 -10.41
H5'' LCG D 5 -0.88 -4.80 -11.76
H3' LCG D 5 1.07 -2.95 -9.94
H6'1 LCG D 5 -3.04 -2.38 -10.70
H6'2 LCG D 5 -1.98 -2.51 -12.15
H8 LCG D 5 1.40 -3.13 -7.55
H2' LCG D 5 0.35 -0.38 -9.90
H1' LCG D 5 -1.79 -1.04 -8.48
H1 LCG D 5 0.32 2.16 -4.03
H21 LCG D 5 -1.44 3.27 -4.90
H22 LCG D 5 -2.25 2.71 -6.35
P LCG A 3 -11.60 -2.95 -7.00
OP1 LCG A 3 -13.00 -3.15 -6.57
O5' LCG A 3 -11.29 -1.37 -7.05
C5' LCG A 3 -9.96 -0.89 -7.15
C3' LCG A 3 -8.28 0.66 -6.03
C6' LCG A 3 -10.54 0.88 -5.32
N9 LCG A 3 -7.13 -0.71 -3.37
C8 LCG A 3 -6.42 -1.85 -3.68
C4 LCG A 3 -6.42 -0.12 -2.34
N7 LCG A 3 -5.42 -2.08 -2.87
C5 LCG A 3 -5.41 -1.00 -2.01
C6 LCG A 3 -4.54 -0.69 -0.91
C2' LCG A 3 -8.41 1.14 -4.58
O6 LCG A 3 -3.61 -1.37 -0.47
C4' LCG A 3 -9.54 -0.17 -5.86
C1' LCG A 3 -8.46 -0.22 -3.85
C2 LCG A 3 -5.83 1.38 -0.76
N1 LCG A 3 -4.84 0.54 -0.32
O4' LCG A 3 -9.12 -1.05 -4.80
OP2 LCG A 3 -11.10 -3.58 -8.24
N2 LCG A 3 -5.90 2.58 -0.19
N3 LCG A 3 -6.68 1.08 -1.75
O2' LCG A 3 -9.72 1.70 -4.50
O3' LCG A 3 -8.39 1.66 -7.02
H5' LCG A 3 -9.92 -0.18 -7.98
H5'' LCG A 3 -9.27 -1.71 -7.35
H3' LCG A 3 -7.43 0.01 -6.18
H6'1 LCG A 3 -11.34 0.41 -4.75
H6'2 LCG A 3 -10.96 1.47 -6.13
H8 LCG A 3 -6.62 -2.53 -4.49
H2' LCG A 3 -7.62 1.81 -4.26
H1' LCG A 3 -9.10 -0.10 -2.96
H1 LCG A 3 -4.32 0.79 0.52
H21 LCG A 3 -5.27 2.83 0.57
H22 LCG A 3 -6.60 3.23 -0.50
P LCG A 5 -5.65 8.44 -6.68
OP1 LCG A 5 -6.40 9.70 -6.89
O5' LCG A 5 -4.37 8.75 -5.75
C5' LCG A 5 -4.37 9.76 -4.75
C3' LCG A 5 -1.81 9.63 -4.74
C6' LCG A 5 -2.81 10.77 -2.91
N9 LCG A 5 -1.09 6.96 -3.04
C8 LCG A 5 -1.20 6.13 -4.14
C4 LCG A 5 -0.25 6.30 -2.18
N7 LCG A 5 -0.54 5.00 -4.02
C5 LCG A 5 0.07 5.10 -2.77
C6 LCG A 5 0.92 4.18 -2.08
C2' LCG A 5 -1.05 9.45 -3.44
O6 LCG A 5 1.30 3.08 -2.45
C4' LCG A 5 -3.10 9.64 -3.92
C1' LCG A 5 -1.71 8.26 -2.75
C2 LCG A 5 0.96 5.89 -0.32
N1 LCG A 5 1.35 4.67 -0.84
O4' LCG A 5 -3.05 8.40 -3.21
OP2 LCG A 5 -5.19 7.65 -7.84
N2 LCG A 5 1.45 6.22 0.87
N3 LCG A 5 0.17 6.75 -0.96
O2' LCG A 5 -1.42 10.59 -2.66
O3' LCG A 5 -1.42 10.84 -5.40
H5' LCG A 5 -5.25 9.65 -4.11
H5'' LCG A 5 -4.41 10.73 -5.25
H3' LCG A 5 -1.81 8.77 -5.42
H6'1 LCG A 5 -3.41 10.66 -2.00
H6'2 LCG A 5 -2.99 11.75 -3.37
H8 LCG A 5 -1.78 6.37 -5.02
H2' LCG A 5 0.03 9.31 -3.56
H1' LCG A 5 -1.65 8.44 -1.68
H1 LCG A 5 2.06 4.13 -0.35
H21 LCG A 5 2.07 5.60 1.37
H22 LCG A 5 1.19 7.11 1.27
P LCG B 3 -8.75 9.05 5.50
OP1 LCG B 3 -9.70 8.86 6.61
O5' LCG B 3 -7.28 9.28 6.12
C5' LCG B 3 -6.12 9.21 5.32
C3' LCG B 3 -3.85 8.05 5.09
C6' LCG B 3 -4.87 7.96 7.23
N9 LCG B 3 -4.28 4.98 4.28
C8 LCG B 3 -4.83 4.93 3.01
C4 LCG B 3 -3.43 3.91 4.33
N7 LCG B 3 -4.49 3.87 2.34
C5 LCG B 3 -3.60 3.20 3.17
C6 LCG B 3 -2.89 1.97 2.97
C2' LCG B 3 -3.48 6.80 5.87
O6 LCG B 3 -2.95 1.20 2.01
C4' LCG B 3 -5.22 8.03 5.73
C1' LCG B 3 -4.61 5.85 5.45
C2 LCG B 3 -1.90 2.46 5.16
N1 LCG B 3 -2.05 1.65 4.05
O4' LCG B 3 -5.69 6.75 5.28
OP2 LCG B 3 -8.99 10.07 4.46
N2 LCG B 3 -0.99 2.09 6.05
N3 LCG B 3 -2.60 3.58 5.37
O2' LCG B 3 -3.71 7.14 7.23
O3' LCG B 3 -3.09 9.21 5.38
H5' LCG B 3 -5.56 10.14 5.43
H5'' LCG B 3 -6.39 9.09 4.26
H3' LCG B 3 -3.94 7.87 4.02
H6'1 LCG B 3 -5.68 7.51 7.81
H6'2 LCG B 3 -4.63 8.95 7.63
H8 LCG B 3 -5.51 5.65 2.58
H2' LCG B 3 -2.47 6.43 5.68
H1' LCG B 3 -4.82 5.19 6.29
H1 LCG B 3 -1.59 0.76 4.03
H21 LCG B 3 -0.46 1.23 5.92
H22 LCG B 3 -0.84 2.65 6.86
P LCG B 5 4.15 9.33 6.75
OP1 LCG B 5 4.82 9.98 7.90
O5' LCG B 5 5.09 8.14 6.22
C5' LCG B 5 5.92 7.38 7.08
C3' LCG B 5 7.22 6.58 5.00
C6' LCG B 5 7.55 5.32 7.01
N9 LCG B 5 5.33 4.37 3.57
C8 LCG B 5 4.60 5.31 2.88
C4 LCG B 5 5.25 3.22 2.83
N7 LCG B 5 4.03 4.85 1.80
C5 LCG B 5 4.42 3.51 1.76
C6 LCG B 5 4.11 2.48 0.81
C2' LCG B 5 7.44 5.10 4.74
O6 LCG B 5 3.40 2.56 -0.17
C4' LCG B 5 6.49 6.19 6.29
C1' LCG B 5 6.06 4.47 4.86
C2 LCG B 5 5.53 1.06 2.22
N1 LCG B 5 4.73 1.27 1.12
O4' LCG B 5 5.46 5.31 5.83
OP2 LCG B 5 3.76 10.15 5.58
N2 LCG B 5 6.07 -0.14 2.38
N3 LCG B 5 5.83 2.02 3.12
O2' LCG B 5 8.16 4.65 5.89
O3' LCG B 5 8.45 7.28 5.13
H5' LCG B 5 5.36 7.01 7.94
H5'' LCG B 5 6.73 8.02 7.42
H3' LCG B 5 6.51 7.08 4.32
H6'1 LCG B 5 7.10 4.60 7.70
H6'2 LCG B 5 8.29 5.95 7.51
H8 LCG B 5 4.49 6.34 3.20
H2' LCG B 5 7.92 4.88 3.79
H1' LCG B 5 6.21 3.47 5.25
H1 LCG B 5 4.63 0.52 0.43
H21 LCG B 5 5.86 -0.88 1.71
H22 LCG B 5 6.67 -0.32 3.17
P LCG C 3 2.75 -1.59 13.35
OP1 LCG C 3 2.09 -2.47 14.34
O5' LCG C 3 3.82 -2.47 12.53
C5' LCG C 3 4.40 -1.98 11.33
C3' LCG C 3 4.70 -2.52 8.84
C6' LCG C 3 4.07 -4.33 10.24
N9 LCG C 3 1.90 -2.16 7.34
C8 LCG C 3 1.55 -0.82 7.36
C4 LCG C 3 1.44 -2.61 6.12
N7 LCG C 3 0.84 -0.43 6.33
C5 LCG C 3 0.76 -1.57 5.53
C6 LCG C 3 0.11 -1.77 4.27
C2' LCG C 3 3.86 -3.56 8.12
O6 LCG C 3 -0.56 -0.96 3.63
C4' LCG C 3 3.92 -2.79 10.11
C1' LCG C 3 2.44 -3.05 8.40
C2 LCG C 3 1.03 -4.03 4.40
N1 LCG C 3 0.28 -3.06 3.78
O4' LCG C 3 2.60 -2.46 9.68
OP2 LCG C 3 3.39 -0.33 13.80
N2 LCG C 3 1.19 -5.19 3.76
N3 LCG C 3 1.62 -3.86 5.60
O2' LCG C 3 4.03 -4.75 8.88
O3' LCG C 3 6.09 -2.80 8.94
H5' LCG C 3 5.48 -2.06 11.41
H5'' LCG C 3 4.13 -0.93 11.18
H3' LCG C 3 4.50 -1.51 8.49
H6'1 LCG C 3 3.25 -4.75 10.82
H6'2 LCG C 3 5.03 -4.60 10.70
H8 LCG C 3 1.78 -0.11 8.15
H2' LCG C 3 4.10 -3.69 7.07
H1' LCG C 3 1.77 -3.91 8.48
H1 LCG C 3 -0.22 -3.31 2.93
H21 LCG C 3 0.75 -5.34 2.86
H22 LCG C 3 1.74 -5.91 4.19
P LCG C 5 10.08 -5.89 3.55
OP1 LCG C 5 11.00 -7.04 3.70
O5' LCG C 5 9.57 -5.84 2.02
C5' LCG C 5 9.38 -7.01 1.24
C3' LCG C 5 9.39 -5.52 -0.85
C6' LCG C 5 8.52 -7.72 -1.14
N9 LCG C 5 6.52 -4.05 -0.89
C8 LCG C 5 6.94 -3.04 -0.04
C4 LCG C 5 5.50 -3.50 -1.62
N7 LCG C 5 6.24 -1.94 -0.15
C5 LCG C 5 5.31 -2.23 -1.14
C6 LCG C 5 4.28 -1.41 -1.70
C2' LCG C 5 8.26 -5.58 -1.87
O6 LCG C 5 3.97 -0.27 -1.39
C4' LCG C 5 8.69 -6.62 -0.07
C1' LCG C 5 6.99 -5.44 -1.03
C2 LCG C 5 3.82 -3.35 -3.12
N1 LCG C 5 3.57 -2.05 -2.72
O4' LCG C 5 7.39 -6.07 0.18
OP2 LCG C 5 10.55 -4.54 3.91
N2 LCG C 5 3.07 -3.84 -4.10
N3 LCG C 5 4.79 -4.12 -2.60
O2' LCG C 5 8.27 -6.94 -2.30
O3' LCG C 5 10.65 -5.83 -1.46
H5' LCG C 5 8.77 -7.74 1.78
H5'' LCG C 5 10.36 -7.45 1.03
H3' LCG C 5 9.44 -4.61 -0.25
H6'1 LCG C 5 7.68 -8.39 -0.92
H6'2 LCG C 5 9.45 -8.28 -1.26
H8 LCG C 5 7.76 -3.14 0.65
H2' LCG C 5 8.32 -4.84 -2.67
H1' LCG C 5 6.22 -6.01 -1.54
H1 LCG C 5 2.89 -1.51 -3.23
H21 LCG C 5 2.35 -3.27 -4.52
H22 LCG C 5 3.24 -4.78 -4.43
P LCG D 3 0.09 -13.75 1.12
OP1 LCG D 3 -1.04 -14.64 1.51
O5' LCG D 3 -0.11 -13.34 -0.43
C5' LCG D 3 0.65 -12.28 -1.00
C3' LCG D 3 0.42 -10.07 -2.30
C6' LCG D 3 -1.45 -11.54 -2.35
N9 LCG D 3 -0.83 -7.85 -0.36
C8 LCG D 3 0.12 -7.56 0.60
C4 LCG D 3 -1.46 -6.65 -0.61
N7 LCG D 3 0.07 -6.33 1.03
C5 LCG D 3 -0.94 -5.73 0.28
C6 LCG D 3 -1.46 -4.40 0.32
C2' LCG D 3 -0.91 -9.34 -2.43
O6 LCG D 3 -1.13 -3.48 1.06
C4' LCG D 3 -0.26 -11.13 -1.46
C1' LCG D 3 -1.27 -9.15 -0.96
C2 LCG D 3 -2.93 -5.16 -1.49
N1 LCG D 3 -2.50 -4.20 -0.60
O4' LCG D 3 -0.71 -10.32 -0.37
OP2 LCG D 3 1.48 -14.19 1.33
N2 LCG D 3 -3.86 -4.80 -2.37
N3 LCG D 3 -2.46 -6.43 -1.51
O2' LCG D 3 -1.81 -10.30 -2.96
O3' LCG D 3 0.96 -10.55 -3.53
H5' LCG D 3 1.19 -12.67 -1.86
H5'' LCG D 3 1.36 -11.89 -0.27
H3' LCG D 3 1.15 -9.54 -1.70
H6'1 LCG D 3 -2.28 -11.93 -1.75
H6'2 LCG D 3 -1.17 -12.26 -3.12
H8 LCG D 3 0.84 -8.24 1.02
H2' LCG D 3 -0.86 -8.41 -3.00
H1' LCG D 3 -2.36 -9.20 -0.86
H1 LCG D 3 -2.97 -3.31 -0.60
H21 LCG D 3 -4.24 -3.86 -2.36
H22 LCG D 3 -4.20 -5.48 -3.03
P LCG D 5 0.34 -6.96 -9.99
OP1 LCG D 5 -0.17 -7.51 -11.25
O5' LCG D 5 0.11 -5.36 -10.00
C5' LCG D 5 -0.98 -4.75 -10.66
C3' LCG D 5 0.30 -2.53 -10.54
C6' LCG D 5 -2.02 -2.37 -11.04
N9 LCG D 5 0.02 -1.51 -7.48
C8 LCG D 5 1.08 -2.27 -7.04
C4 LCG D 5 -0.05 -0.45 -6.61
N7 LCG D 5 1.65 -1.81 -5.95
C5 LCG D 5 0.92 -0.66 -5.66
C6 LCG D 5 1.07 0.29 -4.59
C2' LCG D 5 -0.34 -1.27 -9.96
O6 LCG D 5 1.88 0.25 -3.67
C4' LCG D 5 -1.01 -3.26 -10.29
C1' LCG D 5 -0.90 -1.71 -8.62
C2 LCG D 5 -0.79 1.46 -5.67
N1 LCG D 5 0.17 1.35 -4.67
O4' LCG D 5 -1.23 -3.07 -8.88
OP2 LCG D 5 1.75 -7.21 -9.59
N2 LCG D 5 -1.59 2.52 -5.61
N3 LCG D 5 -0.94 0.58 -6.66
O2' LCG D 5 -1.49 -1.08 -10.79
O3' LCG D 5 0.71 -2.34 -11.90
H5' LCG D 5 -1.92 -5.23 -10.37
H5'' LCG D 5 -0.84 -4.86 -11.73
H3' LCG D 5 1.09 -2.98 -9.93
H6'1 LCG D 5 -3.04 -2.47 -10.64
H6'2 LCG D 5 -2.00 -2.59 -12.11
H8 LCG D 5 1.43 -3.18 -7.53
H2' LCG D 5 0.32 -0.42 -9.89
H1' LCG D 5 -1.80 -1.13 -8.45
H1 LCG D 5 0.29 2.12 -4.02
H21 LCG D 5 -1.49 3.21 -4.88
H22 LCG D 5 -2.29 2.64 -6.33
P LCG A 3 -11.45 -3.08 -6.99
OP1 LCG A 3 -12.81 -3.37 -6.49
O5' LCG A 3 -11.24 -1.48 -7.02
C5' LCG A 3 -9.95 -0.92 -7.18
C3' LCG A 3 -8.27 0.70 -6.12
C6' LCG A 3 -10.52 0.88 -5.39
N9 LCG A 3 -7.05 -0.60 -3.46
C8 LCG A 3 -6.32 -1.73 -3.79
C4 LCG A 3 -6.36 -0.02 -2.43
N7 LCG A 3 -5.31 -1.95 -2.98
C5 LCG A 3 -5.33 -0.87 -2.11
C6 LCG A 3 -4.47 -0.57 -1.00
C2' LCG A 3 -8.39 1.19 -4.69
O6 LCG A 3 -3.53 -1.22 -0.57
C4' LCG A 3 -9.51 -0.16 -5.91
C1' LCG A 3 -8.40 -0.13 -3.92
C2 LCG A 3 -5.82 1.46 -0.81
N1 LCG A 3 -4.80 0.64 -0.38
O4' LCG A 3 -9.06 -1.00 -4.85
OP2 LCG A 3 -10.98 -3.65 -8.27
N2 LCG A 3 -5.94 2.64 -0.20
N3 LCG A 3 -6.65 1.17 -1.82
O2' LCG A 3 -9.70 1.74 -4.60
O3' LCG A 3 -8.41 1.68 -7.13
H5' LCG A 3 -9.97 -0.24 -8.02
H5'' LCG A 3 -9.21 -1.71 -7.38
H3' LCG A 3 -7.40 0.06 -6.28
H6'1 LCG A 3 -11.30 0.41 -4.79
H6'2 LCG A 3 -10.96 1.46 -6.21
H8 LCG A 3 -6.52 -2.41 -4.59
H2' LCG A 3 -7.60 1.89 -4.38
H1' LCG A 3 -9.02 -0.02 -3.04
H1 LCG A 3 -4.30 0.88 0.46
H21 LCG A 3 -5.33 2.89 0.57
H22 LCG A 3 -6.66 3.27 -0.50
P LCG A 5 -5.57 8.45 -6.85
OP1 LCG A 5 -6.29 9.72 -7.12
O5' LCG A 5 -4.31 8.77 -5.90
C5' LCG A 5 -4.34 9.80 -4.91
C3' LCG A 5 -1.77 9.66 -4.80
C6' LCG A 5 -2.86 10.79 -3.00
N9 LCG A 5 -1.10 6.99 -3.11
C8 LCG A 5 -1.19 6.17 -4.21
C4 LCG A 5 -0.26 6.33 -2.24
N7 LCG A 5 -0.52 5.06 -4.09
C5 LCG A 5 0.07 5.14 -2.82
C6 LCG A 5 0.91 4.23 -2.13
C2' LCG A 5 -1.06 9.48 -3.47
O6 LCG A 5 1.31 3.12 -2.50
C4' LCG A 5 -3.10 9.67 -4.03
C1' LCG A 5 -1.75 8.29 -2.82
C2 LCG A 5 0.92 5.92 -0.36
N1 LCG A 5 1.32 4.70 -0.88
O4' LCG A 5 -3.07 8.43 -3.32
OP2 LCG A 5 -5.07 7.64 -7.99
N2 LCG A 5 1.39 6.24 0.84
N3 LCG A 5 0.13 6.78 -1.01
O2' LCG A 5 -1.47 10.61 -2.70
O3' LCG A 5 -1.37 10.87 -5.44
H5' LCG A 5 -5.24 9.71 -4.30
H5'' LCG A 5 -4.35 10.75 -5.42
H3' LCG A 5 -1.75 8.81 -5.47
H6'1 LCG A 5 -3.48 10.67 -2.10
H6'2 LCG A 5 -3.01 11.77 -3.46
H8 LCG A 5 -1.75 6.41 -5.11
H2' LCG A 5 0.01 9.34 -3.55
H1' LCG A 5 -1.72 8.45 -1.75
H1 LCG A 5 2.01 4.16 -0.38
H21 LCG A 5 2.00 5.62 1.35
H22 LCG A 5 1.13 7.14 1.24
P LCG B 3 -8.76 9.07 5.52
OP1 LCG B 3 -9.69 8.90 6.66
O5' LCG B 3 -7.28 9.35 6.11
C5' LCG B 3 -6.14 9.27 5.28
C3' LCG B 3 -3.87 8.10 5.06
C6' LCG B 3 -4.88 8.02 7.21
N9 LCG B 3 -4.31 5.04 4.25
C8 LCG B 3 -4.86 4.98 2.99
C4 LCG B 3 -3.46 3.96 4.31
N7 LCG B 3 -4.52 3.92 2.31
C5 LCG B 3 -3.64 3.25 3.15
C6 LCG B 3 -2.92 2.03 2.95
C2' LCG B 3 -3.50 6.85 5.84
O6 LCG B 3 -2.97 1.26 1.99
C4' LCG B 3 -5.25 8.09 5.70
C1' LCG B 3 -4.64 5.90 5.43
C2 LCG B 3 -1.95 2.50 5.15
N1 LCG B 3 -2.09 1.70 4.03
O4' LCG B 3 -5.72 6.81 5.25
OP2 LCG B 3 -9.05 10.06 4.46
N2 LCG B 3 -1.04 2.13 6.05
N3 LCG B 3 -2.64 3.63 5.35
O2' LCG B 3 -3.73 7.20 7.20
O3' LCG B 3 -3.11 9.26 5.35
H5' LCG B 3 -5.57 10.19 5.39
H5'' LCG B 3 -6.42 9.14 4.24
H3' LCG B 3 -3.96 7.92 3.99
H6'1 LCG B 3 -5.69 7.57 7.79
H6'2 LCG B 3 -4.64 9.02 7.59
H8 LCG B 3 -5.54 5.70 2.55
H2' LCG B 3 -2.50 6.47 5.65
H1' LCG B 3 -4.86 5.25 6.27
H1 LCG B 3 -1.63 0.80 4.02
H21 LCG B 3 -0.51 1.27 5.91
H22 LCG B 3 -0.89 2.70 6.86
P LCG B 5 4.14 9.28 6.77
OP1 LCG B 5 4.81 9.89 7.94
O5' LCG B 5 5.07 8.07 6.23
C5' LCG B 5 5.89 7.30 7.08
C3' LCG B 5 7.18 6.51 5.00
C6' LCG B 5 7.52 5.25 6.99
N9 LCG B 5 5.26 4.33 3.57
C8 LCG B 5 4.55 5.27 2.88
C4 LCG B 5 5.16 3.18 2.83
N7 LCG B 5 3.97 4.82 1.81
C5 LCG B 5 4.35 3.48 1.76
C6 LCG B 5 4.03 2.45 0.81
C2' LCG B 5 7.39 5.02 4.72
O6 LCG B 5 3.32 2.55 -0.18
C4' LCG B 5 6.46 6.12 6.29
C1' LCG B 5 6.01 4.41 4.85
C2 LCG B 5 5.43 1.02 2.21
N1 LCG B 5 4.62 1.23 1.11
O4' LCG B 5 5.42 5.25 5.84
OP2 LCG B 5 3.76 10.12 5.61
N2 LCG B 5 5.94 -0.20 2.38
N3 LCG B 5 5.74 1.97 3.11
O2' LCG B 5 8.12 4.58 5.87
O3' LCG B 5 8.42 7.20 5.12
H5' LCG B 5 5.32 6.92 7.94
H5'' LCG B 5 6.70 7.92 7.45
H3' LCG B 5 6.47 7.02 4.34
H6'1 LCG B 5 7.07 4.53 7.69
H6'2 LCG B 5 8.26 5.88 7.49
H8 LCG B 5 4.45 6.30 3.20
H2' LCG B 5 7.87 4.82 3.78
H1' LCG B 5 6.15 3.40 5.24
H1 LCG B 5 4.53 0.48 0.42
H21 LCG B 5 5.74 -0.93 1.71
H22 LCG B 5 6.53 -0.38 3.17
P LCG C 3 2.77 -1.56 13.42
OP1 LCG C 3 2.10 -2.42 14.42
O5' LCG C 3 3.79 -2.47 12.56
C5' LCG C 3 4.35 -2.00 11.34
C3' LCG C 3 4.60 -2.55 8.86
C6' LCG C 3 3.97 -4.34 10.28
N9 LCG C 3 1.81 -2.15 7.37
C8 LCG C 3 1.48 -0.81 7.39
C4 LCG C 3 1.36 -2.60 6.14
N7 LCG C 3 0.79 -0.41 6.35
C5 LCG C 3 0.71 -1.55 5.54
C6 LCG C 3 0.06 -1.74 4.28
C2' LCG C 3 3.75 -3.58 8.15
O6 LCG C 3 -0.57 -0.92 3.62
C4' LCG C 3 3.84 -2.81 10.14
C1' LCG C 3 2.34 -3.05 8.43
C2 LCG C 3 0.93 -4.02 4.44
N1 LCG C 3 0.21 -3.04 3.79
O4' LCG C 3 2.52 -2.46 9.72
OP2 LCG C 3 3.48 -0.33 13.85
N2 LCG C 3 1.05 -5.19 3.81
N3 LCG C 3 1.51 -3.86 5.64
O2' LCG C 3 3.91 -4.77 8.93
O3' LCG C 3 5.99 -2.82 8.95
H5' LCG C 3 5.43 -2.08 11.41
H5'' LCG C 3 4.09 -0.94 11.19
H3' LCG C 3 4.40 -1.54 8.51
H6'1 LCG C 3 3.14 -4.75 10.86
H6'2 LCG C 3 4.93 -4.63 10.72
H8 LCG C 3 1.70 -0.10 8.18
H2' LCG C 3 3.98 -3.72 7.09
H1' LCG C 3 1.66 -3.89 8.53
H1 LCG C 3 -0.29 -3.29 2.94
H21 LCG C 3 0.62 -5.34 2.91
H22 LCG C 3 1.57 -5.93 4.26
P LCG C 5 9.92 -6.05 3.59
OP1 LCG C 5 10.81 -7.22 3.74
O5' LCG C 5 9.41 -5.98 2.06
C5' LCG C 5 9.20 -7.13 1.28
C3' LCG C 5 9.24 -5.63 -0.80
C6' LCG C 5 8.35 -7.81 -1.11
N9 LCG C 5 6.39 -4.11 -0.86
C8 LCG C 5 6.80 -3.11 0.00
C4 LCG C 5 5.38 -3.55 -1.60
N7 LCG C 5 6.12 -2.00 -0.11
C5 LCG C 5 5.20 -2.27 -1.13
C6 LCG C 5 4.19 -1.44 -1.71
C2' LCG C 5 8.12 -5.66 -1.83
O6 LCG C 5 3.90 -0.29 -1.40
C4' LCG C 5 8.51 -6.72 -0.04
C1' LCG C 5 6.85 -5.51 -1.01
C2 LCG C 5 3.74 -3.37 -3.14
N1 LCG C 5 3.50 -2.07 -2.74
O4' LCG C 5 7.23 -6.15 0.21
OP2 LCG C 5 10.43 -4.70 3.96
N2 LCG C 5 3.00 -3.85 -4.14
N3 LCG C 5 4.69 -4.15 -2.60
O2' LCG C 5 8.12 -7.02 -2.28
O3' LCG C 5 10.50 -5.96 -1.39
H5' LCG C 5 8.57 -7.86 1.81
H5'' LCG C 5 10.16 -7.59 1.06
H3' LCG C 5 9.29 -4.72 -0.19
H6'1 LCG C 5 7.48 -8.47 -0.90
H6'2 LCG C 5 9.27 -8.38 -1.22
H8 LCG C 5 7.61 -3.23 0.71
H2' LCG C 5 8.21 -4.92 -2.62
H1' LCG C 5 6.07 -6.07 -1.53
H1 LCG C 5 2.84 -1.50 -3.26
H21 LCG C 5 2.29 -3.26 -4.57
H22 LCG C 5 3.16 -4.79 -4.46
P LCG D 3 -0.03 -13.79 0.96
OP1 LCG D 3 -1.12 -14.72 1.33
O5' LCG D 3 -0.24 -13.33 -0.58
C5' LCG D 3 0.48 -12.23 -1.11
C3' LCG D 3 0.18 -10.01 -2.32
C6' LCG D 3 -1.68 -11.47 -2.34
N9 LCG D 3 -0.99 -7.82 -0.32
C8 LCG D 3 -0.05 -7.56 0.66
C4 LCG D 3 -1.57 -6.59 -0.57
N7 LCG D 3 -0.08 -6.33 1.11
C5 LCG D 3 -1.05 -5.70 0.34
C6 LCG D 3 -1.53 -4.35 0.36
C2' LCG D 3 -1.15 -9.27 -2.39
O6 LCG D 3 -1.20 -3.45 1.11
C4' LCG D 3 -0.47 -11.08 -1.47
C1' LCG D 3 -1.46 -9.11 -0.91
C2 LCG D 3 -2.91 -5.06 -1.53
N1 LCG D 3 -2.50 -4.11 -0.61
O4' LCG D 3 -0.89 -10.29 -0.35
OP2 LCG D 3 1.38 -14.15 1.17
N2 LCG D 3 -3.74 -4.64 -2.49
N3 LCG D 3 -2.51 -6.34 -1.53
O2' LCG D 3 -2.07 -10.22 -2.91
O3' LCG D 3 0.69 -10.47 -3.55
H5' LCG D 3 1.00 -12.57 -2.01
H5'' LCG D 3 1.23 -11.86 -0.40
H3' LCG D 3 0.92 -9.47 -1.74
H6'1 LCG D 3 -2.49 -11.89 -1.73
H6'2 LCG D 3 -1.41 -12.18 -3.13
H8 LCG D 3 0.66 -8.26 1.08
H2' LCG D 3 -1.12 -8.34 -2.96
H1' LCG D 3 -2.55 -9.14 -0.78
H1 LCG D 3 -2.97 -3.22 -0.61
H21 LCG D 3 -4.07 -3.69 -2.51
H22 LCG D 3 -4.06 -5.30 -3.18
P LCG D 5 0.27 -6.90 -9.99
OP1 LCG D 5 -0.23 -7.46 -11.26
O5' LCG D 5 0.08 -5.30 -10.02
C5' LCG D 5 -0.99 -4.67 -10.70
C3' LCG D 5 0.35 -2.48 -10.59
C6' LCG D 5 -1.96 -2.27 -11.14
N9 LCG D 5 0.04 -1.43 -7.55
C8 LCG D 5 1.08 -2.22 -7.10
C4 LCG D 5 -0.03 -0.38 -6.67
N7 LCG D 5 1.64 -1.77 -6.00
C5 LCG D 5 0.94 -0.60 -5.71
C6 LCG D 5 1.08 0.34 -4.64
C2' LCG D 5 -0.29 -1.20 -10.04
O6 LCG D 5 1.87 0.29 -3.71
C4' LCG D 5 -0.99 -3.18 -10.35
C1' LCG D 5 -0.87 -1.62 -8.70
C2 LCG D 5 -0.76 1.54 -5.74
N1 LCG D 5 0.19 1.41 -4.73
O4' LCG D 5 -1.23 -2.98 -8.96
OP2 LCG D 5 1.65 -7.19 -9.55
N2 LCG D 5 -1.54 2.61 -5.69
N3 LCG D 5 -0.90 0.67 -6.74
O2' LCG D 5 -1.41 -0.98 -10.89
O3' LCG D 5 0.78 -2.30 -11.93
H5' LCG D 5 -1.95 -5.12 -10.42
H5'' LCG D 5 -0.84 -4.81 -11.78
H3' LCG D 5 1.11 -2.95 -9.96
H6'1 LCG D 5 -2.99 -2.35 -10.77
H6'2 LCG D 5 -1.91 -2.50 -12.21
H8 LCG D 5 1.41 -3.12 -7.58
H2' LCG D 5 0.40 -0.38 -9.94
H1' LCG D 5 -1.76 -1.01 -8.54
H1 LCG D 5 0.31 2.17 -4.06
H21 LCG D 5 -1.44 3.29 -4.95
H22 LCG D 5 -2.23 2.74 -6.41
#